data_6LLF
#
_entry.id   6LLF
#
_cell.length_a   98.294
_cell.length_b   89.684
_cell.length_c   105.021
_cell.angle_alpha   90.000
_cell.angle_beta   104.080
_cell.angle_gamma   90.000
#
_symmetry.space_group_name_H-M   'P 1 21 1'
#
loop_
_entity.id
_entity.type
_entity.pdbx_description
1 polymer 'Terminal oxygenase component of carbazole'
2 polymer 'Ferredoxin CarAc'
3 non-polymer 'FE2/S2 (INORGANIC) CLUSTER'
4 non-polymer 'FE (II) ION'
5 non-polymer 3-(2-hydroxyphenyl)benzene-1,2-diol
6 non-polymer 1,2-ETHANEDIOL
7 non-polymer GLYCEROL
8 non-polymer 'TRIETHYLENE GLYCOL'
9 non-polymer DI(HYDROXYETHYL)ETHER
10 water water
#
loop_
_entity_poly.entity_id
_entity_poly.type
_entity_poly.pdbx_seq_one_letter_code
_entity_poly.pdbx_strand_id
1 'polypeptide(L)'
;MANVDEAILKRVKGWAPYVDAKLGFRNHWYPVMFSKEINEGEPKTLKLLGENLLVNRIDGKLYCLKDRCLHRGVQLSVKV
ECKTKSTITCWYHAWTYRWEDGVLCDILTNPTSAQIGRQKLKTYPVQEAKGCVFIYLGDGDPPPLARDTPPNFLDDDMEI
LGKNQIIKSNWRLAVENGFDPSHIYIHKDSILVKDNDLALPLGFAPGGDRKQQTRVVDDDVVGRKGVYDLIGEHGVPVFE
GTIGGEVVREGAYGEKIVANDISIWLPGVLKVNPFPNPDMMQFEWYVPIDENTHYYFQTLGKPCANDEERKKYEQEFESK
WKPMALEGFNNDDIWAREAMVDFYADDKGWVNEILFESDEAIVAWRKLASEHNQGIQTQAHVSGLEHHHHHH
;
A,B,C
2 'polypeptide(L)'
;MNQIWLKVCAASDMQPGTIRRVNRVGAAPLAVYRVGDQFYATEDTCTHGIASLSEGTLDGDVIECPFHGGAFNVCTGMPA
SSPCTVPLGVFEVEVKEGEVYVAGEKKLEHHHHHH
;
D,E,F
#
loop_
_chem_comp.id
_chem_comp.type
_chem_comp.name
_chem_comp.formula
EDO non-polymer 1,2-ETHANEDIOL 'C2 H6 O2'
FE2 non-polymer 'FE (II) ION' 'Fe 2'
FES non-polymer 'FE2/S2 (INORGANIC) CLUSTER' 'Fe2 S2'
GOL non-polymer GLYCEROL 'C3 H8 O3'
PEG non-polymer DI(HYDROXYETHYL)ETHER 'C4 H10 O3'
PGE non-polymer 'TRIETHYLENE GLYCOL' 'C6 H14 O4'
WBP non-polymer 3-(2-hydroxyphenyl)benzene-1,2-diol 'C12 H10 O3'
#
# COMPACT_ATOMS: atom_id res chain seq x y z
N ALA A 2 0.73 19.19 -2.30
CA ALA A 2 -0.33 18.29 -2.88
C ALA A 2 0.13 16.83 -2.79
N ASN A 3 1.39 16.55 -3.13
CA ASN A 3 1.89 15.19 -3.44
C ASN A 3 2.72 14.62 -2.28
N VAL A 4 3.18 15.46 -1.38
CA VAL A 4 4.17 15.05 -0.36
C VAL A 4 3.57 15.45 0.98
N ASP A 5 3.90 14.71 2.04
CA ASP A 5 3.63 15.09 3.46
C ASP A 5 3.94 16.56 3.66
N GLU A 6 2.96 17.36 4.11
CA GLU A 6 3.14 18.81 4.40
C GLU A 6 4.30 19.01 5.40
N ALA A 7 4.52 18.10 6.35
CA ALA A 7 5.64 18.24 7.34
C ALA A 7 6.99 18.27 6.60
N ILE A 8 7.11 17.53 5.49
CA ILE A 8 8.37 17.53 4.69
C ILE A 8 8.44 18.80 3.87
N LEU A 9 7.34 19.18 3.21
CA LEU A 9 7.36 20.40 2.35
C LEU A 9 7.66 21.62 3.23
N LYS A 10 7.17 21.66 4.47
CA LYS A 10 7.49 22.81 5.37
C LYS A 10 9.00 22.88 5.61
N ARG A 11 9.68 21.75 5.71
CA ARG A 11 11.15 21.74 6.00
C ARG A 11 11.98 22.23 4.82
N VAL A 12 11.56 22.00 3.57
CA VAL A 12 12.40 22.28 2.37
C VAL A 12 11.99 23.62 1.77
N LYS A 13 12.22 24.69 2.50
CA LYS A 13 11.75 26.07 2.17
C LYS A 13 12.48 26.57 0.91
N GLY A 14 13.67 26.04 0.63
CA GLY A 14 14.45 26.43 -0.57
C GLY A 14 13.76 25.99 -1.87
N TRP A 15 12.94 24.93 -1.83
CA TRP A 15 12.49 24.25 -3.07
C TRP A 15 11.31 23.33 -2.83
N ALA A 16 10.30 23.77 -2.09
CA ALA A 16 9.11 22.97 -1.77
C ALA A 16 8.35 22.54 -3.04
N PRO A 17 8.10 23.42 -4.02
CA PRO A 17 7.38 23.02 -5.23
C PRO A 17 8.09 21.92 -6.02
N TYR A 18 9.43 21.94 -6.07
CA TYR A 18 10.21 20.91 -6.75
C TYR A 18 10.06 19.56 -6.02
N VAL A 19 10.15 19.59 -4.69
CA VAL A 19 10.02 18.35 -3.89
C VAL A 19 8.55 17.87 -4.04
N ASP A 20 7.61 18.79 -4.21
CA ASP A 20 6.19 18.39 -4.37
C ASP A 20 5.99 17.74 -5.75
N ALA A 21 6.85 18.09 -6.72
CA ALA A 21 6.67 17.77 -8.17
C ALA A 21 7.12 16.34 -8.51
N LYS A 22 6.63 15.37 -7.74
CA LYS A 22 6.90 13.93 -7.89
C LYS A 22 6.42 13.44 -9.27
N LEU A 23 5.29 13.95 -9.77
CA LEU A 23 4.73 13.52 -11.07
C LEU A 23 5.22 14.44 -12.20
N GLY A 24 6.08 15.41 -11.93
CA GLY A 24 6.55 16.34 -12.97
C GLY A 24 5.78 17.67 -13.02
N PHE A 25 6.21 18.51 -13.95
CA PHE A 25 5.68 19.88 -14.13
C PHE A 25 4.69 19.88 -15.30
N ARG A 26 3.47 20.25 -15.00
CA ARG A 26 2.42 20.47 -16.05
C ARG A 26 2.75 21.76 -16.81
N ASN A 27 2.23 21.88 -18.04
CA ASN A 27 2.25 23.09 -18.90
C ASN A 27 3.66 23.28 -19.46
N HIS A 28 4.30 22.16 -19.82
CA HIS A 28 5.57 22.10 -20.58
C HIS A 28 5.43 21.08 -21.71
N TRP A 29 6.28 21.24 -22.71
CA TRP A 29 6.51 20.28 -23.81
C TRP A 29 7.45 19.18 -23.34
N TYR A 30 7.16 17.96 -23.75
CA TYR A 30 8.00 16.76 -23.48
C TYR A 30 8.13 15.91 -24.72
N PRO A 31 9.36 15.47 -25.06
CA PRO A 31 9.54 14.49 -26.11
C PRO A 31 9.14 13.11 -25.59
N VAL A 32 8.47 12.30 -26.41
CA VAL A 32 8.03 10.96 -25.95
C VAL A 32 8.41 9.85 -26.90
N MET A 33 8.62 10.13 -28.16
CA MET A 33 9.04 9.11 -29.14
C MET A 33 9.67 9.83 -30.33
N PHE A 34 10.20 9.08 -31.28
CA PHE A 34 10.70 9.57 -32.59
C PHE A 34 9.56 9.50 -33.61
N SER A 35 9.56 10.46 -34.54
CA SER A 35 8.61 10.60 -35.66
C SER A 35 8.46 9.25 -36.38
N LYS A 36 9.60 8.59 -36.62
CA LYS A 36 9.64 7.30 -37.35
C LYS A 36 8.85 6.21 -36.60
N GLU A 37 8.55 6.36 -35.30
CA GLU A 37 7.88 5.31 -34.49
C GLU A 37 6.33 5.35 -34.65
N ILE A 38 5.78 6.38 -35.27
CA ILE A 38 4.31 6.49 -35.44
C ILE A 38 4.00 6.70 -36.93
N ASN A 39 3.23 5.78 -37.51
CA ASN A 39 2.89 5.79 -38.95
C ASN A 39 1.44 6.17 -39.12
N GLU A 40 1.12 6.60 -40.32
CA GLU A 40 -0.24 7.01 -40.74
C GLU A 40 -1.25 5.96 -40.27
N GLY A 41 -2.26 6.42 -39.53
CA GLY A 41 -3.40 5.62 -39.10
C GLY A 41 -3.02 4.45 -38.22
N GLU A 42 -1.90 4.50 -37.50
CA GLU A 42 -1.53 3.45 -36.51
C GLU A 42 -1.41 4.09 -35.12
N PRO A 43 -2.52 4.30 -34.37
CA PRO A 43 -2.46 4.91 -33.04
C PRO A 43 -1.47 4.22 -32.09
N LYS A 44 -0.82 5.01 -31.25
CA LYS A 44 0.25 4.54 -30.33
C LYS A 44 -0.11 4.99 -28.90
N THR A 45 0.06 4.11 -27.92
CA THR A 45 -0.25 4.40 -26.50
C THR A 45 1.05 4.84 -25.78
N LEU A 46 0.92 5.71 -24.81
CA LEU A 46 2.03 6.02 -23.87
C LEU A 46 1.41 6.61 -22.61
N LYS A 47 2.20 6.67 -21.54
CA LYS A 47 1.84 7.36 -20.29
C LYS A 47 2.83 8.52 -20.09
N LEU A 48 2.30 9.73 -19.84
CA LEU A 48 3.07 10.97 -19.67
C LEU A 48 2.49 11.76 -18.48
N LEU A 49 3.32 12.06 -17.46
CA LEU A 49 2.92 12.74 -16.21
C LEU A 49 1.75 11.99 -15.53
N GLY A 50 1.75 10.66 -15.66
CA GLY A 50 0.80 9.69 -15.07
C GLY A 50 -0.49 9.55 -15.89
N GLU A 51 -0.61 10.21 -17.05
CA GLU A 51 -1.84 10.24 -17.88
C GLU A 51 -1.65 9.27 -19.06
N ASN A 52 -2.60 8.38 -19.29
CA ASN A 52 -2.59 7.49 -20.47
C ASN A 52 -3.00 8.32 -21.70
N LEU A 53 -2.17 8.29 -22.75
CA LEU A 53 -2.43 9.07 -23.99
C LEU A 53 -2.35 8.14 -25.20
N LEU A 54 -3.01 8.59 -26.26
CA LEU A 54 -3.05 7.99 -27.61
C LEU A 54 -2.57 9.03 -28.60
N VAL A 55 -1.69 8.66 -29.50
CA VAL A 55 -1.20 9.58 -30.55
C VAL A 55 -1.48 8.89 -31.87
N ASN A 56 -2.02 9.66 -32.83
CA ASN A 56 -2.31 9.12 -34.18
C ASN A 56 -1.70 10.11 -35.19
N ARG A 57 -1.42 9.59 -36.38
CA ARG A 57 -0.91 10.37 -37.54
C ARG A 57 -1.98 10.28 -38.62
N ILE A 58 -2.55 11.45 -38.97
CA ILE A 58 -3.66 11.56 -39.94
C ILE A 58 -3.28 12.62 -40.97
N ASP A 59 -3.24 12.22 -42.24
CA ASP A 59 -2.78 13.10 -43.35
C ASP A 59 -1.40 13.68 -42.99
N GLY A 60 -0.53 12.86 -42.40
CA GLY A 60 0.85 13.20 -41.99
C GLY A 60 0.96 13.92 -40.64
N LYS A 61 -0.14 14.42 -40.07
CA LYS A 61 -0.09 15.33 -38.88
C LYS A 61 -0.42 14.51 -37.60
N LEU A 62 0.27 14.82 -36.48
CA LEU A 62 0.08 14.11 -35.19
C LEU A 62 -1.06 14.74 -34.41
N TYR A 63 -1.86 13.88 -33.76
CA TYR A 63 -2.96 14.26 -32.86
C TYR A 63 -2.84 13.43 -31.57
N CYS A 64 -3.13 14.06 -30.45
CA CYS A 64 -3.03 13.41 -29.13
C CYS A 64 -4.37 13.53 -28.40
N LEU A 65 -4.93 12.40 -27.99
CA LEU A 65 -6.17 12.31 -27.18
C LEU A 65 -5.81 11.61 -25.87
N LYS A 66 -6.46 11.98 -24.81
CA LYS A 66 -6.37 11.18 -23.57
C LYS A 66 -6.95 9.79 -23.84
N ASP A 67 -6.22 8.74 -23.47
CA ASP A 67 -6.60 7.33 -23.59
C ASP A 67 -7.50 6.95 -22.40
N ARG A 68 -8.66 7.61 -22.27
CA ARG A 68 -9.67 7.34 -21.23
C ARG A 68 -11.02 7.82 -21.70
N CYS A 69 -11.90 6.88 -22.00
CA CYS A 69 -13.27 7.22 -22.43
C CYS A 69 -13.92 8.06 -21.33
N LEU A 70 -14.65 9.09 -21.74
CA LEU A 70 -15.43 9.96 -20.82
C LEU A 70 -16.49 9.17 -20.03
N HIS A 71 -16.98 8.10 -20.58
CA HIS A 71 -18.22 7.42 -20.10
C HIS A 71 -17.89 6.56 -18.86
N ARG A 72 -17.23 5.43 -19.01
CA ARG A 72 -16.93 4.53 -17.87
C ARG A 72 -15.41 4.49 -17.60
N GLY A 73 -14.59 5.37 -18.20
CA GLY A 73 -13.15 5.49 -17.84
C GLY A 73 -12.26 4.36 -18.34
N VAL A 74 -12.68 3.63 -19.37
CA VAL A 74 -11.85 2.55 -19.97
C VAL A 74 -10.81 3.20 -20.87
N GLN A 75 -9.72 2.51 -21.11
CA GLN A 75 -8.76 2.95 -22.13
C GLN A 75 -9.42 2.59 -23.47
N LEU A 76 -9.49 3.53 -24.40
CA LEU A 76 -9.96 3.25 -25.78
C LEU A 76 -9.06 2.17 -26.40
N SER A 77 -7.76 2.23 -26.05
CA SER A 77 -6.67 1.41 -26.65
C SER A 77 -6.82 -0.07 -26.31
N VAL A 78 -7.68 -0.48 -25.36
CA VAL A 78 -7.91 -1.91 -25.08
C VAL A 78 -8.34 -2.58 -26.39
N LYS A 79 -9.14 -1.90 -27.21
CA LYS A 79 -9.60 -2.41 -28.51
C LYS A 79 -9.86 -1.18 -29.40
N VAL A 80 -8.86 -0.80 -30.17
CA VAL A 80 -8.94 0.41 -31.01
C VAL A 80 -9.98 0.18 -32.11
N GLU A 81 -10.97 1.07 -32.23
CA GLU A 81 -11.90 1.10 -33.40
C GLU A 81 -11.84 2.49 -34.02
N CYS A 82 -10.95 2.68 -35.00
CA CYS A 82 -10.91 3.91 -35.83
C CYS A 82 -11.78 3.63 -37.07
N LYS A 83 -13.05 4.02 -37.04
CA LYS A 83 -14.03 3.61 -38.05
C LYS A 83 -14.11 4.64 -39.16
N THR A 84 -13.63 5.85 -38.92
CA THR A 84 -13.38 6.83 -39.99
C THR A 84 -12.04 7.48 -39.74
N LYS A 85 -11.51 8.08 -40.80
CA LYS A 85 -10.15 8.64 -40.81
C LYS A 85 -9.96 9.57 -39.62
N SER A 86 -10.97 10.39 -39.35
CA SER A 86 -10.93 11.56 -38.44
C SER A 86 -11.44 11.21 -37.02
N THR A 87 -11.85 9.97 -36.76
CA THR A 87 -12.49 9.63 -35.47
C THR A 87 -11.91 8.36 -34.86
N ILE A 88 -12.15 8.21 -33.56
CA ILE A 88 -11.97 6.93 -32.83
C ILE A 88 -13.27 6.66 -32.04
N THR A 89 -13.67 5.40 -32.05
CA THR A 89 -14.92 4.88 -31.44
C THR A 89 -14.52 4.00 -30.24
N CYS A 90 -15.01 4.34 -29.07
CA CYS A 90 -14.80 3.49 -27.88
C CYS A 90 -15.38 2.10 -28.19
N TRP A 91 -14.67 1.06 -27.79
CA TRP A 91 -15.05 -0.34 -28.02
C TRP A 91 -16.26 -0.73 -27.17
N TYR A 92 -16.57 0.02 -26.13
CA TYR A 92 -17.53 -0.42 -25.08
C TYR A 92 -18.94 -0.03 -25.49
N HIS A 93 -19.27 1.26 -25.57
CA HIS A 93 -20.63 1.75 -25.98
C HIS A 93 -20.51 2.69 -27.18
N ALA A 94 -19.38 2.65 -27.89
CA ALA A 94 -19.20 3.31 -29.20
C ALA A 94 -19.36 4.83 -29.10
N TRP A 95 -19.01 5.44 -27.97
CA TRP A 95 -18.82 6.91 -27.95
C TRP A 95 -17.69 7.28 -28.93
N THR A 96 -17.94 8.24 -29.82
CA THR A 96 -17.03 8.52 -30.94
C THR A 96 -16.51 9.94 -30.80
N TYR A 97 -15.19 10.08 -30.95
CA TYR A 97 -14.49 11.35 -30.70
C TYR A 97 -13.68 11.72 -31.93
N ARG A 98 -13.63 13.02 -32.24
CA ARG A 98 -12.74 13.56 -33.28
C ARG A 98 -11.32 13.69 -32.73
N TRP A 99 -10.36 13.15 -33.46
CA TRP A 99 -8.92 13.35 -33.15
C TRP A 99 -8.58 14.84 -33.05
N GLU A 100 -9.18 15.66 -33.92
CA GLU A 100 -8.77 17.06 -34.15
C GLU A 100 -9.10 17.90 -32.90
N ASP A 101 -10.25 17.68 -32.26
CA ASP A 101 -10.65 18.53 -31.11
C ASP A 101 -11.23 17.74 -29.92
N GLY A 102 -11.26 16.43 -29.98
CA GLY A 102 -11.76 15.61 -28.85
C GLY A 102 -13.26 15.60 -28.75
N VAL A 103 -13.98 16.34 -29.59
CA VAL A 103 -15.46 16.43 -29.44
C VAL A 103 -16.09 15.05 -29.62
N LEU A 104 -17.02 14.73 -28.71
CA LEU A 104 -17.94 13.59 -28.78
C LEU A 104 -18.96 13.88 -29.90
N CYS A 105 -18.69 13.38 -31.10
CA CYS A 105 -19.41 13.79 -32.33
C CYS A 105 -20.51 12.80 -32.67
N ASP A 106 -20.41 11.56 -32.17
CA ASP A 106 -21.38 10.47 -32.44
C ASP A 106 -21.41 9.49 -31.27
N ILE A 107 -22.54 8.81 -31.06
CA ILE A 107 -22.60 7.59 -30.20
C ILE A 107 -23.38 6.52 -30.96
N LEU A 108 -22.69 5.49 -31.45
CA LEU A 108 -23.34 4.51 -32.33
C LEU A 108 -24.45 3.81 -31.54
N THR A 109 -24.31 3.61 -30.22
CA THR A 109 -25.31 2.83 -29.42
C THR A 109 -26.55 3.68 -29.12
N ASN A 110 -26.48 4.98 -29.37
CA ASN A 110 -27.65 5.85 -29.12
C ASN A 110 -27.46 7.15 -29.90
N PRO A 111 -27.78 7.18 -31.20
CA PRO A 111 -27.61 8.38 -32.00
C PRO A 111 -28.52 9.57 -31.60
N THR A 112 -29.45 9.38 -30.68
CA THR A 112 -30.30 10.48 -30.17
C THR A 112 -29.77 11.00 -28.83
N SER A 113 -28.67 10.47 -28.31
CA SER A 113 -28.17 10.92 -26.99
C SER A 113 -28.00 12.45 -26.96
N ALA A 114 -28.46 13.05 -25.88
CA ALA A 114 -28.18 14.48 -25.54
C ALA A 114 -26.68 14.71 -25.30
N GLN A 115 -25.86 13.67 -25.08
CA GLN A 115 -24.41 13.87 -24.80
C GLN A 115 -23.69 14.29 -26.09
N ILE A 116 -24.23 13.93 -27.26
CA ILE A 116 -23.57 14.22 -28.56
C ILE A 116 -23.40 15.72 -28.75
N GLY A 117 -22.18 16.16 -29.03
CA GLY A 117 -21.83 17.57 -29.22
C GLY A 117 -21.71 18.31 -27.89
N ARG A 118 -21.83 17.63 -26.74
CA ARG A 118 -21.89 18.32 -25.41
C ARG A 118 -20.79 17.78 -24.48
N GLN A 119 -19.81 17.07 -25.00
CA GLN A 119 -18.65 16.62 -24.19
C GLN A 119 -17.44 16.64 -25.08
N LYS A 120 -16.28 16.70 -24.46
CA LYS A 120 -14.97 16.80 -25.14
C LYS A 120 -13.95 15.97 -24.34
N LEU A 121 -13.36 14.99 -24.99
CA LEU A 121 -12.20 14.21 -24.51
C LEU A 121 -10.97 15.11 -24.53
N LYS A 122 -10.15 15.09 -23.47
CA LYS A 122 -8.99 15.97 -23.37
C LYS A 122 -8.09 15.74 -24.60
N THR A 123 -7.68 16.81 -25.27
CA THR A 123 -6.58 16.77 -26.27
C THR A 123 -5.37 17.50 -25.75
N TYR A 124 -4.21 17.14 -26.27
CA TYR A 124 -2.94 17.83 -25.97
C TYR A 124 -2.28 18.16 -27.29
N PRO A 125 -1.68 19.35 -27.41
CA PRO A 125 -0.90 19.66 -28.60
C PRO A 125 0.26 18.69 -28.79
N VAL A 126 0.55 18.41 -30.06
CA VAL A 126 1.72 17.59 -30.46
C VAL A 126 2.43 18.33 -31.57
N GLN A 127 3.76 18.39 -31.49
CA GLN A 127 4.62 19.01 -32.54
C GLN A 127 5.75 18.03 -32.82
N GLU A 128 6.12 17.83 -34.10
CA GLU A 128 7.36 17.12 -34.45
C GLU A 128 8.42 18.15 -34.75
N ALA A 129 9.62 17.96 -34.21
CA ALA A 129 10.80 18.78 -34.52
C ALA A 129 12.01 17.86 -34.46
N LYS A 130 12.88 17.94 -35.45
CA LYS A 130 14.16 17.22 -35.44
C LYS A 130 13.92 15.74 -35.28
N GLY A 131 12.85 15.23 -35.87
CA GLY A 131 12.56 13.79 -35.87
C GLY A 131 11.97 13.32 -34.56
N CYS A 132 11.68 14.25 -33.63
CA CYS A 132 11.23 13.95 -32.25
C CYS A 132 9.78 14.41 -32.08
N VAL A 133 8.99 13.62 -31.38
CA VAL A 133 7.55 13.93 -31.12
C VAL A 133 7.46 14.58 -29.75
N PHE A 134 7.02 15.84 -29.67
CA PHE A 134 6.79 16.57 -28.40
C PHE A 134 5.29 16.74 -28.16
N ILE A 135 4.89 16.46 -26.93
CA ILE A 135 3.49 16.66 -26.47
C ILE A 135 3.52 17.78 -25.46
N TYR A 136 2.65 18.77 -25.64
CA TYR A 136 2.46 19.79 -24.59
C TYR A 136 1.51 19.22 -23.53
N LEU A 137 2.03 18.73 -22.40
CA LEU A 137 1.14 18.12 -21.34
C LEU A 137 0.66 19.27 -20.46
N GLY A 138 -0.35 19.99 -20.93
CA GLY A 138 -0.80 21.25 -20.35
C GLY A 138 -2.11 21.74 -20.93
N ASP A 139 -2.59 22.81 -20.37
CA ASP A 139 -3.93 23.40 -20.60
C ASP A 139 -3.74 24.70 -21.36
N GLY A 140 -4.64 25.00 -22.30
CA GLY A 140 -4.65 26.29 -23.00
C GLY A 140 -3.61 26.30 -24.11
N ASP A 141 -3.42 27.47 -24.68
CA ASP A 141 -2.59 27.65 -25.89
C ASP A 141 -1.15 27.42 -25.49
N PRO A 142 -0.44 26.56 -26.22
CA PRO A 142 0.92 26.24 -25.83
C PRO A 142 1.90 27.38 -26.14
N PRO A 143 2.99 27.49 -25.38
CA PRO A 143 4.06 28.41 -25.74
C PRO A 143 4.83 27.83 -26.90
N PRO A 144 5.78 28.59 -27.49
CA PRO A 144 6.68 28.03 -28.48
C PRO A 144 7.48 26.85 -27.89
N LEU A 145 7.74 25.80 -28.69
CA LEU A 145 8.54 24.62 -28.29
C LEU A 145 9.92 25.08 -27.80
N ALA A 146 10.46 26.14 -28.43
CA ALA A 146 11.80 26.70 -28.12
C ALA A 146 11.93 26.97 -26.62
N ARG A 147 10.85 27.39 -25.95
CA ARG A 147 10.87 27.73 -24.50
C ARG A 147 11.41 26.56 -23.68
N ASP A 148 11.06 25.33 -24.08
CA ASP A 148 11.25 24.08 -23.31
C ASP A 148 12.32 23.21 -23.96
N THR A 149 13.21 23.78 -24.78
CA THR A 149 14.32 23.03 -25.42
C THR A 149 15.63 23.79 -25.17
N PRO A 150 16.80 23.13 -25.03
CA PRO A 150 18.03 23.83 -24.77
C PRO A 150 18.42 24.65 -25.99
N PRO A 151 19.21 25.71 -25.79
CA PRO A 151 19.75 26.49 -26.92
C PRO A 151 20.37 25.56 -27.97
N ASN A 152 20.09 25.87 -29.26
CA ASN A 152 20.72 25.26 -30.47
C ASN A 152 20.06 23.94 -30.87
N PHE A 153 19.23 23.32 -30.04
CA PHE A 153 18.59 22.03 -30.39
C PHE A 153 17.80 22.26 -31.68
N LEU A 154 17.13 23.40 -31.80
CA LEU A 154 16.26 23.70 -32.96
C LEU A 154 17.02 24.44 -34.08
N ASP A 155 18.34 24.58 -34.03
CA ASP A 155 19.06 25.29 -35.12
C ASP A 155 18.79 24.60 -36.47
N ASP A 156 18.56 25.37 -37.54
CA ASP A 156 18.27 24.85 -38.91
C ASP A 156 19.22 23.69 -39.29
N ASP A 157 20.52 23.82 -39.08
CA ASP A 157 21.51 22.84 -39.61
C ASP A 157 21.75 21.68 -38.63
N MET A 158 21.15 21.71 -37.43
CA MET A 158 21.52 20.74 -36.35
C MET A 158 20.86 19.38 -36.67
N GLU A 159 21.66 18.35 -36.92
CA GLU A 159 21.12 17.01 -37.25
C GLU A 159 20.98 16.23 -35.93
N ILE A 160 19.77 15.81 -35.60
CA ILE A 160 19.46 15.12 -34.31
C ILE A 160 19.22 13.65 -34.60
N LEU A 161 19.92 12.77 -33.89
CA LEU A 161 19.64 11.31 -33.86
C LEU A 161 19.59 10.92 -32.39
N GLY A 162 18.84 9.86 -32.07
CA GLY A 162 18.74 9.50 -30.65
C GLY A 162 18.22 8.12 -30.37
N LYS A 163 17.92 7.93 -29.11
CA LYS A 163 17.41 6.67 -28.56
C LYS A 163 16.52 7.03 -27.37
N ASN A 164 15.48 6.23 -27.12
CA ASN A 164 14.51 6.45 -26.03
C ASN A 164 14.31 5.11 -25.32
N GLN A 165 14.12 5.12 -24.01
CA GLN A 165 13.80 3.90 -23.23
C GLN A 165 13.15 4.33 -21.93
N ILE A 166 12.52 3.38 -21.28
CA ILE A 166 11.92 3.59 -19.94
C ILE A 166 12.90 3.16 -18.85
N ILE A 167 13.11 4.04 -17.87
CA ILE A 167 14.02 3.82 -16.72
C ILE A 167 13.21 3.89 -15.43
N LYS A 168 13.49 2.96 -14.53
CA LYS A 168 12.81 2.84 -13.21
C LYS A 168 13.49 3.78 -12.18
N SER A 169 13.33 5.10 -12.35
CA SER A 169 13.56 6.08 -11.27
C SER A 169 12.65 7.26 -11.50
N ASN A 170 12.31 7.94 -10.42
CA ASN A 170 11.70 9.28 -10.54
C ASN A 170 12.57 10.16 -11.45
N TRP A 171 11.93 11.00 -12.26
CA TRP A 171 12.60 11.90 -13.23
C TRP A 171 13.62 12.84 -12.56
N ARG A 172 13.39 13.23 -11.32
CA ARG A 172 14.26 14.22 -10.65
C ARG A 172 15.62 13.60 -10.32
N LEU A 173 15.66 12.33 -9.93
CA LEU A 173 16.91 11.61 -9.66
C LEU A 173 17.74 11.57 -10.96
N ALA A 174 17.10 11.42 -12.10
CA ALA A 174 17.74 11.46 -13.43
C ALA A 174 18.31 12.85 -13.71
N VAL A 175 17.51 13.90 -13.56
CA VAL A 175 17.97 15.29 -13.75
C VAL A 175 19.19 15.59 -12.88
N GLU A 176 19.09 15.31 -11.58
CA GLU A 176 20.16 15.71 -10.64
C GLU A 176 21.45 14.94 -10.96
N ASN A 177 21.33 13.65 -11.26
CA ASN A 177 22.51 12.84 -11.62
C ASN A 177 23.16 13.43 -12.88
N GLY A 178 22.36 13.80 -13.88
CA GLY A 178 22.90 14.31 -15.14
C GLY A 178 23.61 15.64 -14.97
N PHE A 179 23.08 16.53 -14.13
CA PHE A 179 23.65 17.87 -13.87
C PHE A 179 24.69 17.86 -12.72
N ASP A 180 24.95 16.72 -12.08
CA ASP A 180 25.82 16.64 -10.88
C ASP A 180 27.28 16.77 -11.29
N PRO A 181 28.04 17.83 -10.91
CA PRO A 181 29.41 17.95 -11.39
C PRO A 181 30.31 16.80 -10.91
N SER A 182 30.10 16.25 -9.71
CA SER A 182 31.01 15.25 -9.12
C SER A 182 30.62 13.84 -9.54
N HIS A 183 29.50 13.63 -10.25
CA HIS A 183 29.07 12.26 -10.63
C HIS A 183 29.97 11.69 -11.73
N ILE A 184 30.75 12.51 -12.43
CA ILE A 184 31.81 12.13 -13.40
C ILE A 184 32.69 10.98 -12.88
N TYR A 185 32.87 10.84 -11.56
CA TYR A 185 33.56 9.71 -10.92
C TYR A 185 33.03 8.36 -11.44
N ILE A 186 31.71 8.22 -11.61
CA ILE A 186 31.10 6.92 -12.02
C ILE A 186 31.51 6.57 -13.45
N HIS A 187 32.01 7.52 -14.23
CA HIS A 187 32.35 7.32 -15.66
C HIS A 187 33.85 7.03 -15.85
N LYS A 188 34.62 6.92 -14.76
CA LYS A 188 36.11 6.86 -14.84
C LYS A 188 36.58 5.65 -15.69
N ASP A 189 35.83 4.57 -15.74
CA ASP A 189 36.20 3.34 -16.50
C ASP A 189 35.41 3.24 -17.82
N SER A 190 34.68 4.28 -18.27
CA SER A 190 33.83 4.18 -19.49
C SER A 190 34.70 3.78 -20.70
N ILE A 191 34.19 2.94 -21.59
CA ILE A 191 34.89 2.55 -22.84
C ILE A 191 35.10 3.82 -23.67
N LEU A 192 34.11 4.72 -23.74
CA LEU A 192 34.23 6.02 -24.45
C LEU A 192 35.50 6.74 -24.01
N VAL A 193 35.79 6.81 -22.72
CA VAL A 193 36.92 7.65 -22.23
C VAL A 193 38.24 7.12 -22.81
N LYS A 194 38.46 5.81 -22.73
CA LYS A 194 39.64 5.16 -23.33
C LYS A 194 39.54 5.25 -24.87
N ASP A 195 38.45 4.78 -25.47
CA ASP A 195 38.41 4.57 -26.95
C ASP A 195 38.21 5.89 -27.71
N ASN A 196 37.85 7.00 -27.05
CA ASN A 196 37.71 8.32 -27.72
C ASN A 196 38.72 9.28 -27.11
N ASP A 197 39.68 8.77 -26.34
CA ASP A 197 40.83 9.55 -25.82
C ASP A 197 40.34 10.85 -25.17
N LEU A 198 39.32 10.77 -24.30
CA LEU A 198 38.81 11.94 -23.55
C LEU A 198 39.73 12.23 -22.36
N ALA A 199 39.86 13.53 -22.07
CA ALA A 199 40.32 14.04 -20.77
C ALA A 199 39.10 13.94 -19.83
N LEU A 200 39.25 13.24 -18.72
CA LEU A 200 38.15 13.15 -17.72
C LEU A 200 38.72 13.12 -16.33
N PRO A 201 38.58 14.23 -15.58
CA PRO A 201 39.00 14.24 -14.21
C PRO A 201 38.05 13.37 -13.37
N LEU A 202 38.46 13.12 -12.12
CA LEU A 202 37.65 12.41 -11.13
C LEU A 202 36.59 13.35 -10.55
N GLY A 203 36.82 14.66 -10.65
CA GLY A 203 36.01 15.73 -10.03
C GLY A 203 36.71 17.08 -10.08
N PHE A 204 36.27 18.01 -9.25
CA PHE A 204 36.72 19.42 -9.19
C PHE A 204 36.84 19.88 -7.75
N ALA A 205 37.97 20.48 -7.42
CA ALA A 205 38.10 21.28 -6.20
C ALA A 205 37.60 22.68 -6.53
N PRO A 206 36.46 23.11 -5.99
CA PRO A 206 35.89 24.40 -6.33
C PRO A 206 36.83 25.56 -5.98
N GLY A 207 36.81 26.61 -6.80
CA GLY A 207 37.40 27.92 -6.49
C GLY A 207 36.41 29.06 -6.74
N GLY A 208 36.74 30.25 -6.24
CA GLY A 208 35.83 31.42 -6.27
C GLY A 208 34.67 31.26 -5.28
N ASP A 209 33.62 32.04 -5.42
CA ASP A 209 32.53 32.03 -4.41
C ASP A 209 31.35 31.21 -4.96
N ARG A 210 30.39 30.90 -4.09
CA ARG A 210 29.16 30.14 -4.39
C ARG A 210 28.51 30.65 -5.68
N LYS A 211 28.36 31.97 -5.79
CA LYS A 211 27.58 32.59 -6.89
C LYS A 211 28.33 32.35 -8.19
N GLN A 212 29.66 32.16 -8.15
CA GLN A 212 30.47 31.91 -9.37
C GLN A 212 30.34 30.43 -9.79
N GLN A 213 29.81 29.53 -8.96
CA GLN A 213 29.75 28.07 -9.29
C GLN A 213 28.69 27.77 -10.38
N THR A 214 27.73 28.65 -10.56
CA THR A 214 26.64 28.44 -11.54
C THR A 214 26.31 29.75 -12.24
N ARG A 215 25.62 29.66 -13.38
CA ARG A 215 24.94 30.82 -14.01
C ARG A 215 23.50 30.42 -14.30
N VAL A 216 22.57 31.08 -13.63
CA VAL A 216 21.11 30.91 -13.82
C VAL A 216 20.66 31.81 -14.97
N VAL A 217 19.95 31.23 -15.94
CA VAL A 217 19.25 31.96 -17.04
C VAL A 217 17.76 32.03 -16.73
N ASP A 218 17.25 33.23 -16.41
CA ASP A 218 15.87 33.45 -15.91
C ASP A 218 14.99 33.79 -17.09
N ASP A 219 15.60 34.17 -18.19
CA ASP A 219 14.87 34.41 -19.43
C ASP A 219 15.89 34.50 -20.54
N ASP A 220 15.43 34.24 -21.77
CA ASP A 220 16.05 34.71 -23.02
C ASP A 220 14.95 35.03 -24.04
N VAL A 221 15.33 35.12 -25.33
CA VAL A 221 14.41 35.46 -26.45
C VAL A 221 13.11 34.66 -26.27
N VAL A 222 13.23 33.37 -25.93
CA VAL A 222 12.07 32.43 -25.98
C VAL A 222 11.57 32.04 -24.58
N GLY A 223 12.04 32.65 -23.48
CA GLY A 223 11.53 32.35 -22.14
C GLY A 223 12.11 31.07 -21.54
N ARG A 224 13.29 30.65 -21.97
CA ARG A 224 13.97 29.47 -21.42
C ARG A 224 14.40 29.74 -19.99
N LYS A 225 14.49 28.67 -19.20
CA LYS A 225 14.84 28.73 -17.76
C LYS A 225 15.84 27.60 -17.51
N GLY A 226 17.00 27.90 -17.01
CA GLY A 226 18.10 26.93 -16.97
C GLY A 226 19.22 27.39 -16.08
N VAL A 227 20.16 26.47 -15.88
CA VAL A 227 21.37 26.71 -15.05
C VAL A 227 22.55 26.09 -15.78
N TYR A 228 23.62 26.85 -15.92
CA TYR A 228 24.95 26.35 -16.35
C TYR A 228 25.81 25.97 -15.14
N ASP A 229 26.50 24.84 -15.28
CA ASP A 229 27.51 24.36 -14.30
C ASP A 229 28.85 25.03 -14.65
N LEU A 230 29.33 25.94 -13.82
CA LEU A 230 30.59 26.69 -14.03
C LEU A 230 31.66 26.20 -13.04
N ILE A 231 31.57 24.98 -12.51
CA ILE A 231 32.52 24.56 -11.43
C ILE A 231 33.96 24.62 -12.00
N GLY A 232 34.11 24.33 -13.28
CA GLY A 232 35.43 24.28 -13.98
C GLY A 232 36.00 25.65 -14.31
N GLU A 233 35.26 26.73 -14.11
CA GLU A 233 35.74 28.10 -14.44
C GLU A 233 36.87 28.52 -13.50
N HIS A 234 36.73 28.35 -12.17
CA HIS A 234 37.77 28.69 -11.16
C HIS A 234 38.18 27.44 -10.38
N GLY A 235 37.60 26.29 -10.72
CA GLY A 235 37.86 25.00 -10.07
C GLY A 235 39.13 24.35 -10.58
N VAL A 236 39.69 23.48 -9.76
CA VAL A 236 40.89 22.69 -10.12
C VAL A 236 40.45 21.27 -10.45
N PRO A 237 40.68 20.81 -11.68
CA PRO A 237 40.36 19.43 -12.03
C PRO A 237 41.23 18.50 -11.18
N VAL A 238 40.58 17.48 -10.64
CA VAL A 238 41.23 16.44 -9.81
C VAL A 238 41.57 15.26 -10.73
N PHE A 239 42.85 15.01 -10.97
CA PHE A 239 43.28 13.84 -11.77
C PHE A 239 43.93 12.77 -10.89
N GLU A 240 44.30 13.09 -9.67
CA GLU A 240 44.86 12.08 -8.73
C GLU A 240 43.97 11.98 -7.49
N GLY A 241 43.33 10.83 -7.31
CA GLY A 241 42.51 10.55 -6.11
C GLY A 241 43.34 9.93 -5.01
N THR A 242 43.39 10.57 -3.86
CA THR A 242 44.21 10.14 -2.71
C THR A 242 43.30 9.72 -1.56
N ILE A 243 43.74 8.71 -0.82
CA ILE A 243 43.23 8.36 0.53
C ILE A 243 44.43 8.40 1.47
N GLY A 244 44.32 9.21 2.54
CA GLY A 244 45.37 9.47 3.52
C GLY A 244 46.65 9.88 2.83
N GLY A 245 46.53 10.69 1.78
CA GLY A 245 47.67 11.19 0.97
C GLY A 245 48.27 10.18 0.01
N GLU A 246 47.84 8.90 -0.02
CA GLU A 246 48.33 7.89 -1.01
C GLU A 246 47.46 7.92 -2.28
N VAL A 247 48.06 7.88 -3.46
CA VAL A 247 47.33 7.92 -4.76
C VAL A 247 46.71 6.55 -4.98
N VAL A 248 45.38 6.45 -5.05
CA VAL A 248 44.68 5.16 -5.25
C VAL A 248 43.97 5.14 -6.60
N ARG A 249 43.84 6.26 -7.28
CA ARG A 249 43.13 6.33 -8.58
C ARG A 249 43.58 7.57 -9.35
N GLU A 250 43.55 7.44 -10.67
CA GLU A 250 43.89 8.52 -11.61
C GLU A 250 42.69 8.75 -12.52
N GLY A 251 42.45 10.02 -12.85
CA GLY A 251 41.61 10.45 -13.98
C GLY A 251 42.23 10.02 -15.31
N ALA A 252 41.54 10.36 -16.39
CA ALA A 252 41.87 10.00 -17.78
C ALA A 252 42.56 11.18 -18.44
N TYR A 253 43.80 10.99 -18.91
CA TYR A 253 44.67 12.06 -19.48
C TYR A 253 44.62 12.07 -21.00
N GLY A 254 43.45 11.91 -21.61
CA GLY A 254 43.30 12.00 -23.06
C GLY A 254 43.47 13.43 -23.56
N GLU A 255 43.44 13.61 -24.88
CA GLU A 255 43.66 14.92 -25.56
C GLU A 255 42.32 15.63 -25.79
N LYS A 256 41.23 14.88 -25.98
CA LYS A 256 39.92 15.45 -26.35
C LYS A 256 39.27 16.04 -25.12
N ILE A 257 39.06 17.35 -25.18
CA ILE A 257 38.38 18.20 -24.17
C ILE A 257 36.90 18.26 -24.56
N VAL A 258 36.03 17.72 -23.71
CA VAL A 258 34.56 17.68 -23.97
C VAL A 258 33.85 18.30 -22.77
N ALA A 259 32.55 18.56 -22.91
CA ALA A 259 31.71 18.94 -21.76
C ALA A 259 32.24 20.25 -21.20
N ASN A 260 32.56 21.20 -22.09
N ASN A 260 32.52 21.21 -22.08
CA ASN A 260 33.01 22.56 -21.69
C ASN A 260 31.80 23.34 -21.13
C ASN A 260 31.82 23.38 -21.16
N ASP A 261 30.62 23.21 -21.71
CA ASP A 261 29.40 23.78 -21.08
C ASP A 261 28.29 22.73 -20.94
N ILE A 262 27.78 22.68 -19.72
CA ILE A 262 26.73 21.75 -19.26
C ILE A 262 25.63 22.62 -18.71
N SER A 263 24.43 22.47 -19.23
CA SER A 263 23.31 23.27 -18.73
C SER A 263 22.10 22.36 -18.57
N ILE A 264 21.30 22.62 -17.55
CA ILE A 264 20.01 21.92 -17.30
C ILE A 264 18.91 22.97 -17.51
N TRP A 265 17.84 22.59 -18.20
CA TRP A 265 16.72 23.49 -18.55
C TRP A 265 15.39 22.86 -18.10
N LEU A 266 14.46 23.69 -17.68
CA LEU A 266 13.06 23.24 -17.50
C LEU A 266 12.56 22.81 -18.87
N PRO A 267 11.72 21.75 -18.97
CA PRO A 267 11.19 21.04 -17.80
C PRO A 267 12.09 19.92 -17.25
N GLY A 268 13.27 19.73 -17.83
CA GLY A 268 14.25 18.73 -17.34
C GLY A 268 14.99 18.13 -18.51
N VAL A 269 15.79 18.97 -19.14
CA VAL A 269 16.61 18.57 -20.31
C VAL A 269 18.03 19.14 -20.14
N LEU A 270 19.01 18.25 -20.26
CA LEU A 270 20.45 18.52 -20.09
C LEU A 270 21.07 18.73 -21.47
N LYS A 271 21.91 19.75 -21.59
CA LYS A 271 22.78 20.01 -22.77
C LYS A 271 24.23 19.88 -22.34
N VAL A 272 24.98 18.99 -23.00
CA VAL A 272 26.44 18.82 -22.77
C VAL A 272 27.10 19.17 -24.10
N ASN A 273 27.94 20.20 -24.09
CA ASN A 273 28.58 20.74 -25.31
C ASN A 273 30.08 20.95 -25.06
N PRO A 274 30.99 20.42 -25.91
CA PRO A 274 30.68 19.39 -26.89
C PRO A 274 30.72 18.01 -26.23
N PHE A 275 29.97 17.07 -26.78
CA PHE A 275 29.96 15.67 -26.28
C PHE A 275 29.25 14.79 -27.29
N PRO A 276 29.64 13.52 -27.51
CA PRO A 276 30.80 12.88 -26.91
C PRO A 276 32.13 13.11 -27.65
N ASN A 277 32.11 13.99 -28.63
CA ASN A 277 33.27 14.34 -29.48
C ASN A 277 33.26 15.85 -29.64
N PRO A 278 34.43 16.50 -29.86
CA PRO A 278 34.49 17.95 -30.01
C PRO A 278 33.52 18.60 -31.01
N ASP A 279 33.03 17.88 -31.99
CA ASP A 279 32.22 18.48 -33.09
C ASP A 279 30.70 18.19 -32.91
N MET A 280 30.27 17.75 -31.73
CA MET A 280 28.91 17.23 -31.47
C MET A 280 28.40 17.77 -30.12
N MET A 281 27.11 17.62 -29.87
CA MET A 281 26.49 18.01 -28.58
C MET A 281 25.51 16.89 -28.19
N GLN A 282 25.29 16.75 -26.88
CA GLN A 282 24.25 15.82 -26.37
C GLN A 282 23.13 16.66 -25.74
N PHE A 283 21.89 16.33 -26.06
CA PHE A 283 20.68 16.87 -25.40
C PHE A 283 19.88 15.68 -24.90
N GLU A 284 19.64 15.60 -23.60
CA GLU A 284 18.88 14.44 -23.07
C GLU A 284 17.80 14.94 -22.10
N TRP A 285 16.61 14.40 -22.28
CA TRP A 285 15.41 14.62 -21.45
C TRP A 285 15.20 13.46 -20.48
N TYR A 286 14.64 13.77 -19.31
CA TYR A 286 14.22 12.78 -18.30
C TYR A 286 12.73 13.07 -18.05
N VAL A 287 11.89 12.34 -18.77
CA VAL A 287 10.47 12.72 -18.99
C VAL A 287 9.65 11.95 -17.98
N PRO A 288 8.90 12.61 -17.08
CA PRO A 288 8.10 11.88 -16.10
C PRO A 288 6.98 11.04 -16.77
N ILE A 289 7.03 9.74 -16.56
CA ILE A 289 5.96 8.78 -16.95
C ILE A 289 4.99 8.62 -15.78
N ASP A 290 5.53 8.31 -14.59
CA ASP A 290 4.74 8.22 -13.35
C ASP A 290 5.70 8.57 -12.21
N GLU A 291 5.28 8.37 -10.96
CA GLU A 291 6.14 8.66 -9.76
C GLU A 291 7.45 7.86 -9.82
N ASN A 292 7.50 6.70 -10.46
CA ASN A 292 8.61 5.73 -10.31
C ASN A 292 9.49 5.65 -11.55
N THR A 293 9.09 6.28 -12.67
CA THR A 293 9.59 5.93 -14.02
C THR A 293 9.72 7.17 -14.90
N HIS A 294 10.73 7.20 -15.75
CA HIS A 294 10.90 8.28 -16.74
C HIS A 294 11.28 7.70 -18.10
N TYR A 295 10.99 8.45 -19.16
CA TYR A 295 11.69 8.26 -20.44
C TYR A 295 13.09 8.84 -20.32
N TYR A 296 14.09 8.06 -20.65
CA TYR A 296 15.47 8.60 -20.88
C TYR A 296 15.63 8.86 -22.38
N PHE A 297 15.29 10.08 -22.80
CA PHE A 297 15.20 10.49 -24.21
C PHE A 297 16.52 11.16 -24.60
N GLN A 298 17.42 10.38 -25.22
CA GLN A 298 18.81 10.79 -25.53
C GLN A 298 18.90 11.24 -26.97
N THR A 299 19.55 12.38 -27.24
CA THR A 299 19.81 12.85 -28.62
C THR A 299 21.27 13.32 -28.70
N LEU A 300 21.85 13.12 -29.88
CA LEU A 300 23.16 13.71 -30.28
C LEU A 300 22.90 14.58 -31.49
N GLY A 301 23.39 15.83 -31.45
CA GLY A 301 23.25 16.87 -32.49
C GLY A 301 24.60 17.15 -33.14
N LYS A 302 24.61 17.22 -34.47
CA LYS A 302 25.83 17.64 -35.23
C LYS A 302 25.40 18.55 -36.38
N PRO A 303 25.96 19.77 -36.48
CA PRO A 303 25.67 20.65 -37.63
C PRO A 303 26.04 19.86 -38.90
N CYS A 304 25.14 19.82 -39.88
CA CYS A 304 25.29 19.14 -41.19
C CYS A 304 24.77 20.08 -42.29
N ALA A 305 25.55 20.38 -43.34
CA ALA A 305 25.16 21.39 -44.38
C ALA A 305 24.39 20.77 -45.55
N ASN A 306 24.57 19.47 -45.81
CA ASN A 306 24.01 18.78 -47.00
C ASN A 306 23.66 17.34 -46.63
N ASP A 307 23.08 16.59 -47.57
CA ASP A 307 22.57 15.21 -47.39
C ASP A 307 23.73 14.23 -47.18
N GLU A 308 24.91 14.56 -47.73
CA GLU A 308 26.13 13.72 -47.64
C GLU A 308 26.65 13.75 -46.19
N GLU A 309 26.72 14.94 -45.61
CA GLU A 309 27.09 15.15 -44.19
C GLU A 309 26.07 14.42 -43.29
N ARG A 310 24.78 14.57 -43.53
CA ARG A 310 23.70 13.92 -42.73
C ARG A 310 23.87 12.40 -42.77
N LYS A 311 24.10 11.85 -43.96
CA LYS A 311 24.24 10.39 -44.19
C LYS A 311 25.49 9.89 -43.44
N LYS A 312 26.61 10.61 -43.53
CA LYS A 312 27.87 10.21 -42.86
C LYS A 312 27.67 10.20 -41.33
N TYR A 313 27.04 11.26 -40.81
CA TYR A 313 26.73 11.43 -39.37
C TYR A 313 25.85 10.25 -38.90
N GLU A 314 24.78 9.92 -39.66
CA GLU A 314 23.90 8.76 -39.39
C GLU A 314 24.75 7.48 -39.32
N GLN A 315 25.76 7.34 -40.19
CA GLN A 315 26.59 6.10 -40.19
C GLN A 315 27.44 6.04 -38.91
N GLU A 316 28.08 7.15 -38.55
CA GLU A 316 29.00 7.24 -37.38
C GLU A 316 28.15 7.10 -36.10
N PHE A 317 26.94 7.63 -36.09
CA PHE A 317 25.97 7.45 -34.97
C PHE A 317 25.73 5.96 -34.69
N GLU A 318 25.32 5.23 -35.71
CA GLU A 318 24.92 3.79 -35.58
C GLU A 318 26.15 2.94 -35.29
N SER A 319 27.29 3.24 -35.89
CA SER A 319 28.47 2.35 -35.76
C SER A 319 29.25 2.68 -34.49
N LYS A 320 29.24 3.93 -34.01
CA LYS A 320 30.15 4.39 -32.92
C LYS A 320 29.39 5.09 -31.77
N TRP A 321 28.69 6.20 -32.06
CA TRP A 321 28.25 7.14 -31.01
C TRP A 321 27.13 6.49 -30.19
N LYS A 322 26.18 5.80 -30.84
CA LYS A 322 25.08 5.13 -30.08
C LYS A 322 25.67 4.09 -29.16
N PRO A 323 26.42 3.06 -29.64
CA PRO A 323 27.02 2.07 -28.72
C PRO A 323 28.12 2.55 -27.76
N MET A 324 29.02 3.42 -28.18
CA MET A 324 30.19 3.79 -27.33
C MET A 324 29.77 4.86 -26.31
N ALA A 325 28.92 5.80 -26.70
CA ALA A 325 28.55 6.96 -25.86
C ALA A 325 27.13 6.77 -25.26
N LEU A 326 26.08 6.78 -26.05
CA LEU A 326 24.70 6.69 -25.49
C LEU A 326 24.55 5.45 -24.60
N GLU A 327 25.20 4.33 -24.97
CA GLU A 327 25.16 3.09 -24.18
C GLU A 327 26.42 2.99 -23.33
N GLY A 328 27.61 3.04 -23.94
CA GLY A 328 28.88 2.77 -23.23
C GLY A 328 29.18 3.81 -22.17
N PHE A 329 28.79 5.06 -22.37
CA PHE A 329 28.97 6.07 -21.31
C PHE A 329 27.74 6.11 -20.39
N ASN A 330 26.54 6.33 -20.93
CA ASN A 330 25.34 6.69 -20.10
C ASN A 330 24.77 5.46 -19.39
N ASN A 331 25.11 4.23 -19.79
CA ASN A 331 24.59 3.06 -19.05
C ASN A 331 24.91 3.20 -17.57
N ASP A 332 26.08 3.73 -17.19
CA ASP A 332 26.36 3.87 -15.74
C ASP A 332 25.42 4.90 -15.09
N ASP A 333 24.93 5.88 -15.84
CA ASP A 333 23.98 6.88 -15.29
C ASP A 333 22.69 6.18 -14.87
N ILE A 334 22.28 5.16 -15.62
CA ILE A 334 20.99 4.45 -15.40
C ILE A 334 21.06 3.80 -14.02
N TRP A 335 22.12 3.07 -13.69
CA TRP A 335 22.11 2.33 -12.41
C TRP A 335 22.42 3.28 -11.24
N ALA A 336 23.11 4.39 -11.47
CA ALA A 336 23.29 5.45 -10.43
C ALA A 336 21.93 6.06 -10.04
N ARG A 337 21.09 6.39 -11.02
CA ARG A 337 19.70 6.91 -10.77
C ARG A 337 18.95 5.87 -9.95
N GLU A 338 19.04 4.61 -10.33
CA GLU A 338 18.28 3.54 -9.65
C GLU A 338 18.74 3.38 -8.21
N ALA A 339 20.01 3.65 -7.92
CA ALA A 339 20.60 3.49 -6.57
C ALA A 339 20.08 4.53 -5.60
N MET A 340 19.57 5.67 -6.08
CA MET A 340 19.02 6.75 -5.22
C MET A 340 17.52 6.54 -4.91
N VAL A 341 16.85 5.60 -5.58
CA VAL A 341 15.37 5.42 -5.43
C VAL A 341 14.99 5.18 -3.97
N ASP A 342 15.62 4.24 -3.26
CA ASP A 342 15.17 3.89 -1.89
C ASP A 342 15.23 5.13 -0.99
N PHE A 343 16.31 5.88 -1.06
CA PHE A 343 16.53 6.99 -0.09
C PHE A 343 15.48 8.09 -0.31
N TYR A 344 15.00 8.28 -1.54
CA TYR A 344 14.02 9.37 -1.84
C TYR A 344 12.59 8.81 -1.88
N ALA A 345 12.42 7.50 -1.84
CA ALA A 345 11.10 6.87 -2.11
C ALA A 345 10.11 7.25 -1.02
N ASP A 346 10.54 7.42 0.24
CA ASP A 346 9.60 7.80 1.35
C ASP A 346 9.55 9.34 1.45
N ASP A 347 10.12 10.04 0.48
CA ASP A 347 10.35 11.51 0.45
C ASP A 347 11.27 11.99 1.59
N LYS A 348 11.90 11.12 2.38
CA LYS A 348 12.73 11.59 3.52
C LYS A 348 14.15 11.92 3.03
N GLY A 349 14.62 11.41 1.89
CA GLY A 349 15.97 11.77 1.38
C GLY A 349 16.09 13.27 1.14
N TRP A 350 14.96 13.94 0.86
CA TRP A 350 14.88 15.40 0.57
C TRP A 350 15.19 16.18 1.86
N VAL A 351 15.16 15.52 3.01
CA VAL A 351 15.53 16.14 4.31
C VAL A 351 16.90 15.65 4.77
N ASN A 352 17.19 14.36 4.59
CA ASN A 352 18.28 13.65 5.28
C ASN A 352 19.58 13.66 4.46
N GLU A 353 19.52 13.90 3.13
CA GLU A 353 20.74 14.07 2.30
C GLU A 353 21.76 14.97 3.01
N ILE A 354 23.05 14.66 2.88
CA ILE A 354 24.15 15.56 3.28
C ILE A 354 24.90 16.02 2.03
N LEU A 355 24.65 17.26 1.61
CA LEU A 355 25.22 17.89 0.40
C LEU A 355 26.65 18.37 0.68
N PHE A 356 27.47 18.41 -0.36
CA PHE A 356 28.82 19.03 -0.33
C PHE A 356 28.89 20.04 -1.47
N GLU A 357 30.08 20.63 -1.67
CA GLU A 357 30.23 21.89 -2.45
C GLU A 357 29.72 21.78 -3.88
N SER A 358 30.02 20.71 -4.62
CA SER A 358 29.62 20.59 -6.04
C SER A 358 28.11 20.52 -6.17
N ASP A 359 27.37 20.17 -5.12
CA ASP A 359 25.87 20.18 -5.10
C ASP A 359 25.27 21.60 -5.21
N GLU A 360 26.09 22.66 -5.21
CA GLU A 360 25.58 24.03 -5.51
C GLU A 360 24.85 24.00 -6.85
N ALA A 361 25.33 23.20 -7.82
CA ALA A 361 24.68 23.04 -9.15
C ALA A 361 23.24 22.53 -8.97
N ILE A 362 23.07 21.50 -8.15
CA ILE A 362 21.78 20.83 -7.93
C ILE A 362 20.83 21.78 -7.21
N VAL A 363 21.33 22.45 -6.20
CA VAL A 363 20.60 23.47 -5.42
C VAL A 363 20.08 24.58 -6.34
N ALA A 364 20.91 25.09 -7.22
CA ALA A 364 20.54 26.13 -8.19
C ALA A 364 19.44 25.61 -9.13
N TRP A 365 19.52 24.35 -9.52
CA TRP A 365 18.48 23.74 -10.36
C TRP A 365 17.17 23.61 -9.53
N ARG A 366 17.25 23.18 -8.29
CA ARG A 366 16.02 22.95 -7.50
C ARG A 366 15.28 24.28 -7.31
N LYS A 367 16.02 25.35 -7.04
CA LYS A 367 15.45 26.72 -6.84
C LYS A 367 14.89 27.22 -8.18
N LEU A 368 15.63 27.11 -9.28
CA LEU A 368 15.18 27.57 -10.62
C LEU A 368 13.88 26.81 -10.93
N ALA A 369 13.88 25.50 -10.73
CA ALA A 369 12.74 24.63 -11.05
C ALA A 369 11.55 25.07 -10.18
N SER A 370 11.78 25.30 -8.89
CA SER A 370 10.75 25.71 -7.93
C SER A 370 10.17 27.04 -8.39
N GLU A 371 11.01 27.96 -8.84
CA GLU A 371 10.55 29.35 -9.10
C GLU A 371 9.87 29.46 -10.48
N HIS A 372 10.18 28.62 -11.46
CA HIS A 372 9.85 28.94 -12.87
C HIS A 372 9.09 27.79 -13.56
N ASN A 373 8.77 26.72 -12.87
CA ASN A 373 7.89 25.67 -13.43
C ASN A 373 6.50 26.28 -13.77
N GLN A 374 5.78 25.66 -14.69
CA GLN A 374 4.49 26.21 -15.16
C GLN A 374 3.32 25.45 -14.52
N GLY A 375 3.60 24.63 -13.51
CA GLY A 375 2.53 23.98 -12.74
C GLY A 375 2.95 22.64 -12.20
N ILE A 376 2.33 22.24 -11.10
CA ILE A 376 2.63 20.97 -10.41
C ILE A 376 1.60 19.95 -10.85
N GLN A 377 2.04 18.84 -11.47
CA GLN A 377 1.12 17.74 -11.79
C GLN A 377 0.70 17.04 -10.48
N THR A 378 -0.59 16.84 -10.28
CA THR A 378 -1.17 16.18 -9.07
C THR A 378 -1.89 14.89 -9.48
N GLN A 379 -2.13 14.02 -8.50
CA GLN A 379 -2.88 12.77 -8.75
C GLN A 379 -4.29 13.16 -9.22
N ALA A 380 -4.80 14.31 -8.78
CA ALA A 380 -6.15 14.79 -9.18
C ALA A 380 -6.15 15.17 -10.67
N HIS A 381 -5.03 15.65 -11.25
CA HIS A 381 -5.00 15.90 -12.73
C HIS A 381 -5.23 14.56 -13.41
N VAL A 382 -4.71 13.50 -12.81
CA VAL A 382 -4.78 12.15 -13.43
C VAL A 382 -6.21 11.63 -13.31
N SER A 383 -6.81 11.70 -12.13
CA SER A 383 -8.14 11.07 -11.92
C SER A 383 -9.28 12.01 -12.35
N GLY A 384 -9.11 13.30 -12.10
CA GLY A 384 -10.05 14.38 -12.52
C GLY A 384 -9.99 15.46 -11.47
N LEU A 385 -9.71 16.71 -11.87
CA LEU A 385 -9.49 17.82 -10.89
C LEU A 385 -10.70 17.89 -9.94
N GLU A 386 -10.43 18.19 -8.67
CA GLU A 386 -11.41 18.17 -7.56
C GLU A 386 -11.53 19.60 -7.01
N HIS A 387 -12.76 20.07 -6.79
CA HIS A 387 -13.09 21.37 -6.15
C HIS A 387 -14.50 21.29 -5.52
N HIS A 388 -14.64 21.63 -4.23
CA HIS A 388 -15.94 21.76 -3.52
C HIS A 388 -16.26 23.27 -3.31
N HIS A 389 -17.44 23.75 -3.70
CA HIS A 389 -17.80 25.21 -3.68
C HIS A 389 -17.72 25.77 -2.26
N ALA B 2 4.72 4.05 18.55
CA ALA B 2 5.44 4.51 17.32
C ALA B 2 4.91 3.76 16.09
N ASN B 3 4.84 2.41 16.17
CA ASN B 3 4.71 1.47 15.02
C ASN B 3 3.27 0.97 14.84
N VAL B 4 2.42 1.10 15.84
CA VAL B 4 1.07 0.48 15.80
C VAL B 4 0.04 1.53 16.19
N ASP B 5 -1.14 1.46 15.58
CA ASP B 5 -2.32 2.28 15.93
C ASP B 5 -2.44 2.36 17.44
N GLU B 6 -2.56 3.58 17.95
CA GLU B 6 -2.69 3.92 19.38
C GLU B 6 -3.88 3.18 19.99
N ALA B 7 -4.97 2.99 19.24
CA ALA B 7 -6.21 2.36 19.75
C ALA B 7 -5.91 0.90 20.07
N ILE B 8 -5.01 0.25 19.32
CA ILE B 8 -4.63 -1.16 19.64
C ILE B 8 -3.69 -1.17 20.83
N LEU B 9 -2.71 -0.29 20.87
CA LEU B 9 -1.77 -0.28 22.03
C LEU B 9 -2.57 -0.03 23.33
N LYS B 10 -3.59 0.83 23.31
CA LYS B 10 -4.39 1.20 24.51
C LYS B 10 -5.14 -0.05 25.04
N ARG B 11 -5.50 -0.97 24.15
CA ARG B 11 -6.24 -2.22 24.48
C ARG B 11 -5.28 -3.24 25.11
N VAL B 12 -4.01 -3.30 24.68
CA VAL B 12 -3.10 -4.39 25.17
C VAL B 12 -2.23 -3.87 26.32
N LYS B 13 -2.86 -3.60 27.46
CA LYS B 13 -2.24 -2.91 28.63
C LYS B 13 -1.14 -3.76 29.23
N GLY B 14 -1.24 -5.08 29.14
CA GLY B 14 -0.22 -6.02 29.68
C GLY B 14 1.11 -5.98 28.92
N TRP B 15 1.14 -5.61 27.64
CA TRP B 15 2.36 -5.84 26.81
C TRP B 15 2.39 -4.91 25.60
N ALA B 16 2.01 -3.63 25.77
CA ALA B 16 1.95 -2.64 24.67
C ALA B 16 3.34 -2.44 24.04
N PRO B 17 4.45 -2.34 24.80
CA PRO B 17 5.75 -2.13 24.16
C PRO B 17 6.09 -3.28 23.20
N TYR B 18 5.77 -4.50 23.62
CA TYR B 18 6.00 -5.72 22.78
C TYR B 18 5.16 -5.67 21.48
N VAL B 19 3.89 -5.31 21.57
CA VAL B 19 3.04 -5.19 20.37
C VAL B 19 3.57 -4.05 19.49
N ASP B 20 4.08 -2.98 20.09
CA ASP B 20 4.69 -1.85 19.34
C ASP B 20 6.01 -2.27 18.67
N ALA B 21 6.70 -3.31 19.17
CA ALA B 21 8.06 -3.67 18.71
C ALA B 21 8.05 -4.49 17.41
N LYS B 22 7.34 -4.04 16.39
CA LYS B 22 7.16 -4.77 15.11
C LYS B 22 8.50 -4.88 14.36
N LEU B 23 9.40 -3.91 14.54
CA LEU B 23 10.75 -3.90 13.89
C LEU B 23 11.81 -4.50 14.81
N GLY B 24 11.43 -4.93 15.99
CA GLY B 24 12.41 -5.50 16.93
C GLY B 24 12.87 -4.53 18.00
N PHE B 25 13.69 -5.04 18.91
CA PHE B 25 14.25 -4.26 20.04
C PHE B 25 15.66 -3.77 19.68
N ARG B 26 15.85 -2.45 19.73
CA ARG B 26 17.17 -1.81 19.57
C ARG B 26 17.98 -2.08 20.85
N ASN B 27 19.29 -1.98 20.74
CA ASN B 27 20.25 -1.98 21.88
C ASN B 27 20.35 -3.41 22.42
N HIS B 28 20.29 -4.39 21.52
CA HIS B 28 20.69 -5.78 21.79
C HIS B 28 21.64 -6.31 20.72
N TRP B 29 22.37 -7.36 21.08
CA TRP B 29 23.19 -8.17 20.15
C TRP B 29 22.30 -9.15 19.38
N TYR B 30 22.62 -9.38 18.11
CA TYR B 30 21.90 -10.32 17.24
C TYR B 30 22.88 -11.08 16.38
N PRO B 31 22.74 -12.42 16.25
CA PRO B 31 23.54 -13.20 15.31
C PRO B 31 22.94 -13.07 13.90
N VAL B 32 23.78 -12.91 12.89
CA VAL B 32 23.34 -12.63 11.51
C VAL B 32 24.01 -13.57 10.51
N MET B 33 25.17 -14.12 10.84
CA MET B 33 25.83 -15.13 9.97
C MET B 33 26.86 -15.91 10.79
N PHE B 34 27.43 -16.95 10.18
CA PHE B 34 28.55 -17.74 10.78
C PHE B 34 29.88 -17.10 10.37
N SER B 35 30.89 -17.16 11.24
CA SER B 35 32.26 -16.61 10.99
C SER B 35 32.81 -17.03 9.62
N LYS B 36 32.63 -18.31 9.28
CA LYS B 36 33.16 -18.88 8.03
C LYS B 36 32.44 -18.30 6.81
N GLU B 37 31.35 -17.54 6.96
CA GLU B 37 30.68 -16.94 5.76
C GLU B 37 31.29 -15.56 5.44
N ILE B 38 32.18 -15.02 6.26
CA ILE B 38 32.75 -13.67 6.00
C ILE B 38 34.29 -13.81 5.98
N ASN B 39 34.87 -13.57 4.81
CA ASN B 39 36.32 -13.78 4.54
C ASN B 39 37.05 -12.43 4.51
N GLU B 40 38.34 -12.44 4.85
CA GLU B 40 39.26 -11.27 4.85
C GLU B 40 39.01 -10.44 3.59
N GLY B 41 38.73 -9.15 3.76
CA GLY B 41 38.59 -8.16 2.69
C GLY B 41 37.47 -8.45 1.71
N GLU B 42 36.45 -9.21 2.07
CA GLU B 42 35.28 -9.43 1.18
C GLU B 42 34.02 -8.95 1.90
N PRO B 43 33.67 -7.66 1.81
CA PRO B 43 32.52 -7.15 2.55
C PRO B 43 31.21 -7.86 2.20
N LYS B 44 30.35 -8.09 3.18
CA LYS B 44 29.05 -8.77 2.93
C LYS B 44 27.89 -7.86 3.38
N THR B 45 26.79 -7.92 2.65
CA THR B 45 25.58 -7.10 2.93
C THR B 45 24.59 -7.90 3.75
N LEU B 46 23.83 -7.22 4.61
CA LEU B 46 22.68 -7.84 5.29
C LEU B 46 21.78 -6.72 5.77
N LYS B 47 20.56 -7.10 6.09
CA LYS B 47 19.58 -6.16 6.65
C LYS B 47 19.21 -6.66 8.04
N LEU B 48 19.36 -5.77 9.04
CA LEU B 48 19.12 -6.08 10.46
C LEU B 48 18.27 -4.95 11.07
N LEU B 49 17.11 -5.31 11.63
CA LEU B 49 16.15 -4.33 12.20
C LEU B 49 15.81 -3.25 11.15
N GLY B 50 15.67 -3.65 9.89
CA GLY B 50 15.30 -2.70 8.82
C GLY B 50 16.50 -1.94 8.26
N GLU B 51 17.68 -2.02 8.89
CA GLU B 51 18.86 -1.22 8.47
C GLU B 51 19.76 -2.05 7.55
N ASN B 52 20.18 -1.49 6.41
CA ASN B 52 21.13 -2.16 5.48
C ASN B 52 22.52 -1.97 6.07
N LEU B 53 23.27 -3.05 6.29
CA LEU B 53 24.62 -3.03 6.91
C LEU B 53 25.60 -3.74 5.97
N LEU B 54 26.88 -3.37 6.13
CA LEU B 54 28.05 -3.97 5.48
C LEU B 54 28.97 -4.48 6.58
N VAL B 55 29.38 -5.75 6.47
CA VAL B 55 30.38 -6.34 7.38
C VAL B 55 31.65 -6.66 6.56
N ASN B 56 32.80 -6.33 7.11
CA ASN B 56 34.10 -6.65 6.50
C ASN B 56 34.99 -7.27 7.57
N ARG B 57 35.92 -8.11 7.11
CA ARG B 57 36.99 -8.70 7.96
C ARG B 57 38.31 -8.06 7.52
N ILE B 58 39.00 -7.43 8.46
CA ILE B 58 40.29 -6.73 8.21
C ILE B 58 41.28 -7.19 9.29
N ASP B 59 42.42 -7.74 8.89
CA ASP B 59 43.40 -8.35 9.83
C ASP B 59 42.66 -9.30 10.77
N GLY B 60 41.74 -10.07 10.21
CA GLY B 60 40.94 -11.09 10.89
C GLY B 60 39.83 -10.54 11.78
N LYS B 61 39.69 -9.22 11.94
CA LYS B 61 38.69 -8.63 12.88
C LYS B 61 37.49 -8.10 12.08
N LEU B 62 36.29 -8.25 12.64
CA LEU B 62 35.04 -7.80 11.96
C LEU B 62 34.75 -6.31 12.26
N TYR B 63 34.27 -5.61 11.26
CA TYR B 63 33.82 -4.19 11.32
C TYR B 63 32.46 -4.06 10.60
N CYS B 64 31.57 -3.22 11.11
CA CYS B 64 30.20 -3.07 10.58
C CYS B 64 29.91 -1.58 10.36
N LEU B 65 29.61 -1.22 9.12
CA LEU B 65 29.23 0.15 8.72
C LEU B 65 27.79 0.07 8.21
N LYS B 66 27.04 1.14 8.36
CA LYS B 66 25.72 1.22 7.69
C LYS B 66 26.00 1.30 6.19
N ASP B 67 25.34 0.43 5.42
CA ASP B 67 25.38 0.38 3.95
C ASP B 67 24.45 1.49 3.42
N ARG B 68 24.78 2.74 3.70
CA ARG B 68 24.04 3.92 3.18
C ARG B 68 24.97 5.12 3.22
N CYS B 69 25.42 5.57 2.06
CA CYS B 69 26.32 6.76 2.00
C CYS B 69 25.58 7.97 2.58
N LEU B 70 26.29 8.81 3.34
CA LEU B 70 25.79 10.03 4.00
C LEU B 70 25.27 11.00 2.94
N HIS B 71 25.80 10.92 1.72
CA HIS B 71 25.64 12.01 0.71
C HIS B 71 24.25 11.91 0.07
N ARG B 72 24.03 10.95 -0.81
CA ARG B 72 22.74 10.82 -1.53
C ARG B 72 22.05 9.50 -1.14
N GLY B 73 22.50 8.83 -0.08
CA GLY B 73 21.75 7.70 0.49
C GLY B 73 21.79 6.43 -0.34
N VAL B 74 22.79 6.26 -1.20
CA VAL B 74 22.97 5.00 -1.97
C VAL B 74 23.59 3.93 -1.07
N GLN B 75 23.33 2.68 -1.39
CA GLN B 75 24.11 1.58 -0.79
C GLN B 75 25.51 1.62 -1.41
N LEU B 76 26.54 1.65 -0.57
CA LEU B 76 27.95 1.50 -1.02
C LEU B 76 28.06 0.17 -1.79
N SER B 77 27.29 -0.83 -1.39
CA SER B 77 27.45 -2.24 -1.83
C SER B 77 26.99 -2.37 -3.29
N VAL B 78 26.29 -1.40 -3.87
CA VAL B 78 25.93 -1.47 -5.30
C VAL B 78 27.23 -1.71 -6.11
N LYS B 79 28.33 -1.09 -5.72
CA LYS B 79 29.64 -1.24 -6.40
C LYS B 79 30.72 -0.94 -5.35
N VAL B 80 31.23 -1.99 -4.74
CA VAL B 80 32.18 -1.87 -3.61
C VAL B 80 33.53 -1.42 -4.17
N GLU B 81 34.05 -0.31 -3.67
CA GLU B 81 35.43 0.19 -3.91
C GLU B 81 36.12 0.27 -2.55
N CYS B 82 36.80 -0.79 -2.12
CA CYS B 82 37.70 -0.74 -0.97
C CYS B 82 39.10 -0.44 -1.52
N LYS B 83 39.53 0.81 -1.47
CA LYS B 83 40.73 1.25 -2.22
C LYS B 83 41.95 1.23 -1.32
N THR B 84 41.79 1.26 0.00
CA THR B 84 42.88 0.96 0.95
C THR B 84 42.34 -0.03 1.97
N LYS B 85 43.26 -0.71 2.63
CA LYS B 85 42.90 -1.82 3.53
C LYS B 85 41.85 -1.34 4.52
N SER B 86 41.96 -0.11 5.04
CA SER B 86 41.19 0.36 6.23
C SER B 86 39.93 1.19 5.85
N THR B 87 39.65 1.35 4.54
CA THR B 87 38.60 2.29 4.05
C THR B 87 37.69 1.62 3.02
N ILE B 88 36.54 2.27 2.80
CA ILE B 88 35.60 2.00 1.69
C ILE B 88 35.24 3.35 1.04
N THR B 89 35.27 3.36 -0.26
CA THR B 89 34.99 4.55 -1.08
C THR B 89 33.64 4.35 -1.80
N CYS B 90 32.69 5.25 -1.54
CA CYS B 90 31.39 5.21 -2.25
C CYS B 90 31.69 5.34 -3.74
N TRP B 91 31.02 4.52 -4.52
CA TRP B 91 31.13 4.43 -5.99
C TRP B 91 30.62 5.69 -6.71
N TYR B 92 29.85 6.55 -6.04
CA TYR B 92 29.08 7.64 -6.71
C TYR B 92 29.96 8.89 -6.82
N HIS B 93 30.26 9.53 -5.69
CA HIS B 93 31.12 10.73 -5.63
C HIS B 93 32.35 10.44 -4.75
N ALA B 94 32.64 9.19 -4.44
CA ALA B 94 33.92 8.80 -3.80
C ALA B 94 34.08 9.35 -2.38
N TRP B 95 32.97 9.60 -1.67
CA TRP B 95 33.07 9.80 -0.21
C TRP B 95 33.70 8.52 0.38
N THR B 96 34.75 8.68 1.19
CA THR B 96 35.60 7.58 1.70
C THR B 96 35.51 7.55 3.23
N TYR B 97 35.24 6.36 3.77
CA TYR B 97 34.97 6.14 5.19
C TYR B 97 35.97 5.12 5.74
N ARG B 98 36.41 5.31 6.96
CA ARG B 98 37.19 4.29 7.73
C ARG B 98 36.25 3.24 8.31
N TRP B 99 36.57 1.97 8.13
CA TRP B 99 35.82 0.84 8.74
C TRP B 99 35.84 0.97 10.27
N GLU B 100 36.93 1.48 10.83
CA GLU B 100 37.18 1.49 12.31
C GLU B 100 36.22 2.42 13.06
N ASP B 101 35.96 3.63 12.53
CA ASP B 101 35.12 4.62 13.24
C ASP B 101 34.07 5.27 12.33
N GLY B 102 33.93 4.84 11.06
CA GLY B 102 33.00 5.47 10.08
C GLY B 102 33.35 6.90 9.68
N VAL B 103 34.49 7.43 10.09
CA VAL B 103 34.80 8.86 9.84
C VAL B 103 34.98 9.05 8.33
N LEU B 104 34.38 10.11 7.79
CA LEU B 104 34.59 10.57 6.42
C LEU B 104 36.02 11.17 6.34
N CYS B 105 36.97 10.40 5.86
CA CYS B 105 38.41 10.75 5.96
C CYS B 105 38.90 11.36 4.64
N ASP B 106 38.19 11.17 3.54
CA ASP B 106 38.63 11.65 2.22
C ASP B 106 37.44 11.72 1.27
N ILE B 107 37.56 12.54 0.25
CA ILE B 107 36.56 12.57 -0.85
C ILE B 107 37.33 12.76 -2.14
N LEU B 108 37.44 11.74 -2.97
CA LEU B 108 38.34 11.79 -4.15
C LEU B 108 37.83 12.82 -5.16
N THR B 109 36.52 13.10 -5.23
CA THR B 109 35.92 14.09 -6.16
C THR B 109 36.16 15.52 -5.65
N ASN B 110 36.62 15.70 -4.42
CA ASN B 110 36.85 17.05 -3.87
C ASN B 110 37.62 16.95 -2.56
N PRO B 111 38.98 16.92 -2.64
CA PRO B 111 39.82 16.71 -1.47
C PRO B 111 39.86 17.93 -0.56
N THR B 112 39.28 19.02 -0.99
CA THR B 112 39.20 20.28 -0.21
C THR B 112 37.84 20.43 0.47
N SER B 113 36.93 19.47 0.35
CA SER B 113 35.57 19.61 0.94
C SER B 113 35.61 19.88 2.45
N ALA B 114 34.78 20.80 2.93
CA ALA B 114 34.55 21.07 4.37
C ALA B 114 33.95 19.84 5.06
N GLN B 115 33.42 18.85 4.34
CA GLN B 115 32.73 17.69 4.98
C GLN B 115 33.80 16.74 5.53
N ILE B 116 35.01 16.82 4.99
CA ILE B 116 36.07 15.82 5.30
C ILE B 116 36.40 15.98 6.80
N GLY B 117 36.45 14.88 7.54
CA GLY B 117 36.75 14.93 8.98
C GLY B 117 35.55 15.41 9.80
N ARG B 118 34.46 15.88 9.19
CA ARG B 118 33.35 16.49 9.96
C ARG B 118 32.06 15.65 9.91
N GLN B 119 32.04 14.50 9.25
CA GLN B 119 30.84 13.63 9.19
C GLN B 119 31.31 12.23 9.56
N LYS B 120 30.41 11.41 10.02
CA LYS B 120 30.71 9.99 10.26
C LYS B 120 29.48 9.12 9.98
N LEU B 121 29.76 8.05 9.25
CA LEU B 121 28.80 7.00 8.89
C LEU B 121 28.58 6.14 10.13
N LYS B 122 27.34 5.72 10.34
CA LYS B 122 27.01 4.88 11.51
C LYS B 122 27.86 3.60 11.47
N THR B 123 28.50 3.25 12.60
CA THR B 123 29.12 1.91 12.83
C THR B 123 28.31 1.16 13.89
N TYR B 124 28.37 -0.16 13.87
CA TYR B 124 27.82 -1.01 14.94
C TYR B 124 28.90 -1.96 15.44
N PRO B 125 28.96 -2.22 16.76
CA PRO B 125 29.89 -3.24 17.27
C PRO B 125 29.55 -4.61 16.69
N VAL B 126 30.60 -5.37 16.42
CA VAL B 126 30.55 -6.76 15.91
CA VAL B 126 30.48 -6.75 15.88
C VAL B 126 31.49 -7.59 16.78
C VAL B 126 31.50 -7.65 16.60
N GLN B 127 31.02 -8.78 17.15
CA GLN B 127 31.77 -9.71 18.01
C GLN B 127 31.49 -11.12 17.48
N GLU B 128 32.53 -11.94 17.40
CA GLU B 128 32.45 -13.35 16.97
C GLU B 128 32.58 -14.22 18.22
N ALA B 129 31.67 -15.16 18.41
CA ALA B 129 31.71 -16.14 19.51
C ALA B 129 31.12 -17.43 18.96
N LYS B 130 31.79 -18.56 19.22
CA LYS B 130 31.25 -19.88 18.86
C LYS B 130 31.00 -19.93 17.36
N GLY B 131 31.90 -19.30 16.60
CA GLY B 131 31.85 -19.25 15.13
C GLY B 131 30.57 -18.59 14.62
N CYS B 132 29.94 -17.75 15.41
CA CYS B 132 28.74 -16.96 15.04
C CYS B 132 29.08 -15.47 15.11
N VAL B 133 28.53 -14.70 14.18
CA VAL B 133 28.77 -13.23 14.07
C VAL B 133 27.57 -12.50 14.67
N PHE B 134 27.82 -11.77 15.73
CA PHE B 134 26.82 -10.99 16.47
C PHE B 134 27.09 -9.51 16.17
N ILE B 135 26.03 -8.79 15.85
CA ILE B 135 26.06 -7.31 15.69
C ILE B 135 25.21 -6.69 16.80
N TYR B 136 25.77 -5.72 17.50
CA TYR B 136 25.03 -4.93 18.48
C TYR B 136 24.28 -3.86 17.70
N LEU B 137 23.00 -4.08 17.42
CA LEU B 137 22.21 -3.06 16.69
C LEU B 137 21.73 -2.07 17.74
N GLY B 138 22.58 -1.11 18.06
CA GLY B 138 22.27 -0.07 19.04
C GLY B 138 23.36 0.96 19.20
N ASP B 139 23.19 1.80 20.20
CA ASP B 139 23.91 3.10 20.34
C ASP B 139 24.71 3.03 21.64
N GLY B 140 25.91 3.59 21.64
CA GLY B 140 26.76 3.67 22.83
C GLY B 140 27.50 2.36 23.01
N ASP B 141 28.34 2.29 24.03
CA ASP B 141 29.25 1.13 24.22
C ASP B 141 28.35 -0.04 24.56
N PRO B 142 28.57 -1.20 23.92
CA PRO B 142 27.68 -2.34 24.11
C PRO B 142 27.81 -3.05 25.46
N PRO B 143 26.75 -3.73 25.93
CA PRO B 143 26.87 -4.61 27.08
C PRO B 143 27.66 -5.86 26.67
N PRO B 144 28.02 -6.71 27.62
CA PRO B 144 28.63 -7.99 27.29
C PRO B 144 27.60 -8.84 26.53
N LEU B 145 28.09 -9.58 25.54
CA LEU B 145 27.33 -10.52 24.69
C LEU B 145 26.48 -11.44 25.57
N ALA B 146 27.00 -11.89 26.71
CA ALA B 146 26.36 -12.92 27.54
C ALA B 146 24.95 -12.46 27.92
N ARG B 147 24.75 -11.14 28.09
CA ARG B 147 23.44 -10.58 28.53
C ARG B 147 22.35 -11.05 27.56
N ASP B 148 22.70 -11.15 26.27
CA ASP B 148 21.78 -11.40 25.13
C ASP B 148 22.00 -12.80 24.57
N THR B 149 22.59 -13.70 25.35
CA THR B 149 22.69 -15.14 24.97
C THR B 149 22.05 -15.99 26.06
N PRO B 150 21.56 -17.20 25.75
CA PRO B 150 21.00 -18.09 26.76
C PRO B 150 22.10 -18.71 27.61
N PRO B 151 21.80 -19.16 28.83
CA PRO B 151 22.78 -19.88 29.66
C PRO B 151 23.43 -21.04 28.90
N ASN B 152 24.76 -21.12 28.98
CA ASN B 152 25.63 -22.27 28.56
C ASN B 152 26.11 -22.09 27.12
N PHE B 153 25.47 -21.22 26.33
CA PHE B 153 25.80 -21.05 24.90
C PHE B 153 27.29 -20.76 24.75
N LEU B 154 27.82 -19.92 25.62
CA LEU B 154 29.23 -19.45 25.56
C LEU B 154 30.16 -20.35 26.41
N ASP B 155 29.69 -21.50 26.93
CA ASP B 155 30.53 -22.42 27.74
C ASP B 155 31.81 -22.79 26.95
N ASP B 156 32.96 -22.85 27.61
CA ASP B 156 34.27 -23.14 26.96
C ASP B 156 34.21 -24.41 26.11
N ASP B 157 33.60 -25.47 26.64
CA ASP B 157 33.64 -26.84 26.05
C ASP B 157 32.48 -27.02 25.07
N MET B 158 31.47 -26.15 25.11
CA MET B 158 30.26 -26.28 24.24
C MET B 158 30.62 -25.97 22.78
N GLU B 159 30.57 -27.00 21.95
CA GLU B 159 30.83 -26.93 20.50
C GLU B 159 29.50 -26.58 19.83
N ILE B 160 29.50 -25.50 19.05
CA ILE B 160 28.30 -24.92 18.40
C ILE B 160 28.40 -25.15 16.89
N LEU B 161 27.39 -25.74 16.32
CA LEU B 161 27.25 -25.92 14.87
C LEU B 161 25.84 -25.44 14.51
N GLY B 162 25.62 -24.97 13.29
CA GLY B 162 24.26 -24.48 13.00
C GLY B 162 23.97 -24.21 11.55
N LYS B 163 22.83 -23.56 11.33
CA LYS B 163 22.23 -23.27 10.02
C LYS B 163 21.50 -21.94 10.20
N ASN B 164 21.50 -21.10 9.16
CA ASN B 164 20.77 -19.80 9.17
C ASN B 164 20.04 -19.67 7.83
N GLN B 165 18.89 -19.02 7.85
CA GLN B 165 18.10 -18.80 6.62
C GLN B 165 17.07 -17.69 6.88
N ILE B 166 16.49 -17.15 5.81
CA ILE B 166 15.49 -16.05 5.91
C ILE B 166 14.09 -16.65 5.86
N ILE B 167 13.26 -16.30 6.85
CA ILE B 167 11.87 -16.78 7.00
C ILE B 167 10.89 -15.59 6.91
N LYS B 168 9.80 -15.80 6.16
CA LYS B 168 8.76 -14.78 5.86
C LYS B 168 7.73 -14.78 7.00
N SER B 169 8.18 -14.41 8.19
CA SER B 169 7.25 -13.95 9.25
C SER B 169 7.94 -12.90 10.09
N ASN B 170 7.12 -12.08 10.75
CA ASN B 170 7.56 -11.21 11.84
C ASN B 170 8.27 -12.09 12.87
N TRP B 171 9.35 -11.56 13.44
CA TRP B 171 10.18 -12.23 14.46
C TRP B 171 9.32 -12.70 15.66
N ARG B 172 8.28 -11.97 16.04
CA ARG B 172 7.55 -12.30 17.30
C ARG B 172 6.74 -13.58 17.14
N LEU B 173 6.23 -13.84 15.93
CA LEU B 173 5.48 -15.06 15.62
C LEU B 173 6.46 -16.24 15.76
N ALA B 174 7.72 -16.09 15.35
CA ALA B 174 8.77 -17.14 15.48
C ALA B 174 9.06 -17.41 16.97
N VAL B 175 9.23 -16.34 17.76
CA VAL B 175 9.49 -16.47 19.23
C VAL B 175 8.33 -17.21 19.90
N GLU B 176 7.11 -16.75 19.68
CA GLU B 176 5.96 -17.31 20.43
C GLU B 176 5.79 -18.77 20.05
N ASN B 177 5.86 -19.07 18.75
CA ASN B 177 5.76 -20.47 18.28
C ASN B 177 6.81 -21.34 18.97
N GLY B 178 8.08 -20.91 18.95
CA GLY B 178 9.20 -21.61 19.60
C GLY B 178 8.93 -21.90 21.09
N PHE B 179 8.35 -20.93 21.83
CA PHE B 179 8.19 -20.98 23.32
C PHE B 179 6.83 -21.58 23.71
N ASP B 180 5.98 -21.86 22.72
CA ASP B 180 4.57 -22.30 22.86
C ASP B 180 4.56 -23.74 23.41
N PRO B 181 4.17 -24.01 24.66
CA PRO B 181 4.24 -25.39 25.18
C PRO B 181 3.35 -26.41 24.42
N SER B 182 2.17 -26.00 23.95
CA SER B 182 1.20 -26.89 23.25
C SER B 182 1.50 -27.09 21.76
N HIS B 183 2.41 -26.32 21.15
CA HIS B 183 2.66 -26.38 19.69
C HIS B 183 3.38 -27.70 19.34
N ILE B 184 3.91 -28.40 20.34
CA ILE B 184 4.55 -29.75 20.21
C ILE B 184 3.67 -30.69 19.35
N TYR B 185 2.35 -30.52 19.39
CA TYR B 185 1.38 -31.22 18.53
C TYR B 185 1.82 -31.22 17.06
N ILE B 186 2.42 -30.13 16.57
CA ILE B 186 2.81 -30.01 15.13
C ILE B 186 4.01 -30.92 14.87
N HIS B 187 4.66 -31.40 15.90
CA HIS B 187 5.86 -32.22 15.69
C HIS B 187 5.60 -33.73 15.78
N LYS B 188 4.35 -34.14 15.91
CA LYS B 188 3.96 -35.54 16.28
C LYS B 188 4.37 -36.55 15.21
N ASP B 189 4.52 -36.14 13.94
CA ASP B 189 4.91 -37.02 12.81
C ASP B 189 6.32 -36.68 12.35
N SER B 190 7.08 -35.86 13.07
CA SER B 190 8.45 -35.52 12.64
C SER B 190 9.26 -36.82 12.52
N ILE B 191 10.17 -36.90 11.54
CA ILE B 191 11.04 -38.09 11.33
C ILE B 191 11.91 -38.26 12.58
N LEU B 192 12.28 -37.17 13.26
CA LEU B 192 13.14 -37.22 14.46
C LEU B 192 12.48 -38.11 15.51
N VAL B 193 11.16 -38.03 15.64
CA VAL B 193 10.41 -38.73 16.71
C VAL B 193 10.61 -40.26 16.56
N LYS B 194 10.33 -40.84 15.39
CA LYS B 194 10.53 -42.29 15.17
C LYS B 194 12.04 -42.57 15.08
N ASP B 195 12.76 -41.84 14.22
CA ASP B 195 14.14 -42.23 13.83
C ASP B 195 15.19 -41.92 14.91
N ASN B 196 14.83 -41.25 16.02
CA ASN B 196 15.74 -41.06 17.19
C ASN B 196 14.98 -41.46 18.46
N ASP B 197 13.88 -42.18 18.29
CA ASP B 197 13.24 -42.92 19.41
C ASP B 197 12.93 -41.96 20.56
N LEU B 198 12.25 -40.84 20.30
CA LEU B 198 11.98 -39.80 21.32
C LEU B 198 10.68 -40.16 22.05
N ALA B 199 10.60 -39.87 23.35
CA ALA B 199 9.30 -39.64 24.03
C ALA B 199 8.85 -38.24 23.65
N LEU B 200 7.60 -38.09 23.23
CA LEU B 200 7.07 -36.75 22.86
C LEU B 200 5.58 -36.76 23.03
N PRO B 201 5.10 -36.05 24.05
CA PRO B 201 3.67 -35.94 24.26
C PRO B 201 3.05 -35.08 23.16
N LEU B 202 1.71 -35.09 23.15
CA LEU B 202 0.86 -34.28 22.25
C LEU B 202 0.62 -32.91 22.88
N GLY B 203 0.79 -32.80 24.19
CA GLY B 203 0.45 -31.59 24.96
C GLY B 203 0.50 -31.83 26.46
N PHE B 204 -0.13 -30.94 27.25
CA PHE B 204 -0.09 -30.96 28.73
C PHE B 204 -1.39 -30.50 29.32
N ALA B 205 -1.92 -31.28 30.28
CA ALA B 205 -2.93 -30.84 31.27
C ALA B 205 -2.17 -30.11 32.37
N PRO B 206 -2.27 -28.77 32.47
CA PRO B 206 -1.40 -28.05 33.42
C PRO B 206 -1.90 -28.35 34.83
N GLY B 207 -1.03 -28.16 35.81
CA GLY B 207 -1.45 -28.16 37.23
C GLY B 207 -0.79 -27.06 38.01
N GLY B 208 -1.33 -26.77 39.20
CA GLY B 208 -0.81 -25.73 40.10
C GLY B 208 -1.33 -24.36 39.71
N ASP B 209 -0.79 -23.29 40.29
CA ASP B 209 -1.33 -21.92 40.03
C ASP B 209 -0.58 -21.29 38.83
N ARG B 210 -1.04 -20.10 38.44
CA ARG B 210 -0.47 -19.33 37.29
C ARG B 210 1.03 -19.13 37.50
N LYS B 211 1.44 -18.66 38.70
CA LYS B 211 2.86 -18.34 38.95
C LYS B 211 3.69 -19.60 38.78
N GLN B 212 3.18 -20.79 39.09
CA GLN B 212 3.96 -22.05 38.97
C GLN B 212 4.17 -22.47 37.50
N GLN B 213 3.46 -21.88 36.53
CA GLN B 213 3.58 -22.33 35.12
C GLN B 213 4.93 -21.88 34.52
N THR B 214 5.59 -20.86 35.09
CA THR B 214 6.88 -20.31 34.57
C THR B 214 7.87 -19.96 35.69
N ARG B 215 9.14 -19.68 35.32
CA ARG B 215 10.19 -19.03 36.16
C ARG B 215 10.62 -17.81 35.34
N VAL B 216 10.22 -16.63 35.79
CA VAL B 216 10.67 -15.35 35.19
C VAL B 216 12.04 -15.02 35.78
N VAL B 217 13.07 -14.90 34.94
CA VAL B 217 14.46 -14.57 35.35
C VAL B 217 14.69 -13.09 35.09
N ASP B 218 14.70 -12.29 36.15
CA ASP B 218 15.26 -10.91 36.13
C ASP B 218 16.25 -10.75 37.28
N ASP B 219 16.82 -11.85 37.79
CA ASP B 219 17.83 -11.89 38.89
C ASP B 219 19.11 -12.57 38.39
N ASP B 220 19.31 -12.65 37.07
CA ASP B 220 20.53 -13.29 36.49
C ASP B 220 21.68 -12.28 36.55
N VAL B 221 22.84 -12.76 37.02
CA VAL B 221 24.03 -11.95 37.39
C VAL B 221 24.64 -11.27 36.13
N VAL B 222 24.53 -11.85 34.93
CA VAL B 222 25.07 -11.26 33.65
C VAL B 222 23.97 -10.42 32.97
N GLY B 223 22.82 -10.24 33.63
CA GLY B 223 21.74 -9.36 33.20
C GLY B 223 20.80 -10.02 32.19
N ARG B 224 20.99 -11.30 31.87
CA ARG B 224 20.06 -12.09 31.03
C ARG B 224 18.64 -11.91 31.52
N LYS B 225 17.68 -11.80 30.61
CA LYS B 225 16.26 -11.68 31.00
C LYS B 225 15.48 -12.67 30.15
N GLY B 226 14.64 -13.48 30.78
CA GLY B 226 14.01 -14.62 30.11
C GLY B 226 12.99 -15.29 31.00
N VAL B 227 12.40 -16.36 30.46
CA VAL B 227 11.30 -17.14 31.09
C VAL B 227 11.55 -18.62 30.83
N TYR B 228 11.45 -19.44 31.87
CA TYR B 228 11.36 -20.92 31.79
C TYR B 228 9.89 -21.36 31.73
N ASP B 229 9.67 -22.33 30.86
CA ASP B 229 8.37 -23.02 30.70
C ASP B 229 8.38 -24.17 31.70
N LEU B 230 7.62 -24.07 32.78
CA LEU B 230 7.54 -25.13 33.83
C LEU B 230 6.21 -25.89 33.74
N ILE B 231 5.58 -25.98 32.56
CA ILE B 231 4.20 -26.56 32.45
C ILE B 231 4.22 -28.00 32.97
N GLY B 232 5.29 -28.72 32.70
CA GLY B 232 5.40 -30.15 32.99
C GLY B 232 5.84 -30.46 34.42
N GLU B 233 6.14 -29.44 35.24
CA GLU B 233 6.47 -29.64 36.68
C GLU B 233 5.25 -30.14 37.46
N HIS B 234 4.04 -29.61 37.20
CA HIS B 234 2.78 -30.00 37.88
C HIS B 234 1.78 -30.56 36.85
N GLY B 235 2.12 -30.49 35.57
CA GLY B 235 1.19 -30.89 34.49
C GLY B 235 1.28 -32.37 34.19
N VAL B 236 0.18 -32.95 33.74
CA VAL B 236 0.14 -34.36 33.25
C VAL B 236 0.35 -34.30 31.75
N PRO B 237 1.43 -34.90 31.20
CA PRO B 237 1.60 -34.95 29.76
C PRO B 237 0.46 -35.78 29.10
N VAL B 238 -0.02 -35.32 27.95
CA VAL B 238 -1.04 -36.00 27.10
C VAL B 238 -0.34 -36.98 26.17
N PHE B 239 -0.63 -38.27 26.27
CA PHE B 239 -0.11 -39.28 25.32
C PHE B 239 -1.26 -39.93 24.54
N GLU B 240 -2.51 -39.70 24.92
CA GLU B 240 -3.70 -40.20 24.19
C GLU B 240 -4.67 -39.05 24.02
N GLY B 241 -4.76 -38.56 22.78
CA GLY B 241 -5.70 -37.47 22.46
C GLY B 241 -7.04 -38.03 22.10
N THR B 242 -8.09 -37.49 22.67
CA THR B 242 -9.45 -38.00 22.52
C THR B 242 -10.32 -36.95 21.82
N ILE B 243 -11.24 -37.44 20.99
CA ILE B 243 -12.47 -36.68 20.61
C ILE B 243 -13.67 -37.50 21.05
N GLY B 244 -14.63 -36.85 21.68
CA GLY B 244 -15.87 -37.50 22.16
C GLY B 244 -15.51 -38.65 23.10
N GLY B 245 -14.34 -38.57 23.75
CA GLY B 245 -13.83 -39.61 24.67
C GLY B 245 -13.19 -40.78 23.94
N GLU B 246 -13.21 -40.83 22.60
CA GLU B 246 -12.53 -41.89 21.81
C GLU B 246 -11.10 -41.44 21.49
N VAL B 247 -10.11 -42.32 21.66
CA VAL B 247 -8.69 -42.04 21.35
C VAL B 247 -8.57 -41.88 19.84
N VAL B 248 -8.10 -40.75 19.34
CA VAL B 248 -7.89 -40.56 17.88
C VAL B 248 -6.41 -40.41 17.61
N ARG B 249 -5.59 -40.19 18.63
CA ARG B 249 -4.15 -39.93 18.39
C ARG B 249 -3.33 -40.24 19.64
N GLU B 250 -2.16 -40.83 19.43
CA GLU B 250 -1.23 -41.08 20.53
C GLU B 250 0.04 -40.25 20.35
N GLY B 251 0.61 -39.78 21.45
CA GLY B 251 2.00 -39.27 21.47
C GLY B 251 2.97 -40.39 21.20
N ALA B 252 4.27 -40.09 21.26
CA ALA B 252 5.37 -41.03 20.93
C ALA B 252 5.96 -41.60 22.24
N TYR B 253 6.00 -42.93 22.35
CA TYR B 253 6.43 -43.66 23.58
C TYR B 253 7.87 -44.17 23.43
N GLY B 254 8.80 -43.38 22.86
CA GLY B 254 10.23 -43.72 22.75
C GLY B 254 10.97 -43.59 24.08
N GLU B 255 12.26 -43.96 24.12
CA GLU B 255 13.05 -44.01 25.38
C GLU B 255 13.78 -42.67 25.66
N LYS B 256 14.06 -41.85 24.65
CA LYS B 256 14.91 -40.64 24.82
C LYS B 256 14.05 -39.49 25.35
N ILE B 257 14.41 -38.97 26.53
CA ILE B 257 13.72 -37.84 27.20
C ILE B 257 14.42 -36.57 26.71
N VAL B 258 13.64 -35.66 26.13
CA VAL B 258 14.16 -34.39 25.54
C VAL B 258 13.26 -33.24 25.99
N ALA B 259 13.81 -32.03 25.94
CA ALA B 259 13.07 -30.78 26.23
C ALA B 259 12.62 -30.82 27.70
N ASN B 260 13.55 -31.12 28.59
CA ASN B 260 13.38 -30.99 30.06
C ASN B 260 13.22 -29.50 30.39
N ASP B 261 14.21 -28.65 30.03
CA ASP B 261 14.13 -27.19 30.29
C ASP B 261 14.06 -26.42 28.96
N ILE B 262 13.03 -25.60 28.85
CA ILE B 262 12.80 -24.71 27.69
C ILE B 262 12.75 -23.29 28.24
N SER B 263 13.51 -22.37 27.65
CA SER B 263 13.58 -20.97 28.10
C SER B 263 13.67 -20.03 26.89
N ILE B 264 12.97 -18.91 26.99
CA ILE B 264 13.07 -17.81 26.00
C ILE B 264 13.78 -16.62 26.66
N TRP B 265 14.73 -16.02 25.95
CA TRP B 265 15.59 -14.92 26.44
C TRP B 265 15.47 -13.72 25.51
N LEU B 266 15.38 -12.52 26.06
CA LEU B 266 15.61 -11.31 25.22
C LEU B 266 17.00 -11.42 24.58
N PRO B 267 17.20 -10.92 23.33
CA PRO B 267 16.16 -10.27 22.54
C PRO B 267 15.20 -11.18 21.75
N GLY B 268 15.35 -12.52 21.84
CA GLY B 268 14.49 -13.49 21.14
C GLY B 268 15.28 -14.73 20.76
N VAL B 269 15.70 -15.51 21.75
CA VAL B 269 16.57 -16.72 21.53
C VAL B 269 16.01 -17.78 22.47
N LEU B 270 15.68 -18.95 21.93
CA LEU B 270 15.14 -20.09 22.69
C LEU B 270 16.28 -21.05 22.98
N LYS B 271 16.27 -21.62 24.20
CA LYS B 271 17.17 -22.71 24.62
C LYS B 271 16.31 -23.91 24.92
N VAL B 272 16.58 -25.02 24.25
CA VAL B 272 15.81 -26.28 24.49
C VAL B 272 16.83 -27.32 24.95
N ASN B 273 16.62 -27.87 26.15
CA ASN B 273 17.60 -28.76 26.80
C ASN B 273 16.91 -29.94 27.48
N PRO B 274 17.37 -31.18 27.23
CA PRO B 274 18.34 -31.45 26.17
C PRO B 274 17.57 -31.67 24.86
N PHE B 275 18.23 -31.44 23.72
CA PHE B 275 17.56 -31.52 22.39
C PHE B 275 18.60 -31.30 21.31
N PRO B 276 18.55 -32.02 20.17
CA PRO B 276 17.56 -33.06 19.86
C PRO B 276 17.89 -34.49 20.38
N ASN B 277 18.95 -34.61 21.18
CA ASN B 277 19.41 -35.88 21.81
C ASN B 277 19.65 -35.60 23.29
N PRO B 278 19.60 -36.60 24.21
CA PRO B 278 19.80 -36.33 25.63
C PRO B 278 21.13 -35.70 26.06
N ASP B 279 22.14 -35.64 25.19
CA ASP B 279 23.49 -35.11 25.51
C ASP B 279 23.80 -33.82 24.70
N MET B 280 22.77 -33.18 24.15
CA MET B 280 22.93 -31.96 23.30
C MET B 280 21.94 -30.90 23.73
N MET B 281 22.16 -29.67 23.25
CA MET B 281 21.22 -28.53 23.46
C MET B 281 20.95 -27.82 22.13
N GLN B 282 19.75 -27.25 22.01
CA GLN B 282 19.38 -26.34 20.89
C GLN B 282 19.28 -24.88 21.41
N PHE B 283 19.98 -23.97 20.73
CA PHE B 283 19.85 -22.50 20.89
C PHE B 283 19.47 -21.93 19.54
N GLU B 284 18.31 -21.28 19.44
CA GLU B 284 17.85 -20.65 18.17
C GLU B 284 17.33 -19.22 18.39
N TRP B 285 17.78 -18.34 17.49
CA TRP B 285 17.40 -16.91 17.46
C TRP B 285 16.38 -16.67 16.35
N TYR B 286 15.52 -15.68 16.53
CA TYR B 286 14.57 -15.21 15.51
C TYR B 286 14.85 -13.71 15.35
N VAL B 287 15.72 -13.39 14.40
CA VAL B 287 16.37 -12.06 14.30
C VAL B 287 15.56 -11.19 13.34
N PRO B 288 15.09 -10.01 13.77
CA PRO B 288 14.26 -9.15 12.93
C PRO B 288 15.12 -8.59 11.79
N ILE B 289 14.66 -8.80 10.57
CA ILE B 289 15.27 -8.24 9.35
C ILE B 289 14.46 -7.00 8.97
N ASP B 290 13.14 -7.17 8.88
CA ASP B 290 12.16 -6.08 8.63
C ASP B 290 10.84 -6.57 9.23
N GLU B 291 9.75 -5.82 9.08
CA GLU B 291 8.49 -6.16 9.80
C GLU B 291 7.95 -7.53 9.35
N ASN B 292 8.39 -8.04 8.19
CA ASN B 292 7.79 -9.23 7.54
C ASN B 292 8.70 -10.45 7.62
N THR B 293 9.95 -10.28 8.05
CA THR B 293 10.98 -11.34 7.87
CA THR B 293 11.05 -11.24 7.82
C THR B 293 11.91 -11.39 9.07
N HIS B 294 12.48 -12.59 9.29
CA HIS B 294 13.50 -12.82 10.34
C HIS B 294 14.56 -13.78 9.85
N TYR B 295 15.76 -13.72 10.44
CA TYR B 295 16.71 -14.86 10.34
C TYR B 295 16.26 -15.91 11.34
N TYR B 296 16.16 -17.15 10.88
CA TYR B 296 15.99 -18.31 11.78
C TYR B 296 17.39 -18.89 11.97
N PHE B 297 18.05 -18.43 13.02
CA PHE B 297 19.46 -18.75 13.30
C PHE B 297 19.49 -19.90 14.28
N GLN B 298 19.65 -21.12 13.74
CA GLN B 298 19.64 -22.40 14.51
C GLN B 298 21.06 -22.77 14.95
N THR B 299 21.23 -23.14 16.22
CA THR B 299 22.49 -23.76 16.68
C THR B 299 22.15 -24.99 17.52
N LEU B 300 23.07 -25.96 17.46
CA LEU B 300 23.10 -27.16 18.33
C LEU B 300 24.41 -27.13 19.11
N GLY B 301 24.33 -27.29 20.41
CA GLY B 301 25.52 -27.40 21.27
C GLY B 301 25.73 -28.83 21.76
N LYS B 302 26.97 -29.31 21.72
CA LYS B 302 27.40 -30.58 22.38
C LYS B 302 28.75 -30.35 23.05
N PRO B 303 28.86 -30.50 24.39
CA PRO B 303 30.17 -30.49 25.05
C PRO B 303 31.09 -31.49 24.34
N CYS B 304 32.29 -31.03 23.99
CA CYS B 304 33.38 -31.80 23.33
C CYS B 304 34.68 -31.45 24.07
N ALA B 305 35.60 -32.42 24.24
CA ALA B 305 36.82 -32.31 25.09
C ALA B 305 38.09 -32.11 24.25
N ASN B 306 38.05 -32.48 22.96
CA ASN B 306 39.24 -32.51 22.07
C ASN B 306 38.78 -32.54 20.61
N ASP B 307 39.73 -32.45 19.67
CA ASP B 307 39.47 -32.40 18.20
C ASP B 307 38.77 -33.68 17.71
N GLU B 308 38.94 -34.80 18.42
CA GLU B 308 38.38 -36.11 18.00
C GLU B 308 36.86 -36.03 18.16
N GLU B 309 36.42 -35.59 19.33
CA GLU B 309 34.98 -35.44 19.70
C GLU B 309 34.33 -34.38 18.79
N ARG B 310 35.04 -33.28 18.53
CA ARG B 310 34.58 -32.16 17.67
C ARG B 310 34.33 -32.66 16.25
N LYS B 311 35.28 -33.39 15.67
CA LYS B 311 35.14 -33.91 14.28
C LYS B 311 34.00 -34.94 14.24
N LYS B 312 33.88 -35.83 15.24
CA LYS B 312 32.79 -36.84 15.25
C LYS B 312 31.43 -36.11 15.40
N TYR B 313 31.36 -35.11 16.29
CA TYR B 313 30.17 -34.22 16.43
C TYR B 313 29.81 -33.60 15.07
N GLU B 314 30.78 -32.99 14.39
CA GLU B 314 30.59 -32.38 13.05
C GLU B 314 30.04 -33.42 12.08
N GLN B 315 30.63 -34.64 12.04
CA GLN B 315 30.15 -35.70 11.12
C GLN B 315 28.68 -36.04 11.43
N GLU B 316 28.31 -36.22 12.70
CA GLU B 316 26.91 -36.59 13.04
C GLU B 316 25.97 -35.42 12.75
N PHE B 317 26.43 -34.17 13.00
CA PHE B 317 25.68 -32.93 12.66
C PHE B 317 25.30 -33.01 11.18
N GLU B 318 26.30 -33.14 10.30
CA GLU B 318 26.09 -33.21 8.82
C GLU B 318 25.21 -34.40 8.43
N SER B 319 25.43 -35.59 9.02
CA SER B 319 24.76 -36.83 8.56
C SER B 319 23.40 -37.00 9.25
N LYS B 320 23.23 -36.57 10.49
CA LYS B 320 21.98 -36.85 11.25
C LYS B 320 21.28 -35.55 11.76
N TRP B 321 21.90 -34.77 12.65
CA TRP B 321 21.18 -33.71 13.44
C TRP B 321 20.62 -32.59 12.54
N LYS B 322 21.42 -32.07 11.62
CA LYS B 322 20.98 -31.03 10.65
C LYS B 322 19.83 -31.53 9.79
N PRO B 323 19.97 -32.65 9.01
CA PRO B 323 18.85 -33.15 8.22
C PRO B 323 17.66 -33.62 9.06
N MET B 324 17.92 -34.40 10.12
CA MET B 324 16.84 -35.07 10.87
C MET B 324 16.17 -34.10 11.87
N ALA B 325 16.93 -33.19 12.51
CA ALA B 325 16.37 -32.31 13.57
C ALA B 325 16.17 -30.88 13.01
N LEU B 326 17.23 -30.23 12.58
CA LEU B 326 17.17 -28.79 12.25
C LEU B 326 16.19 -28.62 11.11
N GLU B 327 16.19 -29.58 10.18
CA GLU B 327 15.24 -29.59 9.04
C GLU B 327 14.07 -30.50 9.40
N GLY B 328 14.32 -31.80 9.67
CA GLY B 328 13.24 -32.79 9.81
C GLY B 328 12.28 -32.47 10.95
N PHE B 329 12.72 -31.78 11.99
CA PHE B 329 11.85 -31.36 13.12
C PHE B 329 11.38 -29.91 12.94
N ASN B 330 12.30 -28.98 12.70
CA ASN B 330 11.95 -27.52 12.78
C ASN B 330 11.28 -27.02 11.49
N ASN B 331 11.32 -27.76 10.38
CA ASN B 331 10.63 -27.31 9.13
C ASN B 331 9.17 -27.06 9.43
N ASP B 332 8.52 -27.85 10.29
CA ASP B 332 7.09 -27.64 10.61
C ASP B 332 6.88 -26.30 11.36
N ASP B 333 7.87 -25.89 12.16
CA ASP B 333 7.84 -24.56 12.83
C ASP B 333 7.78 -23.44 11.79
N ILE B 334 8.57 -23.55 10.72
CA ILE B 334 8.65 -22.49 9.67
C ILE B 334 7.25 -22.24 9.15
N TRP B 335 6.52 -23.25 8.69
CA TRP B 335 5.23 -22.93 8.03
C TRP B 335 4.15 -22.63 9.09
N ALA B 336 4.35 -23.05 10.34
CA ALA B 336 3.46 -22.68 11.48
C ALA B 336 3.53 -21.16 11.71
N ARG B 337 4.76 -20.63 11.69
CA ARG B 337 5.02 -19.16 11.76
C ARG B 337 4.29 -18.45 10.61
N GLU B 338 4.47 -18.94 9.39
CA GLU B 338 3.87 -18.31 8.19
C GLU B 338 2.35 -18.33 8.32
N ALA B 339 1.78 -19.36 8.94
CA ALA B 339 0.31 -19.50 9.02
C ALA B 339 -0.32 -18.43 9.93
N MET B 340 0.46 -17.85 10.86
CA MET B 340 -0.04 -16.79 11.77
C MET B 340 0.07 -15.41 11.11
N VAL B 341 0.80 -15.27 10.01
CA VAL B 341 1.08 -13.93 9.45
C VAL B 341 -0.23 -13.16 9.27
N ASP B 342 -1.21 -13.72 8.58
CA ASP B 342 -2.42 -12.95 8.17
C ASP B 342 -3.14 -12.41 9.39
N PHE B 343 -3.30 -13.22 10.44
CA PHE B 343 -4.13 -12.80 11.58
C PHE B 343 -3.47 -11.61 12.28
N TYR B 344 -2.13 -11.58 12.30
CA TYR B 344 -1.39 -10.52 13.06
C TYR B 344 -0.94 -9.36 12.15
N ALA B 345 -1.03 -9.52 10.84
CA ALA B 345 -0.43 -8.57 9.86
C ALA B 345 -1.07 -7.17 9.98
N ASP B 346 -2.36 -7.06 10.34
CA ASP B 346 -3.05 -5.77 10.52
C ASP B 346 -3.00 -5.33 11.98
N ASP B 347 -2.19 -6.01 12.80
CA ASP B 347 -2.06 -5.82 14.27
C ASP B 347 -3.36 -6.20 15.03
N LYS B 348 -4.41 -6.70 14.40
CA LYS B 348 -5.67 -6.99 15.12
C LYS B 348 -5.62 -8.37 15.81
N GLY B 349 -4.77 -9.28 15.38
CA GLY B 349 -4.51 -10.57 16.03
C GLY B 349 -4.13 -10.40 17.50
N TRP B 350 -3.42 -9.31 17.82
CA TRP B 350 -2.99 -8.96 19.20
C TRP B 350 -4.21 -8.68 20.09
N VAL B 351 -5.37 -8.39 19.50
CA VAL B 351 -6.63 -8.10 20.25
C VAL B 351 -7.56 -9.32 20.21
N ASN B 352 -7.67 -9.97 19.06
CA ASN B 352 -8.73 -10.94 18.75
C ASN B 352 -8.32 -12.38 19.11
N GLU B 353 -7.03 -12.65 19.30
CA GLU B 353 -6.55 -14.01 19.67
C GLU B 353 -7.38 -14.53 20.88
N ILE B 354 -7.77 -15.80 20.88
CA ILE B 354 -8.45 -16.41 22.05
C ILE B 354 -7.49 -17.41 22.69
N LEU B 355 -6.87 -17.02 23.81
CA LEU B 355 -5.76 -17.79 24.43
C LEU B 355 -6.35 -18.93 25.28
N PHE B 356 -5.60 -20.02 25.47
CA PHE B 356 -5.92 -21.04 26.51
C PHE B 356 -4.71 -21.21 27.45
N GLU B 357 -4.83 -22.14 28.41
CA GLU B 357 -4.00 -22.21 29.64
C GLU B 357 -2.51 -22.20 29.32
N SER B 358 -2.03 -23.01 28.38
CA SER B 358 -0.57 -23.10 28.11
C SER B 358 0.01 -21.79 27.55
N ASP B 359 -0.83 -20.87 27.07
CA ASP B 359 -0.42 -19.53 26.57
C ASP B 359 0.07 -18.65 27.73
N GLU B 360 -0.05 -19.11 28.97
CA GLU B 360 0.53 -18.40 30.13
C GLU B 360 2.03 -18.22 29.92
N ALA B 361 2.73 -19.20 29.36
CA ALA B 361 4.16 -19.08 28.98
C ALA B 361 4.35 -17.92 28.00
N ILE B 362 3.46 -17.77 27.02
CA ILE B 362 3.58 -16.73 25.95
C ILE B 362 3.30 -15.38 26.62
N VAL B 363 2.32 -15.31 27.51
CA VAL B 363 1.98 -14.03 28.21
C VAL B 363 3.17 -13.59 29.07
N ALA B 364 3.81 -14.50 29.76
CA ALA B 364 4.96 -14.23 30.66
C ALA B 364 6.11 -13.63 29.84
N TRP B 365 6.32 -14.18 28.64
CA TRP B 365 7.36 -13.68 27.71
C TRP B 365 6.97 -12.27 27.25
N ARG B 366 5.71 -12.04 26.90
CA ARG B 366 5.26 -10.72 26.37
C ARG B 366 5.47 -9.63 27.43
N LYS B 367 5.20 -9.95 28.69
CA LYS B 367 5.40 -9.02 29.82
C LYS B 367 6.90 -8.80 30.07
N LEU B 368 7.71 -9.86 30.09
CA LEU B 368 9.19 -9.80 30.28
C LEU B 368 9.81 -8.91 29.19
N ALA B 369 9.44 -9.19 27.96
CA ALA B 369 9.93 -8.47 26.77
C ALA B 369 9.54 -6.99 26.88
N SER B 370 8.30 -6.70 27.23
CA SER B 370 7.76 -5.33 27.39
C SER B 370 8.54 -4.56 28.46
N GLU B 371 8.91 -5.21 29.55
CA GLU B 371 9.48 -4.52 30.73
C GLU B 371 11.01 -4.42 30.59
N HIS B 372 11.71 -5.30 29.89
CA HIS B 372 13.17 -5.41 30.01
C HIS B 372 13.89 -5.20 28.68
N ASN B 373 13.17 -4.94 27.58
CA ASN B 373 13.80 -4.63 26.27
C ASN B 373 14.60 -3.33 26.44
N GLN B 374 15.62 -3.13 25.61
CA GLN B 374 16.55 -1.97 25.71
C GLN B 374 16.19 -0.90 24.68
N GLY B 375 15.03 -0.99 24.04
CA GLY B 375 14.57 0.06 23.11
C GLY B 375 13.72 -0.49 21.98
N ILE B 376 12.76 0.31 21.55
CA ILE B 376 11.85 -0.01 20.40
C ILE B 376 12.47 0.55 19.12
N GLN B 377 12.86 -0.29 18.18
CA GLN B 377 13.27 0.17 16.83
C GLN B 377 12.05 0.80 16.13
N THR B 378 12.25 1.95 15.50
CA THR B 378 11.21 2.70 14.76
C THR B 378 11.68 2.93 13.32
N GLN B 379 10.73 3.25 12.44
CA GLN B 379 11.02 3.52 11.02
C GLN B 379 11.96 4.73 10.95
N ALA B 380 11.87 5.64 11.91
CA ALA B 380 12.72 6.84 11.97
C ALA B 380 14.18 6.44 12.30
N HIS B 381 14.42 5.42 13.12
CA HIS B 381 15.79 4.80 13.22
C HIS B 381 16.29 4.38 11.84
N VAL B 382 15.40 3.85 10.99
CA VAL B 382 15.81 3.35 9.67
C VAL B 382 16.11 4.54 8.74
N SER B 383 15.22 5.54 8.69
CA SER B 383 15.34 6.65 7.71
C SER B 383 16.31 7.73 8.22
N GLY B 384 16.29 8.01 9.53
CA GLY B 384 17.07 9.07 10.19
C GLY B 384 16.21 9.72 11.26
N LEU B 385 16.72 9.75 12.50
CA LEU B 385 15.91 10.16 13.67
C LEU B 385 15.40 11.60 13.46
N GLU B 386 14.14 11.81 13.90
CA GLU B 386 13.33 13.04 13.68
C GLU B 386 13.04 13.67 15.04
N HIS B 387 13.43 14.92 15.25
CA HIS B 387 13.13 15.66 16.51
C HIS B 387 13.09 17.15 16.20
N HIS B 388 12.09 17.82 16.78
CA HIS B 388 11.86 19.28 16.64
C HIS B 388 12.17 19.93 17.98
N HIS B 389 12.84 21.09 17.96
CA HIS B 389 13.10 21.93 19.16
C HIS B 389 11.77 22.31 19.85
N HIS B 390 11.75 22.25 21.19
CA HIS B 390 10.57 22.55 22.06
C HIS B 390 10.85 23.78 22.95
N ALA C 2 -18.30 2.63 5.66
CA ALA C 2 -17.13 2.10 6.42
C ALA C 2 -15.96 1.76 5.48
N ASN C 3 -16.21 1.53 4.18
CA ASN C 3 -15.20 0.92 3.27
C ASN C 3 -14.60 2.00 2.35
N VAL C 4 -15.25 3.16 2.24
CA VAL C 4 -14.90 4.19 1.23
C VAL C 4 -14.74 5.53 1.95
N ASP C 5 -13.79 6.36 1.49
CA ASP C 5 -13.65 7.78 1.91
C ASP C 5 -15.04 8.43 2.06
N GLU C 6 -15.35 8.96 3.25
CA GLU C 6 -16.68 9.58 3.54
C GLU C 6 -16.96 10.77 2.63
N ALA C 7 -15.93 11.47 2.17
CA ALA C 7 -16.11 12.61 1.23
C ALA C 7 -16.69 12.09 -0.10
N ILE C 8 -16.31 10.88 -0.54
CA ILE C 8 -16.88 10.31 -1.80
C ILE C 8 -18.32 9.87 -1.52
N LEU C 9 -18.57 9.19 -0.40
CA LEU C 9 -19.92 8.71 -0.04
C LEU C 9 -20.89 9.89 0.05
N LYS C 10 -20.49 11.04 0.61
CA LYS C 10 -21.37 12.23 0.73
C LYS C 10 -21.75 12.78 -0.67
N ARG C 11 -20.86 12.62 -1.63
CA ARG C 11 -21.12 13.03 -3.03
C ARG C 11 -22.17 12.12 -3.71
N VAL C 12 -22.23 10.82 -3.43
CA VAL C 12 -23.11 9.90 -4.19
C VAL C 12 -24.39 9.62 -3.39
N LYS C 13 -25.16 10.68 -3.15
CA LYS C 13 -26.38 10.66 -2.26
C LYS C 13 -27.41 9.65 -2.76
N GLY C 14 -27.53 9.46 -4.08
CA GLY C 14 -28.47 8.49 -4.67
C GLY C 14 -28.17 7.04 -4.30
N TRP C 15 -26.94 6.68 -3.94
CA TRP C 15 -26.55 5.24 -3.90
C TRP C 15 -25.30 5.02 -3.04
N ALA C 16 -25.20 5.70 -1.89
CA ALA C 16 -24.00 5.66 -1.03
C ALA C 16 -23.78 4.24 -0.50
N PRO C 17 -24.83 3.56 0.01
CA PRO C 17 -24.66 2.20 0.51
C PRO C 17 -24.00 1.28 -0.54
N TYR C 18 -24.43 1.42 -1.79
CA TYR C 18 -23.93 0.59 -2.92
C TYR C 18 -22.47 0.90 -3.21
N VAL C 19 -22.12 2.18 -3.23
CA VAL C 19 -20.68 2.60 -3.36
C VAL C 19 -19.84 2.12 -2.18
N ASP C 20 -20.42 2.04 -0.98
CA ASP C 20 -19.73 1.55 0.23
C ASP C 20 -19.56 0.02 0.18
N ALA C 21 -20.39 -0.69 -0.59
CA ALA C 21 -20.48 -2.17 -0.57
C ALA C 21 -19.38 -2.79 -1.44
N LYS C 22 -18.14 -2.36 -1.27
CA LYS C 22 -17.01 -2.88 -2.07
C LYS C 22 -16.81 -4.39 -1.84
N LEU C 23 -17.11 -4.90 -0.65
CA LEU C 23 -16.92 -6.32 -0.26
C LEU C 23 -18.21 -7.11 -0.47
N GLY C 24 -19.26 -6.42 -0.90
CA GLY C 24 -20.57 -7.02 -1.19
C GLY C 24 -21.50 -6.87 -0.01
N PHE C 25 -22.67 -7.47 -0.13
CA PHE C 25 -23.78 -7.32 0.83
C PHE C 25 -23.87 -8.57 1.69
N ARG C 26 -23.82 -8.37 3.01
CA ARG C 26 -23.96 -9.47 3.99
C ARG C 26 -25.44 -9.86 4.08
N ASN C 27 -25.72 -11.08 4.53
CA ASN C 27 -27.10 -11.55 4.88
C ASN C 27 -27.85 -11.86 3.57
N HIS C 28 -27.14 -12.39 2.56
CA HIS C 28 -27.74 -12.97 1.33
C HIS C 28 -27.13 -14.33 1.05
N TRP C 29 -27.83 -15.13 0.25
CA TRP C 29 -27.33 -16.40 -0.33
C TRP C 29 -26.46 -16.12 -1.55
N TYR C 30 -25.36 -16.82 -1.69
CA TYR C 30 -24.44 -16.74 -2.86
C TYR C 30 -24.07 -18.14 -3.30
N PRO C 31 -24.12 -18.43 -4.62
CA PRO C 31 -23.53 -19.68 -5.12
C PRO C 31 -22.00 -19.60 -5.19
N VAL C 32 -21.29 -20.68 -4.85
CA VAL C 32 -19.80 -20.62 -4.83
C VAL C 32 -19.16 -21.77 -5.60
N MET C 33 -19.89 -22.85 -5.84
CA MET C 33 -19.35 -23.98 -6.61
C MET C 33 -20.54 -24.83 -7.05
N PHE C 34 -20.30 -25.84 -7.86
CA PHE C 34 -21.31 -26.87 -8.18
C PHE C 34 -21.20 -28.02 -7.18
N SER C 35 -22.35 -28.62 -6.87
CA SER C 35 -22.50 -29.83 -6.00
C SER C 35 -21.44 -30.87 -6.35
N LYS C 36 -21.23 -31.10 -7.66
N LYS C 36 -21.22 -31.12 -7.65
CA LYS C 36 -20.33 -32.17 -8.20
CA LYS C 36 -20.33 -32.21 -8.14
C LYS C 36 -18.88 -31.89 -7.78
C LYS C 36 -18.86 -31.86 -7.89
N GLU C 37 -18.55 -30.67 -7.35
CA GLU C 37 -17.15 -30.25 -7.06
C GLU C 37 -16.79 -30.52 -5.59
N ILE C 38 -17.74 -30.95 -4.76
CA ILE C 38 -17.52 -31.16 -3.30
C ILE C 38 -18.00 -32.56 -2.97
N ASN C 39 -17.05 -33.47 -2.72
CA ASN C 39 -17.33 -34.89 -2.39
C ASN C 39 -17.19 -35.18 -0.90
N GLU C 40 -17.84 -36.26 -0.48
CA GLU C 40 -17.91 -36.74 0.92
C GLU C 40 -16.50 -36.67 1.50
N GLY C 41 -16.35 -35.96 2.62
CA GLY C 41 -15.11 -35.94 3.42
C GLY C 41 -13.95 -35.36 2.67
N GLU C 42 -14.20 -34.53 1.65
CA GLU C 42 -13.14 -33.76 0.94
C GLU C 42 -13.33 -32.26 1.20
N PRO C 43 -12.88 -31.70 2.33
CA PRO C 43 -13.14 -30.28 2.59
C PRO C 43 -12.48 -29.38 1.52
N LYS C 44 -13.17 -28.28 1.19
CA LYS C 44 -12.80 -27.36 0.08
C LYS C 44 -12.72 -25.95 0.67
N THR C 45 -11.69 -25.20 0.32
CA THR C 45 -11.49 -23.83 0.80
C THR C 45 -12.06 -22.85 -0.23
N LEU C 46 -12.56 -21.72 0.22
CA LEU C 46 -12.99 -20.63 -0.68
C LEU C 46 -12.98 -19.36 0.15
N LYS C 47 -12.90 -18.24 -0.56
CA LYS C 47 -13.07 -16.91 0.03
C LYS C 47 -14.37 -16.31 -0.50
N LEU C 48 -15.19 -15.84 0.42
CA LEU C 48 -16.53 -15.27 0.11
C LEU C 48 -16.70 -14.00 0.95
N LEU C 49 -16.94 -12.87 0.30
CA LEU C 49 -17.11 -11.53 0.95
C LEU C 49 -15.90 -11.28 1.85
N GLY C 50 -14.74 -11.78 1.46
CA GLY C 50 -13.46 -11.49 2.14
C GLY C 50 -13.17 -12.47 3.25
N GLU C 51 -14.08 -13.39 3.54
CA GLU C 51 -13.95 -14.39 4.65
C GLU C 51 -13.44 -15.73 4.08
N ASN C 52 -12.40 -16.32 4.69
CA ASN C 52 -11.92 -17.67 4.30
C ASN C 52 -12.87 -18.68 4.90
N LEU C 53 -13.44 -19.56 4.06
CA LEU C 53 -14.41 -20.60 4.47
C LEU C 53 -13.93 -21.99 4.07
N LEU C 54 -14.34 -22.98 4.87
CA LEU C 54 -14.15 -24.42 4.61
C LEU C 54 -15.55 -24.99 4.42
N VAL C 55 -15.73 -25.76 3.35
CA VAL C 55 -16.96 -26.54 3.10
C VAL C 55 -16.57 -28.02 3.08
N ASN C 56 -17.43 -28.83 3.69
CA ASN C 56 -17.25 -30.30 3.75
C ASN C 56 -18.62 -30.95 3.55
N ARG C 57 -18.58 -32.17 3.04
CA ARG C 57 -19.82 -32.97 2.83
C ARG C 57 -19.71 -34.17 3.76
N ILE C 58 -20.68 -34.34 4.64
CA ILE C 58 -20.69 -35.40 5.67
C ILE C 58 -22.04 -36.10 5.65
N ASP C 59 -22.04 -37.42 5.39
CA ASP C 59 -23.29 -38.20 5.19
C ASP C 59 -24.14 -37.48 4.13
N GLY C 60 -23.45 -36.94 3.12
CA GLY C 60 -24.02 -36.24 1.95
C GLY C 60 -24.48 -34.81 2.23
N LYS C 61 -24.52 -34.33 3.48
CA LYS C 61 -24.93 -32.94 3.80
C LYS C 61 -23.73 -31.97 3.82
N LEU C 62 -23.97 -30.74 3.36
CA LEU C 62 -22.93 -29.71 3.32
C LEU C 62 -22.94 -28.91 4.62
N TYR C 63 -21.74 -28.62 5.09
CA TYR C 63 -21.47 -27.82 6.31
C TYR C 63 -20.41 -26.79 5.96
N CYS C 64 -20.56 -25.59 6.51
CA CYS C 64 -19.60 -24.49 6.26
C CYS C 64 -19.14 -23.89 7.60
N LEU C 65 -17.82 -23.89 7.77
CA LEU C 65 -17.08 -23.36 8.95
C LEU C 65 -16.16 -22.25 8.45
N LYS C 66 -15.99 -21.16 9.21
CA LYS C 66 -14.92 -20.15 8.92
C LYS C 66 -13.58 -20.86 9.00
N ASP C 67 -12.75 -20.69 7.97
CA ASP C 67 -11.39 -21.26 7.89
C ASP C 67 -10.43 -20.35 8.66
N ARG C 68 -10.66 -20.26 9.97
CA ARG C 68 -9.76 -19.48 10.84
C ARG C 68 -9.93 -19.98 12.28
N CYS C 69 -8.92 -20.69 12.78
CA CYS C 69 -8.92 -21.19 14.18
C CYS C 69 -9.14 -19.99 15.12
N LEU C 70 -10.01 -20.14 16.11
CA LEU C 70 -10.28 -19.15 17.18
C LEU C 70 -9.02 -18.78 17.96
N HIS C 71 -8.07 -19.69 18.07
CA HIS C 71 -6.92 -19.59 19.00
C HIS C 71 -5.92 -18.53 18.49
N ARG C 72 -5.10 -18.86 17.49
CA ARG C 72 -4.05 -17.99 16.92
C ARG C 72 -4.37 -17.61 15.45
N GLY C 73 -5.60 -17.80 14.98
CA GLY C 73 -6.10 -17.24 13.70
C GLY C 73 -5.45 -17.83 12.47
N VAL C 74 -4.99 -19.07 12.53
CA VAL C 74 -4.44 -19.79 11.35
C VAL C 74 -5.63 -20.37 10.58
N GLN C 75 -5.43 -20.56 9.28
CA GLN C 75 -6.40 -21.35 8.48
C GLN C 75 -6.23 -22.81 8.90
N LEU C 76 -7.31 -23.48 9.30
CA LEU C 76 -7.35 -24.96 9.52
C LEU C 76 -6.82 -25.67 8.26
N SER C 77 -7.11 -25.09 7.09
CA SER C 77 -6.89 -25.70 5.77
C SER C 77 -5.40 -25.76 5.43
N VAL C 78 -4.51 -25.12 6.18
CA VAL C 78 -3.05 -25.22 5.89
C VAL C 78 -2.68 -26.72 6.00
N LYS C 79 -3.31 -27.43 6.93
N LYS C 79 -3.32 -27.43 6.92
CA LYS C 79 -3.12 -28.88 7.16
CA LYS C 79 -3.11 -28.88 7.17
C LYS C 79 -4.39 -29.41 7.80
C LYS C 79 -4.39 -29.41 7.80
N VAL C 80 -5.28 -29.95 6.96
CA VAL C 80 -6.58 -30.44 7.45
C VAL C 80 -6.35 -31.71 8.25
N GLU C 81 -6.99 -31.82 9.41
CA GLU C 81 -6.98 -33.02 10.29
C GLU C 81 -8.43 -33.25 10.67
N CYS C 82 -9.14 -34.03 9.86
CA CYS C 82 -10.49 -34.54 10.21
C CYS C 82 -10.29 -35.93 10.85
N LYS C 83 -10.36 -35.99 12.18
CA LYS C 83 -9.91 -37.16 12.97
C LYS C 83 -11.11 -38.07 13.21
N THR C 84 -12.27 -37.44 13.35
CA THR C 84 -13.59 -38.11 13.41
C THR C 84 -14.44 -37.54 12.28
N LYS C 85 -15.52 -38.24 11.93
CA LYS C 85 -16.37 -37.88 10.77
C LYS C 85 -17.01 -36.52 11.02
N SER C 86 -17.39 -36.24 12.27
CA SER C 86 -18.19 -35.06 12.62
C SER C 86 -17.33 -33.84 13.01
N THR C 87 -16.00 -33.91 12.92
CA THR C 87 -15.12 -32.87 13.55
C THR C 87 -13.96 -32.50 12.64
N ILE C 88 -13.39 -31.32 12.89
CA ILE C 88 -12.06 -30.94 12.33
C ILE C 88 -11.20 -30.48 13.52
N THR C 89 -9.94 -30.88 13.48
CA THR C 89 -8.94 -30.58 14.52
C THR C 89 -7.91 -29.64 13.91
N CYS C 90 -7.79 -28.43 14.43
CA CYS C 90 -6.72 -27.50 14.02
C CYS C 90 -5.37 -28.20 14.13
N TRP C 91 -4.54 -28.07 13.12
CA TRP C 91 -3.21 -28.72 13.05
C TRP C 91 -2.23 -28.15 14.08
N TYR C 92 -2.53 -27.01 14.69
CA TYR C 92 -1.54 -26.22 15.46
C TYR C 92 -1.49 -26.72 16.90
N HIS C 93 -2.60 -26.62 17.63
CA HIS C 93 -2.76 -27.02 19.07
C HIS C 93 -4.01 -27.89 19.25
N ALA C 94 -4.64 -28.34 18.13
CA ALA C 94 -5.61 -29.44 18.11
C ALA C 94 -6.90 -29.01 18.81
N TRP C 95 -7.23 -27.72 18.71
CA TRP C 95 -8.61 -27.28 19.05
C TRP C 95 -9.53 -27.98 18.05
N THR C 96 -10.62 -28.59 18.54
CA THR C 96 -11.43 -29.50 17.71
C THR C 96 -12.84 -28.96 17.69
N TYR C 97 -13.36 -28.80 16.47
CA TYR C 97 -14.67 -28.17 16.19
C TYR C 97 -15.59 -29.17 15.47
N ARG C 98 -16.87 -29.15 15.86
CA ARG C 98 -17.96 -29.90 15.19
C ARG C 98 -18.38 -29.14 13.94
N TRP C 99 -18.45 -29.83 12.79
CA TRP C 99 -18.90 -29.25 11.51
C TRP C 99 -20.31 -28.74 11.68
N GLU C 100 -21.08 -29.36 12.55
CA GLU C 100 -22.55 -29.15 12.59
C GLU C 100 -22.89 -27.83 13.27
N ASP C 101 -22.12 -27.40 14.30
CA ASP C 101 -22.47 -26.13 15.00
C ASP C 101 -21.22 -25.29 15.34
N GLY C 102 -20.03 -25.73 14.90
CA GLY C 102 -18.76 -25.03 15.14
C GLY C 102 -18.30 -25.06 16.60
N VAL C 103 -19.00 -25.77 17.50
CA VAL C 103 -18.65 -25.80 18.95
C VAL C 103 -17.25 -26.42 19.08
N LEU C 104 -16.39 -25.75 19.84
CA LEU C 104 -15.07 -26.25 20.28
C LEU C 104 -15.37 -27.38 21.28
N CYS C 105 -15.31 -28.63 20.84
CA CYS C 105 -15.86 -29.76 21.63
C CYS C 105 -14.71 -30.54 22.29
N ASP C 106 -13.48 -30.33 21.85
CA ASP C 106 -12.30 -31.03 22.40
C ASP C 106 -11.04 -30.19 22.11
N ILE C 107 -10.02 -30.34 22.94
CA ILE C 107 -8.65 -29.83 22.63
C ILE C 107 -7.68 -30.95 22.96
N LEU C 108 -7.03 -31.51 21.96
CA LEU C 108 -6.18 -32.69 22.20
C LEU C 108 -5.00 -32.30 23.11
N THR C 109 -4.52 -31.05 23.03
CA THR C 109 -3.25 -30.63 23.68
C THR C 109 -3.52 -30.34 25.15
N ASN C 110 -4.79 -30.25 25.53
CA ASN C 110 -5.20 -29.93 26.91
C ASN C 110 -6.65 -30.32 27.13
N PRO C 111 -6.92 -31.61 27.43
CA PRO C 111 -8.30 -32.06 27.70
C PRO C 111 -8.97 -31.42 28.91
N THR C 112 -8.23 -30.71 29.78
CA THR C 112 -8.79 -30.06 31.00
C THR C 112 -9.10 -28.59 30.72
N SER C 113 -8.80 -28.09 29.52
CA SER C 113 -8.96 -26.64 29.21
C SER C 113 -10.39 -26.22 29.48
N ALA C 114 -10.55 -25.07 30.15
CA ALA C 114 -11.82 -24.36 30.42
C ALA C 114 -12.43 -23.84 29.12
N GLN C 115 -11.67 -23.76 28.03
CA GLN C 115 -12.24 -23.25 26.75
C GLN C 115 -13.20 -24.30 26.17
N ILE C 116 -12.99 -25.57 26.50
CA ILE C 116 -13.76 -26.71 25.91
C ILE C 116 -15.24 -26.48 26.19
N GLY C 117 -16.07 -26.49 25.14
CA GLY C 117 -17.52 -26.25 25.23
C GLY C 117 -17.87 -24.79 25.45
N ARG C 118 -16.91 -23.86 25.51
CA ARG C 118 -17.23 -22.44 25.87
C ARG C 118 -16.85 -21.51 24.70
N GLN C 119 -16.48 -22.05 23.54
CA GLN C 119 -16.26 -21.24 22.31
C GLN C 119 -16.95 -21.91 21.11
N LYS C 120 -17.19 -21.15 20.06
CA LYS C 120 -17.92 -21.57 18.86
C LYS C 120 -17.30 -20.85 17.66
N LEU C 121 -16.70 -21.60 16.75
CA LEU C 121 -16.25 -21.14 15.43
C LEU C 121 -17.49 -20.75 14.60
N LYS C 122 -17.41 -19.64 13.88
CA LYS C 122 -18.49 -19.14 12.99
C LYS C 122 -18.84 -20.22 11.97
N THR C 123 -20.13 -20.55 11.91
CA THR C 123 -20.69 -21.40 10.84
C THR C 123 -21.64 -20.57 9.97
N TYR C 124 -21.82 -21.00 8.75
CA TYR C 124 -22.78 -20.38 7.83
C TYR C 124 -23.69 -21.45 7.25
N PRO C 125 -24.98 -21.15 7.09
CA PRO C 125 -25.88 -22.06 6.35
C PRO C 125 -25.38 -22.33 4.93
N VAL C 126 -25.47 -23.60 4.52
CA VAL C 126 -25.21 -24.07 3.14
C VAL C 126 -26.43 -24.83 2.64
N GLN C 127 -26.79 -24.62 1.39
CA GLN C 127 -27.80 -25.51 0.74
C GLN C 127 -27.51 -25.63 -0.75
N GLU C 128 -27.77 -26.84 -1.25
CA GLU C 128 -27.64 -27.25 -2.66
C GLU C 128 -29.02 -27.19 -3.30
N ALA C 129 -29.10 -26.57 -4.47
CA ALA C 129 -30.32 -26.47 -5.29
C ALA C 129 -29.88 -26.42 -6.75
N LYS C 130 -30.46 -27.27 -7.60
CA LYS C 130 -30.15 -27.28 -9.06
C LYS C 130 -28.66 -27.53 -9.29
N GLY C 131 -28.04 -28.35 -8.46
CA GLY C 131 -26.64 -28.75 -8.66
C GLY C 131 -25.68 -27.63 -8.27
N CYS C 132 -26.18 -26.61 -7.59
CA CYS C 132 -25.41 -25.40 -7.18
C CYS C 132 -25.33 -25.35 -5.65
N VAL C 133 -24.17 -25.00 -5.12
CA VAL C 133 -23.91 -24.80 -3.67
C VAL C 133 -24.04 -23.33 -3.32
N PHE C 134 -25.08 -23.00 -2.56
CA PHE C 134 -25.36 -21.67 -2.00
C PHE C 134 -24.91 -21.61 -0.53
N ILE C 135 -24.13 -20.57 -0.18
CA ILE C 135 -23.78 -20.27 1.25
C ILE C 135 -24.52 -18.99 1.63
N TYR C 136 -25.15 -18.99 2.81
CA TYR C 136 -25.76 -17.78 3.36
C TYR C 136 -24.69 -17.08 4.18
N LEU C 137 -24.01 -16.12 3.56
CA LEU C 137 -22.96 -15.32 4.23
C LEU C 137 -23.70 -14.24 5.02
N GLY C 138 -24.22 -14.66 6.17
CA GLY C 138 -24.95 -13.75 7.05
C GLY C 138 -25.22 -14.37 8.41
N ASP C 139 -25.96 -13.63 9.23
CA ASP C 139 -26.09 -13.91 10.69
C ASP C 139 -27.55 -14.25 10.97
N GLY C 140 -27.78 -15.22 11.85
CA GLY C 140 -29.14 -15.62 12.26
C GLY C 140 -29.80 -16.53 11.24
N ASP C 141 -31.09 -16.79 11.44
CA ASP C 141 -31.93 -17.68 10.62
C ASP C 141 -31.96 -17.13 9.20
N PRO C 142 -31.53 -17.92 8.20
CA PRO C 142 -31.57 -17.49 6.81
C PRO C 142 -32.99 -17.31 6.26
N PRO C 143 -33.18 -16.43 5.27
CA PRO C 143 -34.45 -16.37 4.55
C PRO C 143 -34.51 -17.52 3.59
N PRO C 144 -35.67 -17.76 2.94
CA PRO C 144 -35.74 -18.72 1.85
C PRO C 144 -34.74 -18.36 0.72
N LEU C 145 -34.09 -19.36 0.14
CA LEU C 145 -33.17 -19.20 -1.01
C LEU C 145 -33.87 -18.43 -2.13
N ALA C 146 -35.12 -18.76 -2.45
CA ALA C 146 -35.94 -18.12 -3.49
C ALA C 146 -35.77 -16.59 -3.45
N ARG C 147 -35.63 -16.00 -2.26
CA ARG C 147 -35.54 -14.53 -2.11
C ARG C 147 -34.35 -13.99 -2.92
N ASP C 148 -33.26 -14.76 -3.01
CA ASP C 148 -31.96 -14.30 -3.56
C ASP C 148 -31.68 -15.01 -4.88
N THR C 149 -32.73 -15.51 -5.52
CA THR C 149 -32.63 -16.15 -6.86
C THR C 149 -33.60 -15.45 -7.80
N PRO C 150 -33.28 -15.38 -9.11
CA PRO C 150 -34.19 -14.79 -10.07
C PRO C 150 -35.38 -15.72 -10.29
N PRO C 151 -36.52 -15.17 -10.77
CA PRO C 151 -37.66 -15.98 -11.16
C PRO C 151 -37.25 -17.10 -12.11
N ASN C 152 -37.79 -18.29 -11.83
CA ASN C 152 -37.77 -19.52 -12.69
C ASN C 152 -36.48 -20.33 -12.51
N PHE C 153 -35.48 -19.80 -11.79
CA PHE C 153 -34.23 -20.56 -11.56
C PHE C 153 -34.61 -21.86 -10.79
N LEU C 154 -35.56 -21.80 -9.87
CA LEU C 154 -35.92 -22.93 -8.98
C LEU C 154 -37.11 -23.73 -9.53
N ASP C 155 -37.58 -23.45 -10.76
CA ASP C 155 -38.74 -24.18 -11.34
C ASP C 155 -38.43 -25.69 -11.36
N ASP C 156 -39.45 -26.52 -11.09
CA ASP C 156 -39.37 -28.01 -11.03
C ASP C 156 -38.55 -28.58 -12.20
N ASP C 157 -38.87 -28.20 -13.44
CA ASP C 157 -38.37 -28.85 -14.67
C ASP C 157 -37.13 -28.14 -15.25
N MET C 158 -36.74 -27.01 -14.68
CA MET C 158 -35.63 -26.19 -15.25
C MET C 158 -34.32 -26.90 -14.94
N GLU C 159 -33.71 -27.53 -15.93
CA GLU C 159 -32.40 -28.18 -15.77
C GLU C 159 -31.30 -27.11 -15.83
N ILE C 160 -30.42 -27.06 -14.82
CA ILE C 160 -29.37 -26.01 -14.72
C ILE C 160 -28.00 -26.65 -14.98
N LEU C 161 -27.25 -26.12 -15.94
CA LEU C 161 -25.83 -26.53 -16.14
C LEU C 161 -25.00 -25.26 -16.15
N GLY C 162 -23.72 -25.34 -15.84
CA GLY C 162 -22.94 -24.10 -15.86
C GLY C 162 -21.47 -24.27 -15.68
N LYS C 163 -20.87 -23.16 -15.30
CA LYS C 163 -19.41 -22.96 -15.28
C LYS C 163 -19.16 -21.83 -14.28
N ASN C 164 -18.05 -21.92 -13.55
CA ASN C 164 -17.67 -20.91 -12.54
C ASN C 164 -16.16 -20.67 -12.67
N GLN C 165 -15.72 -19.44 -12.45
CA GLN C 165 -14.29 -19.07 -12.50
C GLN C 165 -14.11 -17.80 -11.71
N ILE C 166 -12.87 -17.52 -11.38
CA ILE C 166 -12.50 -16.31 -10.63
C ILE C 166 -12.11 -15.25 -11.66
N ILE C 167 -12.70 -14.07 -11.56
CA ILE C 167 -12.43 -12.91 -12.47
C ILE C 167 -11.89 -11.76 -11.61
N LYS C 168 -10.85 -11.08 -12.10
CA LYS C 168 -10.19 -9.94 -11.40
C LYS C 168 -10.89 -8.62 -11.77
N SER C 169 -12.11 -8.47 -11.26
CA SER C 169 -12.71 -7.15 -11.05
C SER C 169 -13.58 -7.22 -9.79
N ASN C 170 -13.88 -6.04 -9.26
CA ASN C 170 -14.93 -5.89 -8.26
C ASN C 170 -16.26 -6.39 -8.85
N TRP C 171 -17.07 -6.99 -7.99
CA TRP C 171 -18.39 -7.61 -8.31
C TRP C 171 -19.34 -6.59 -8.94
N ARG C 172 -19.28 -5.32 -8.54
CA ARG C 172 -20.25 -4.31 -9.04
C ARG C 172 -19.97 -4.01 -10.51
N LEU C 173 -18.71 -4.01 -10.92
CA LEU C 173 -18.37 -3.75 -12.34
C LEU C 173 -19.00 -4.88 -13.19
N ALA C 174 -18.95 -6.11 -12.72
CA ALA C 174 -19.55 -7.29 -13.37
C ALA C 174 -21.06 -7.12 -13.46
N VAL C 175 -21.70 -6.75 -12.36
CA VAL C 175 -23.18 -6.54 -12.33
C VAL C 175 -23.56 -5.45 -13.34
N GLU C 176 -22.90 -4.29 -13.29
CA GLU C 176 -23.34 -3.15 -14.14
C GLU C 176 -23.09 -3.51 -15.61
N ASN C 177 -21.94 -4.12 -15.92
CA ASN C 177 -21.66 -4.58 -17.30
C ASN C 177 -22.80 -5.50 -17.79
N GLY C 178 -23.18 -6.50 -17.00
CA GLY C 178 -24.25 -7.47 -17.29
C GLY C 178 -25.57 -6.78 -17.63
N PHE C 179 -25.97 -5.82 -16.82
CA PHE C 179 -27.29 -5.17 -16.89
C PHE C 179 -27.27 -3.92 -17.79
N ASP C 180 -26.12 -3.61 -18.40
CA ASP C 180 -25.92 -2.36 -19.17
C ASP C 180 -26.57 -2.52 -20.54
N PRO C 181 -27.66 -1.82 -20.87
CA PRO C 181 -28.34 -2.07 -22.15
C PRO C 181 -27.48 -1.83 -23.40
N SER C 182 -26.64 -0.80 -23.40
CA SER C 182 -25.82 -0.42 -24.59
C SER C 182 -24.55 -1.24 -24.73
N HIS C 183 -24.15 -2.04 -23.74
CA HIS C 183 -22.85 -2.77 -23.80
C HIS C 183 -22.97 -3.88 -24.83
N ILE C 184 -24.18 -4.19 -25.27
CA ILE C 184 -24.42 -5.15 -26.39
C ILE C 184 -23.47 -4.89 -27.58
N TYR C 185 -23.03 -3.65 -27.77
CA TYR C 185 -22.05 -3.26 -28.80
C TYR C 185 -20.82 -4.20 -28.76
N ILE C 186 -20.33 -4.59 -27.58
CA ILE C 186 -19.08 -5.39 -27.44
C ILE C 186 -19.29 -6.79 -28.01
N HIS C 187 -20.54 -7.23 -28.16
CA HIS C 187 -20.90 -8.62 -28.60
C HIS C 187 -21.12 -8.72 -30.12
N LYS C 188 -20.94 -7.62 -30.86
CA LYS C 188 -21.36 -7.53 -32.28
C LYS C 188 -20.63 -8.56 -33.16
N ASP C 189 -19.41 -8.99 -32.76
CA ASP C 189 -18.60 -9.98 -33.52
C ASP C 189 -18.51 -11.34 -32.80
N SER C 190 -19.30 -11.58 -31.75
CA SER C 190 -19.34 -12.90 -31.08
C SER C 190 -19.64 -14.02 -32.09
N ILE C 191 -18.92 -15.14 -31.98
CA ILE C 191 -19.18 -16.35 -32.82
C ILE C 191 -20.63 -16.81 -32.59
N LEU C 192 -21.19 -16.61 -31.40
CA LEU C 192 -22.62 -16.95 -31.15
C LEU C 192 -23.54 -16.23 -32.14
N VAL C 193 -23.27 -14.96 -32.46
CA VAL C 193 -24.23 -14.15 -33.26
C VAL C 193 -24.41 -14.80 -34.65
N LYS C 194 -23.31 -15.10 -35.35
CA LYS C 194 -23.35 -15.77 -36.68
C LYS C 194 -23.75 -17.23 -36.50
N ASP C 195 -23.03 -17.97 -35.65
CA ASP C 195 -23.16 -19.44 -35.58
C ASP C 195 -24.51 -19.85 -34.94
N ASN C 196 -25.24 -19.00 -34.22
CA ASN C 196 -26.61 -19.35 -33.73
C ASN C 196 -27.66 -18.44 -34.38
N ASP C 197 -27.35 -17.77 -35.47
CA ASP C 197 -28.31 -16.96 -36.26
C ASP C 197 -29.09 -15.96 -35.39
N LEU C 198 -28.41 -15.18 -34.55
CA LEU C 198 -29.08 -14.19 -33.66
C LEU C 198 -29.36 -12.87 -34.39
N ALA C 199 -30.53 -12.30 -34.12
CA ALA C 199 -30.86 -10.88 -34.25
C ALA C 199 -30.18 -10.19 -33.08
N LEU C 200 -29.34 -9.19 -33.36
CA LEU C 200 -28.70 -8.45 -32.25
C LEU C 200 -28.42 -7.03 -32.74
N PRO C 201 -29.12 -6.06 -32.14
CA PRO C 201 -28.84 -4.67 -32.42
C PRO C 201 -27.50 -4.24 -31.83
N LEU C 202 -27.08 -3.04 -32.25
CA LEU C 202 -25.84 -2.37 -31.78
C LEU C 202 -26.14 -1.61 -30.48
N GLY C 203 -27.40 -1.27 -30.25
CA GLY C 203 -27.81 -0.39 -29.15
C GLY C 203 -29.26 0.00 -29.28
N PHE C 204 -29.67 1.06 -28.59
CA PHE C 204 -31.07 1.50 -28.51
C PHE C 204 -31.14 3.03 -28.49
N ALA C 205 -32.06 3.59 -29.27
CA ALA C 205 -32.55 4.97 -29.10
C ALA C 205 -33.73 4.88 -28.14
N PRO C 206 -33.59 5.34 -26.88
CA PRO C 206 -34.67 5.21 -25.90
C PRO C 206 -35.88 6.05 -26.32
N GLY C 207 -37.05 5.67 -25.82
CA GLY C 207 -38.28 6.49 -25.96
C GLY C 207 -39.02 6.53 -24.63
N GLY C 208 -39.92 7.50 -24.50
CA GLY C 208 -40.80 7.64 -23.31
C GLY C 208 -40.01 8.23 -22.17
N ASP C 209 -40.56 8.20 -20.95
CA ASP C 209 -39.92 8.91 -19.81
C ASP C 209 -39.02 7.96 -19.02
N ARG C 210 -38.41 8.47 -17.96
CA ARG C 210 -37.40 7.77 -17.15
C ARG C 210 -38.03 6.53 -16.52
N LYS C 211 -39.18 6.69 -15.85
CA LYS C 211 -39.82 5.59 -15.10
C LYS C 211 -40.08 4.43 -16.05
N GLN C 212 -40.36 4.71 -17.34
CA GLN C 212 -40.69 3.67 -18.37
C GLN C 212 -39.44 2.88 -18.80
N GLN C 213 -38.22 3.34 -18.49
CA GLN C 213 -36.98 2.63 -18.95
C GLN C 213 -36.80 1.34 -18.17
N THR C 214 -37.44 1.20 -17.00
CA THR C 214 -37.24 0.01 -16.13
C THR C 214 -38.55 -0.37 -15.46
N ARG C 215 -38.58 -1.58 -14.88
CA ARG C 215 -39.58 -1.99 -13.85
C ARG C 215 -38.82 -2.42 -12.59
N VAL C 216 -38.97 -1.62 -11.56
CA VAL C 216 -38.39 -1.89 -10.22
C VAL C 216 -39.34 -2.88 -9.53
N VAL C 217 -38.85 -4.05 -9.17
CA VAL C 217 -39.66 -5.08 -8.48
C VAL C 217 -39.36 -5.05 -6.99
N ASP C 218 -40.34 -4.66 -6.16
CA ASP C 218 -40.28 -4.84 -4.68
C ASP C 218 -41.64 -5.30 -4.14
N ASP C 219 -42.47 -5.88 -5.02
CA ASP C 219 -43.83 -6.43 -4.76
C ASP C 219 -43.83 -7.95 -4.97
N ASP C 220 -42.67 -8.58 -5.20
CA ASP C 220 -42.58 -10.05 -5.43
C ASP C 220 -42.83 -10.72 -4.08
N VAL C 221 -43.72 -11.69 -4.05
CA VAL C 221 -44.26 -12.25 -2.77
C VAL C 221 -43.13 -13.01 -2.06
N VAL C 222 -42.17 -13.60 -2.80
CA VAL C 222 -41.04 -14.35 -2.17
C VAL C 222 -39.96 -13.35 -1.69
N GLY C 223 -40.20 -12.06 -1.85
CA GLY C 223 -39.36 -10.98 -1.30
C GLY C 223 -38.17 -10.63 -2.21
N ARG C 224 -38.08 -11.19 -3.42
CA ARG C 224 -36.92 -10.88 -4.32
C ARG C 224 -36.98 -9.42 -4.78
N LYS C 225 -35.80 -8.81 -4.97
CA LYS C 225 -35.70 -7.35 -5.24
C LYS C 225 -34.81 -7.17 -6.47
N GLY C 226 -35.34 -6.51 -7.48
CA GLY C 226 -34.66 -6.49 -8.78
C GLY C 226 -35.22 -5.44 -9.71
N VAL C 227 -34.63 -5.39 -10.90
CA VAL C 227 -34.99 -4.38 -11.91
C VAL C 227 -35.00 -5.07 -13.27
N TYR C 228 -36.07 -4.83 -14.04
CA TYR C 228 -36.19 -5.20 -15.47
C TYR C 228 -35.74 -4.02 -16.34
N ASP C 229 -34.92 -4.34 -17.32
CA ASP C 229 -34.50 -3.41 -18.40
C ASP C 229 -35.62 -3.35 -19.45
N LEU C 230 -36.39 -2.25 -19.51
CA LEU C 230 -37.47 -2.12 -20.52
C LEU C 230 -37.08 -1.14 -21.64
N ILE C 231 -35.78 -0.99 -21.95
CA ILE C 231 -35.36 0.04 -22.95
C ILE C 231 -36.06 -0.22 -24.28
N GLY C 232 -36.26 -1.48 -24.63
CA GLY C 232 -36.84 -1.94 -25.90
C GLY C 232 -38.36 -1.71 -26.01
N GLU C 233 -39.06 -1.28 -24.95
CA GLU C 233 -40.53 -1.13 -25.01
C GLU C 233 -40.93 0.17 -25.73
N HIS C 234 -40.17 1.24 -25.63
CA HIS C 234 -40.44 2.53 -26.35
C HIS C 234 -39.23 2.90 -27.20
N GLY C 235 -38.12 2.19 -27.04
CA GLY C 235 -36.89 2.47 -27.75
C GLY C 235 -36.91 1.90 -29.15
N VAL C 236 -36.13 2.52 -30.03
CA VAL C 236 -35.88 2.04 -31.40
C VAL C 236 -34.54 1.34 -31.36
N PRO C 237 -34.45 0.06 -31.74
CA PRO C 237 -33.15 -0.62 -31.72
C PRO C 237 -32.31 0.02 -32.82
N VAL C 238 -31.01 0.01 -32.63
CA VAL C 238 -30.03 0.57 -33.59
C VAL C 238 -29.49 -0.61 -34.39
N PHE C 239 -29.74 -0.68 -35.70
CA PHE C 239 -29.15 -1.71 -36.58
C PHE C 239 -28.11 -1.07 -37.49
N GLU C 240 -28.17 0.25 -37.70
CA GLU C 240 -27.22 1.01 -38.56
C GLU C 240 -26.47 2.03 -37.72
N GLY C 241 -25.21 1.73 -37.43
CA GLY C 241 -24.35 2.62 -36.65
C GLY C 241 -23.70 3.63 -37.56
N THR C 242 -23.88 4.93 -37.28
CA THR C 242 -23.41 6.03 -38.13
C THR C 242 -22.35 6.90 -37.43
N ILE C 243 -21.38 7.36 -38.21
CA ILE C 243 -20.48 8.49 -37.85
C ILE C 243 -20.70 9.59 -38.90
N GLY C 244 -21.03 10.82 -38.49
CA GLY C 244 -21.36 11.91 -39.42
C GLY C 244 -22.47 11.51 -40.40
N GLY C 245 -23.44 10.72 -39.95
CA GLY C 245 -24.61 10.29 -40.74
C GLY C 245 -24.30 9.17 -41.72
N GLU C 246 -23.06 8.67 -41.78
CA GLU C 246 -22.63 7.58 -42.69
C GLU C 246 -22.58 6.24 -41.96
N VAL C 247 -23.08 5.18 -42.57
CA VAL C 247 -23.17 3.84 -41.90
C VAL C 247 -21.77 3.20 -41.90
N VAL C 248 -21.23 2.94 -40.71
CA VAL C 248 -19.87 2.32 -40.56
C VAL C 248 -20.01 0.92 -39.99
N ARG C 249 -21.14 0.56 -39.40
CA ARG C 249 -21.30 -0.82 -38.86
C ARG C 249 -22.79 -1.15 -38.77
N GLU C 250 -23.15 -2.39 -39.01
CA GLU C 250 -24.55 -2.83 -38.84
C GLU C 250 -24.61 -3.88 -37.74
N GLY C 251 -25.79 -3.96 -37.13
CA GLY C 251 -26.21 -5.05 -36.27
C GLY C 251 -26.32 -6.35 -37.04
N ALA C 252 -26.81 -7.36 -36.34
CA ALA C 252 -27.05 -8.72 -36.85
C ALA C 252 -28.56 -8.94 -37.08
N TYR C 253 -28.86 -9.45 -38.26
CA TYR C 253 -30.24 -9.64 -38.79
C TYR C 253 -30.61 -11.12 -38.82
N GLY C 254 -30.13 -11.90 -37.85
CA GLY C 254 -30.53 -13.31 -37.76
C GLY C 254 -32.01 -13.44 -37.40
N GLU C 255 -32.52 -14.65 -37.44
CA GLU C 255 -33.97 -14.97 -37.22
C GLU C 255 -34.27 -15.19 -35.71
N LYS C 256 -33.30 -15.62 -34.92
CA LYS C 256 -33.55 -16.00 -33.50
C LYS C 256 -33.58 -14.75 -32.61
N ILE C 257 -34.72 -14.52 -31.94
CA ILE C 257 -35.00 -13.36 -31.06
C ILE C 257 -34.64 -13.82 -29.65
N VAL C 258 -33.69 -13.12 -29.01
CA VAL C 258 -33.20 -13.47 -27.65
C VAL C 258 -33.17 -12.19 -26.83
N ALA C 259 -33.04 -12.33 -25.50
CA ALA C 259 -32.99 -11.20 -24.54
C ALA C 259 -34.23 -10.30 -24.68
N ASN C 260 -35.41 -10.90 -24.72
CA ASN C 260 -36.71 -10.20 -24.55
C ASN C 260 -36.76 -9.58 -23.15
N ASP C 261 -36.41 -10.32 -22.10
CA ASP C 261 -36.37 -9.70 -20.76
C ASP C 261 -35.02 -9.96 -20.09
N ILE C 262 -34.53 -8.87 -19.52
CA ILE C 262 -33.28 -8.79 -18.76
C ILE C 262 -33.65 -8.18 -17.43
N SER C 263 -33.23 -8.86 -16.38
CA SER C 263 -33.46 -8.40 -15.00
C SER C 263 -32.20 -8.66 -14.19
N ILE C 264 -31.93 -7.73 -13.29
CA ILE C 264 -30.84 -7.89 -12.28
C ILE C 264 -31.54 -7.99 -10.94
N TRP C 265 -31.04 -8.88 -10.09
CA TRP C 265 -31.63 -9.16 -8.76
C TRP C 265 -30.55 -9.09 -7.67
N LEU C 266 -30.89 -8.52 -6.52
CA LEU C 266 -30.05 -8.72 -5.30
C LEU C 266 -29.90 -10.21 -5.06
N PRO C 267 -28.70 -10.70 -4.64
CA PRO C 267 -27.56 -9.85 -4.30
C PRO C 267 -26.60 -9.50 -5.45
N GLY C 268 -26.95 -9.88 -6.68
CA GLY C 268 -26.13 -9.63 -7.89
C GLY C 268 -26.21 -10.80 -8.82
N VAL C 269 -27.40 -11.04 -9.33
CA VAL C 269 -27.63 -12.14 -10.30
C VAL C 269 -28.48 -11.61 -11.46
N LEU C 270 -27.99 -11.83 -12.68
CA LEU C 270 -28.66 -11.41 -13.93
C LEU C 270 -29.46 -12.57 -14.50
N LYS C 271 -30.66 -12.28 -15.02
CA LYS C 271 -31.47 -13.25 -15.79
C LYS C 271 -31.68 -12.70 -17.20
N VAL C 272 -31.26 -13.44 -18.22
CA VAL C 272 -31.49 -13.06 -19.64
C VAL C 272 -32.37 -14.15 -20.26
N ASN C 273 -33.49 -13.73 -20.81
CA ASN C 273 -34.51 -14.67 -21.32
C ASN C 273 -35.09 -14.15 -22.63
N PRO C 274 -35.17 -14.97 -23.68
CA PRO C 274 -34.49 -16.26 -23.74
C PRO C 274 -33.05 -16.02 -24.21
N PHE C 275 -32.14 -16.90 -23.83
CA PHE C 275 -30.69 -16.78 -24.16
C PHE C 275 -30.01 -18.06 -23.73
N PRO C 276 -29.01 -18.59 -24.48
CA PRO C 276 -28.57 -18.06 -25.77
C PRO C 276 -29.36 -18.57 -26.99
N ASN C 277 -30.42 -19.31 -26.70
CA ASN C 277 -31.34 -19.86 -27.72
C ASN C 277 -32.74 -19.53 -27.28
N PRO C 278 -33.72 -19.45 -28.23
CA PRO C 278 -35.09 -19.08 -27.86
C PRO C 278 -35.83 -20.02 -26.89
N ASP C 279 -35.31 -21.21 -26.64
CA ASP C 279 -35.93 -22.19 -25.69
C ASP C 279 -35.10 -22.30 -24.39
N MET C 280 -34.16 -21.37 -24.12
CA MET C 280 -33.23 -21.44 -22.94
C MET C 280 -33.23 -20.12 -22.16
N MET C 281 -32.67 -20.15 -20.95
CA MET C 281 -32.48 -18.91 -20.12
C MET C 281 -31.07 -18.90 -19.56
N GLN C 282 -30.52 -17.71 -19.32
CA GLN C 282 -29.21 -17.56 -18.64
C GLN C 282 -29.43 -16.89 -17.30
N PHE C 283 -28.85 -17.47 -16.24
CA PHE C 283 -28.79 -16.86 -14.90
C PHE C 283 -27.33 -16.80 -14.52
N GLU C 284 -26.81 -15.61 -14.24
CA GLU C 284 -25.37 -15.50 -13.88
C GLU C 284 -25.21 -14.60 -12.67
N TRP C 285 -24.39 -15.07 -11.75
CA TRP C 285 -24.02 -14.37 -10.50
C TRP C 285 -22.63 -13.79 -10.65
N TYR C 286 -22.45 -12.65 -9.99
CA TYR C 286 -21.11 -12.04 -9.81
C TYR C 286 -20.86 -11.92 -8.29
N VAL C 287 -20.21 -12.93 -7.74
CA VAL C 287 -20.15 -13.19 -6.28
C VAL C 287 -18.89 -12.56 -5.74
N PRO C 288 -19.00 -11.65 -4.76
CA PRO C 288 -17.85 -10.95 -4.23
C PRO C 288 -16.94 -11.92 -3.47
N ILE C 289 -15.68 -12.00 -3.89
CA ILE C 289 -14.63 -12.80 -3.20
C ILE C 289 -13.85 -11.85 -2.27
N ASP C 290 -13.36 -10.76 -2.83
CA ASP C 290 -12.70 -9.69 -2.04
C ASP C 290 -12.98 -8.39 -2.79
N GLU C 291 -12.28 -7.32 -2.46
CA GLU C 291 -12.55 -5.99 -3.07
C GLU C 291 -12.26 -6.06 -4.57
N ASN C 292 -11.42 -7.01 -5.01
CA ASN C 292 -10.80 -6.96 -6.37
C ASN C 292 -11.29 -8.08 -7.29
N THR C 293 -12.04 -9.04 -6.77
CA THR C 293 -12.30 -10.31 -7.49
CA THR C 293 -12.24 -10.38 -7.35
C THR C 293 -13.71 -10.81 -7.18
N HIS C 294 -14.26 -11.53 -8.14
CA HIS C 294 -15.59 -12.16 -7.99
C HIS C 294 -15.58 -13.54 -8.63
N TYR C 295 -16.47 -14.40 -8.16
CA TYR C 295 -16.90 -15.59 -8.96
C TYR C 295 -17.82 -15.11 -10.09
N TYR C 296 -17.51 -15.53 -11.31
CA TYR C 296 -18.42 -15.43 -12.46
C TYR C 296 -19.13 -16.78 -12.59
N PHE C 297 -20.27 -16.88 -11.90
CA PHE C 297 -21.07 -18.12 -11.75
C PHE C 297 -22.17 -18.11 -12.81
N GLN C 298 -21.86 -18.76 -13.94
CA GLN C 298 -22.70 -18.81 -15.16
C GLN C 298 -23.58 -20.06 -15.10
N THR C 299 -24.89 -19.92 -15.28
CA THR C 299 -25.77 -21.09 -15.48
C THR C 299 -26.65 -20.86 -16.70
N LEU C 300 -26.91 -21.94 -17.43
CA LEU C 300 -27.94 -22.03 -18.50
C LEU C 300 -29.01 -23.00 -18.01
N GLY C 301 -30.27 -22.57 -18.10
CA GLY C 301 -31.47 -23.36 -17.78
C GLY C 301 -32.20 -23.72 -19.06
N LYS C 302 -32.62 -24.97 -19.21
CA LYS C 302 -33.57 -25.39 -20.27
C LYS C 302 -34.58 -26.35 -19.65
N PRO C 303 -35.91 -26.13 -19.80
CA PRO C 303 -36.89 -27.10 -19.31
C PRO C 303 -36.63 -28.46 -19.97
N CYS C 304 -36.64 -29.50 -19.14
CA CYS C 304 -36.36 -30.93 -19.48
C CYS C 304 -37.38 -31.77 -18.68
N ALA C 305 -38.06 -32.74 -19.30
CA ALA C 305 -39.20 -33.47 -18.67
C ALA C 305 -38.74 -34.81 -18.05
N ASN C 306 -37.57 -35.33 -18.48
CA ASN C 306 -37.05 -36.66 -18.07
C ASN C 306 -35.53 -36.73 -18.26
N ASP C 307 -34.95 -37.87 -17.88
CA ASP C 307 -33.51 -38.17 -18.06
C ASP C 307 -33.05 -38.03 -19.51
N GLU C 308 -33.84 -38.47 -20.49
CA GLU C 308 -33.40 -38.45 -21.91
C GLU C 308 -33.12 -37.00 -22.35
N GLU C 309 -34.06 -36.09 -22.09
CA GLU C 309 -33.94 -34.64 -22.41
C GLU C 309 -32.80 -33.99 -21.62
N ARG C 310 -32.70 -34.31 -20.33
CA ARG C 310 -31.60 -33.83 -19.46
C ARG C 310 -30.27 -34.23 -20.08
N LYS C 311 -30.17 -35.48 -20.55
CA LYS C 311 -28.92 -36.01 -21.14
C LYS C 311 -28.65 -35.31 -22.48
N LYS C 312 -29.67 -35.08 -23.32
CA LYS C 312 -29.35 -34.49 -24.65
C LYS C 312 -28.97 -33.03 -24.43
N TYR C 313 -29.63 -32.35 -23.49
CA TYR C 313 -29.29 -30.96 -23.06
C TYR C 313 -27.83 -30.93 -22.58
N GLU C 314 -27.42 -31.83 -21.70
CA GLU C 314 -26.02 -31.87 -21.20
C GLU C 314 -25.05 -31.99 -22.36
N GLN C 315 -25.35 -32.86 -23.34
CA GLN C 315 -24.44 -33.11 -24.49
C GLN C 315 -24.38 -31.85 -25.36
N GLU C 316 -25.52 -31.20 -25.62
CA GLU C 316 -25.62 -29.90 -26.35
C GLU C 316 -24.83 -28.80 -25.59
N PHE C 317 -24.97 -28.77 -24.26
CA PHE C 317 -24.25 -27.81 -23.38
C PHE C 317 -22.74 -27.95 -23.61
N GLU C 318 -22.22 -29.16 -23.50
CA GLU C 318 -20.76 -29.42 -23.58
C GLU C 318 -20.22 -29.16 -24.99
N SER C 319 -21.00 -29.43 -26.04
CA SER C 319 -20.51 -29.39 -27.44
C SER C 319 -20.81 -28.01 -28.06
N LYS C 320 -21.91 -27.36 -27.67
CA LYS C 320 -22.35 -26.06 -28.25
C LYS C 320 -22.34 -24.94 -27.18
N TRP C 321 -23.23 -24.98 -26.18
CA TRP C 321 -23.57 -23.76 -25.43
C TRP C 321 -22.39 -23.27 -24.57
N LYS C 322 -21.59 -24.16 -23.99
CA LYS C 322 -20.49 -23.73 -23.12
C LYS C 322 -19.45 -23.06 -24.00
N PRO C 323 -18.91 -23.70 -25.06
CA PRO C 323 -17.89 -23.03 -25.89
C PRO C 323 -18.40 -21.86 -26.75
N MET C 324 -19.63 -21.93 -27.25
CA MET C 324 -20.16 -20.92 -28.21
C MET C 324 -20.75 -19.75 -27.42
N ALA C 325 -21.45 -20.03 -26.33
CA ALA C 325 -22.15 -18.97 -25.56
C ALA C 325 -21.38 -18.60 -24.27
N LEU C 326 -21.31 -19.49 -23.28
CA LEU C 326 -20.70 -19.11 -21.99
C LEU C 326 -19.29 -18.56 -22.25
N GLU C 327 -18.56 -19.13 -23.22
CA GLU C 327 -17.19 -18.67 -23.58
C GLU C 327 -17.26 -17.69 -24.76
N GLY C 328 -17.75 -18.13 -25.92
CA GLY C 328 -17.75 -17.33 -27.16
C GLY C 328 -18.49 -16.00 -27.03
N PHE C 329 -19.53 -15.92 -26.22
CA PHE C 329 -20.30 -14.66 -26.07
C PHE C 329 -19.77 -13.90 -24.86
N ASN C 330 -19.70 -14.53 -23.69
CA ASN C 330 -19.40 -13.81 -22.42
C ASN C 330 -17.89 -13.55 -22.23
N ASN C 331 -16.97 -14.17 -22.97
CA ASN C 331 -15.55 -13.84 -22.77
C ASN C 331 -15.35 -12.33 -22.94
N ASP C 332 -16.06 -11.69 -23.85
CA ASP C 332 -15.90 -10.23 -24.07
C ASP C 332 -16.34 -9.50 -22.79
N ASP C 333 -17.34 -10.00 -22.06
CA ASP C 333 -17.80 -9.36 -20.79
C ASP C 333 -16.65 -9.32 -19.77
N ILE C 334 -15.83 -10.35 -19.73
CA ILE C 334 -14.74 -10.47 -18.71
C ILE C 334 -13.76 -9.32 -18.95
N TRP C 335 -13.31 -9.13 -20.17
CA TRP C 335 -12.25 -8.12 -20.41
C TRP C 335 -12.87 -6.72 -20.35
N ALA C 336 -14.18 -6.60 -20.63
CA ALA C 336 -14.91 -5.31 -20.43
C ALA C 336 -14.87 -4.94 -18.95
N ARG C 337 -15.21 -5.88 -18.08
CA ARG C 337 -15.16 -5.68 -16.60
C ARG C 337 -13.75 -5.26 -16.17
N GLU C 338 -12.73 -5.97 -16.61
CA GLU C 338 -11.30 -5.69 -16.28
C GLU C 338 -10.91 -4.28 -16.71
N ALA C 339 -11.42 -3.79 -17.86
CA ALA C 339 -11.13 -2.45 -18.44
C ALA C 339 -11.61 -1.29 -17.55
N MET C 340 -12.62 -1.52 -16.72
CA MET C 340 -13.17 -0.48 -15.81
C MET C 340 -12.44 -0.47 -14.44
N VAL C 341 -11.60 -1.45 -14.14
CA VAL C 341 -10.94 -1.57 -12.83
C VAL C 341 -10.20 -0.28 -12.46
N ASP C 342 -9.31 0.22 -13.31
CA ASP C 342 -8.43 1.36 -12.96
C ASP C 342 -9.29 2.57 -12.62
N PHE C 343 -10.30 2.89 -13.40
CA PHE C 343 -11.13 4.10 -13.16
C PHE C 343 -11.83 4.05 -11.80
N TYR C 344 -12.30 2.87 -11.40
CA TYR C 344 -13.09 2.68 -10.16
C TYR C 344 -12.21 2.27 -8.96
N ALA C 345 -10.92 1.94 -9.16
CA ALA C 345 -10.06 1.28 -8.11
C ALA C 345 -9.76 2.24 -6.96
N ASP C 346 -9.71 3.54 -7.22
CA ASP C 346 -9.45 4.56 -6.19
C ASP C 346 -10.79 5.07 -5.67
N ASP C 347 -11.88 4.48 -6.14
CA ASP C 347 -13.28 4.88 -5.78
C ASP C 347 -13.70 6.20 -6.49
N LYS C 348 -12.84 6.81 -7.32
CA LYS C 348 -13.14 8.16 -7.89
C LYS C 348 -14.04 8.04 -9.12
N GLY C 349 -14.04 6.88 -9.79
CA GLY C 349 -14.88 6.64 -10.97
C GLY C 349 -16.36 6.76 -10.63
N TRP C 350 -16.73 6.51 -9.35
CA TRP C 350 -18.14 6.68 -8.86
C TRP C 350 -18.51 8.16 -8.82
N VAL C 351 -17.55 9.07 -8.91
CA VAL C 351 -17.82 10.53 -9.00
C VAL C 351 -17.65 11.02 -10.43
N ASN C 352 -16.61 10.55 -11.15
CA ASN C 352 -16.14 11.18 -12.41
C ASN C 352 -16.82 10.60 -13.66
N GLU C 353 -17.46 9.42 -13.56
CA GLU C 353 -18.21 8.78 -14.69
C GLU C 353 -19.13 9.80 -15.36
N ILE C 354 -19.22 9.79 -16.70
CA ILE C 354 -20.19 10.64 -17.46
C ILE C 354 -21.19 9.68 -18.09
N LEU C 355 -22.36 9.60 -17.48
CA LEU C 355 -23.39 8.64 -17.87
C LEU C 355 -24.18 9.17 -19.09
N PHE C 356 -24.79 8.26 -19.84
CA PHE C 356 -25.80 8.64 -20.86
C PHE C 356 -27.08 7.83 -20.66
N GLU C 357 -28.03 7.97 -21.59
CA GLU C 357 -29.46 7.66 -21.30
C GLU C 357 -29.65 6.19 -20.91
N SER C 358 -29.01 5.23 -21.58
CA SER C 358 -29.20 3.78 -21.29
C SER C 358 -28.73 3.47 -19.86
N ASP C 359 -27.91 4.31 -19.24
CA ASP C 359 -27.39 4.07 -17.87
C ASP C 359 -28.53 4.26 -16.86
N GLU C 360 -29.70 4.74 -17.28
CA GLU C 360 -30.89 4.74 -16.41
C GLU C 360 -31.06 3.35 -15.76
N ALA C 361 -30.83 2.29 -16.51
CA ALA C 361 -30.99 0.91 -15.99
C ALA C 361 -30.01 0.72 -14.82
N ILE C 362 -28.73 1.11 -15.01
CA ILE C 362 -27.68 0.92 -13.98
C ILE C 362 -28.03 1.75 -12.74
N VAL C 363 -28.47 2.99 -12.92
CA VAL C 363 -28.87 3.88 -11.79
C VAL C 363 -30.05 3.26 -11.02
N ALA C 364 -31.06 2.75 -11.72
CA ALA C 364 -32.19 2.03 -11.08
C ALA C 364 -31.67 0.86 -10.20
N TRP C 365 -30.68 0.10 -10.67
CA TRP C 365 -30.04 -1.01 -9.91
C TRP C 365 -29.27 -0.44 -8.71
N ARG C 366 -28.51 0.62 -8.89
CA ARG C 366 -27.74 1.21 -7.78
C ARG C 366 -28.71 1.60 -6.65
N LYS C 367 -29.83 2.19 -7.02
CA LYS C 367 -30.76 2.71 -5.99
C LYS C 367 -31.46 1.51 -5.34
N LEU C 368 -31.93 0.55 -6.12
CA LEU C 368 -32.54 -0.71 -5.61
C LEU C 368 -31.57 -1.35 -4.60
N ALA C 369 -30.32 -1.53 -5.01
CA ALA C 369 -29.29 -2.25 -4.23
C ALA C 369 -29.08 -1.50 -2.92
N SER C 370 -28.99 -0.18 -2.99
CA SER C 370 -28.80 0.74 -1.84
C SER C 370 -29.96 0.58 -0.86
N GLU C 371 -31.21 0.49 -1.34
CA GLU C 371 -32.43 0.54 -0.47
CA GLU C 371 -32.41 0.55 -0.45
C GLU C 371 -32.72 -0.84 0.12
N HIS C 372 -32.45 -1.93 -0.61
CA HIS C 372 -33.02 -3.26 -0.27
C HIS C 372 -32.00 -4.32 0.07
N ASN C 373 -30.70 -3.99 0.10
CA ASN C 373 -29.63 -4.93 0.51
C ASN C 373 -29.86 -5.26 2.00
N GLN C 374 -29.35 -6.38 2.49
CA GLN C 374 -29.59 -6.84 3.88
C GLN C 374 -28.37 -6.56 4.77
N GLY C 375 -27.42 -5.76 4.31
CA GLY C 375 -26.27 -5.34 5.13
C GLY C 375 -24.99 -5.10 4.34
N ILE C 376 -24.12 -4.25 4.85
CA ILE C 376 -22.83 -3.91 4.17
C ILE C 376 -21.73 -4.71 4.84
N GLN C 377 -21.10 -5.64 4.12
CA GLN C 377 -19.91 -6.36 4.62
C GLN C 377 -18.80 -5.31 4.81
N THR C 378 -18.10 -5.36 5.93
CA THR C 378 -16.97 -4.45 6.30
C THR C 378 -15.74 -5.28 6.63
N GLN C 379 -14.57 -4.63 6.62
CA GLN C 379 -13.28 -5.26 6.89
C GLN C 379 -13.31 -5.77 8.35
N ALA C 380 -14.11 -5.16 9.22
CA ALA C 380 -14.26 -5.58 10.62
C ALA C 380 -15.07 -6.88 10.68
N HIS C 381 -16.04 -7.12 9.77
CA HIS C 381 -16.65 -8.48 9.64
C HIS C 381 -15.55 -9.50 9.36
N VAL C 382 -14.53 -9.11 8.61
CA VAL C 382 -13.46 -10.06 8.20
C VAL C 382 -12.54 -10.27 9.40
N SER C 383 -12.11 -9.21 10.08
CA SER C 383 -11.02 -9.32 11.08
C SER C 383 -11.63 -9.69 12.44
N GLY C 384 -12.82 -9.20 12.72
CA GLY C 384 -13.56 -9.48 13.97
C GLY C 384 -14.25 -8.22 14.40
N LEU C 385 -15.58 -8.25 14.56
CA LEU C 385 -16.35 -6.99 14.71
C LEU C 385 -15.86 -6.24 15.96
N GLU C 386 -15.93 -4.91 15.92
CA GLU C 386 -15.34 -4.00 16.92
C GLU C 386 -16.48 -3.17 17.54
N HIS C 387 -16.43 -2.95 18.86
CA HIS C 387 -17.39 -2.14 19.67
C HIS C 387 -16.73 -1.78 21.00
N HIS C 388 -16.67 -0.49 21.35
CA HIS C 388 -16.29 0.06 22.69
C HIS C 388 -17.56 0.36 23.50
N HIS C 389 -17.56 0.07 24.81
CA HIS C 389 -18.71 0.28 25.75
C HIS C 389 -19.02 1.78 25.92
N ILE D 4 42.37 39.96 14.73
CA ILE D 4 41.64 39.14 15.76
C ILE D 4 40.13 39.47 15.68
N TRP D 5 39.68 40.68 16.00
CA TRP D 5 38.22 41.06 15.98
C TRP D 5 37.85 41.72 14.64
N LEU D 6 36.69 41.33 14.10
CA LEU D 6 36.08 41.93 12.88
C LEU D 6 34.97 42.88 13.32
N LYS D 7 34.91 44.07 12.74
CA LYS D 7 33.80 45.03 13.01
C LYS D 7 32.63 44.60 12.12
N VAL D 8 31.47 44.34 12.71
CA VAL D 8 30.28 43.74 12.04
C VAL D 8 29.35 44.89 11.60
N CYS D 9 28.74 45.58 12.57
CA CYS D 9 27.78 46.67 12.34
C CYS D 9 27.59 47.47 13.64
N ALA D 10 26.94 48.63 13.55
CA ALA D 10 26.33 49.33 14.69
C ALA D 10 25.24 48.41 15.25
N ALA D 11 25.15 48.26 16.58
CA ALA D 11 24.16 47.38 17.26
C ALA D 11 22.74 47.82 16.95
N SER D 12 22.54 49.11 16.65
CA SER D 12 21.21 49.70 16.33
C SER D 12 20.80 49.30 14.91
N ASP D 13 21.77 48.92 14.06
CA ASP D 13 21.60 48.40 12.67
C ASP D 13 20.85 47.06 12.64
N MET D 14 20.76 46.34 13.77
CA MET D 14 20.06 45.01 13.84
C MET D 14 18.89 45.12 14.81
N GLN D 15 17.67 44.86 14.34
CA GLN D 15 16.46 44.71 15.17
C GLN D 15 16.57 43.38 15.93
N PRO D 16 15.89 43.23 17.09
CA PRO D 16 15.76 41.93 17.73
C PRO D 16 15.18 40.90 16.75
N GLY D 17 15.66 39.65 16.87
CA GLY D 17 15.20 38.50 16.06
C GLY D 17 15.77 38.47 14.64
N THR D 18 16.87 39.19 14.36
CA THR D 18 17.43 39.30 12.98
C THR D 18 18.84 38.73 12.95
N ILE D 19 19.28 38.43 11.73
CA ILE D 19 20.52 37.65 11.43
C ILE D 19 21.34 38.47 10.43
N ARG D 20 22.65 38.48 10.57
CA ARG D 20 23.50 39.19 9.59
C ARG D 20 24.66 38.29 9.15
N ARG D 21 24.80 38.13 7.84
CA ARG D 21 25.93 37.39 7.23
C ARG D 21 27.18 38.27 7.31
N VAL D 22 28.27 37.73 7.85
CA VAL D 22 29.61 38.38 7.83
C VAL D 22 30.55 37.64 6.86
N ASN D 23 30.76 38.21 5.68
CA ASN D 23 31.76 37.70 4.69
C ASN D 23 33.16 38.08 5.18
N ARG D 24 34.04 37.09 5.33
CA ARG D 24 35.49 37.27 5.58
C ARG D 24 36.26 36.90 4.31
N VAL D 25 37.04 37.84 3.74
CA VAL D 25 37.92 37.54 2.57
C VAL D 25 38.98 36.51 3.01
N GLY D 26 39.15 35.46 2.21
CA GLY D 26 40.08 34.33 2.45
C GLY D 26 39.61 33.36 3.52
N ALA D 27 38.33 33.36 3.91
CA ALA D 27 37.80 32.49 5.00
C ALA D 27 36.30 32.23 4.82
N ALA D 28 35.77 31.20 5.50
CA ALA D 28 34.34 30.81 5.46
C ALA D 28 33.48 31.89 6.14
N PRO D 29 32.27 32.20 5.61
CA PRO D 29 31.38 33.21 6.22
C PRO D 29 30.90 32.87 7.65
N LEU D 30 30.60 33.93 8.43
CA LEU D 30 30.02 33.85 9.80
C LEU D 30 28.57 34.37 9.74
N ALA D 31 27.79 34.02 10.75
CA ALA D 31 26.41 34.51 10.99
C ALA D 31 26.37 35.15 12.38
N VAL D 32 25.84 36.36 12.47
CA VAL D 32 25.64 37.11 13.74
C VAL D 32 24.12 37.22 13.97
N TYR D 33 23.68 36.82 15.15
CA TYR D 33 22.25 36.79 15.53
C TYR D 33 22.03 37.77 16.67
N ARG D 34 21.00 38.61 16.58
CA ARG D 34 20.54 39.45 17.71
C ARG D 34 19.31 38.80 18.35
N VAL D 35 19.49 38.24 19.54
CA VAL D 35 18.42 37.64 20.38
C VAL D 35 18.11 38.63 21.53
N GLY D 36 17.01 39.38 21.41
CA GLY D 36 16.68 40.54 22.27
C GLY D 36 17.75 41.61 22.16
N ASP D 37 18.60 41.72 23.19
CA ASP D 37 19.70 42.73 23.27
C ASP D 37 21.08 42.06 23.18
N GLN D 38 21.16 40.73 23.33
CA GLN D 38 22.42 39.95 23.21
C GLN D 38 22.73 39.67 21.73
N PHE D 39 24.02 39.60 21.37
CA PHE D 39 24.54 39.17 20.04
C PHE D 39 25.31 37.85 20.21
N TYR D 40 25.18 36.97 19.19
CA TYR D 40 25.86 35.66 19.10
C TYR D 40 26.38 35.50 17.68
N ALA D 41 27.37 34.62 17.51
CA ALA D 41 28.01 34.38 16.20
C ALA D 41 28.40 32.90 16.07
N THR D 42 28.18 32.36 14.88
CA THR D 42 28.48 30.96 14.50
C THR D 42 29.03 30.98 13.09
N GLU D 43 29.53 29.84 12.65
CA GLU D 43 29.68 29.55 11.19
C GLU D 43 28.35 29.95 10.50
N ASP D 44 28.44 30.53 9.32
CA ASP D 44 27.23 30.73 8.46
C ASP D 44 26.78 29.39 7.84
N THR D 45 27.71 28.53 7.45
CA THR D 45 27.38 27.29 6.70
C THR D 45 26.78 26.24 7.65
N CYS D 46 25.61 25.72 7.32
CA CYS D 46 24.96 24.63 8.10
C CYS D 46 25.88 23.40 8.07
N THR D 47 26.12 22.75 9.22
CA THR D 47 27.01 21.57 9.35
C THR D 47 26.41 20.36 8.62
N HIS D 48 25.12 20.39 8.33
CA HIS D 48 24.44 19.27 7.64
C HIS D 48 24.61 19.37 6.12
N GLY D 49 25.22 20.43 5.59
CA GLY D 49 25.23 20.61 4.13
C GLY D 49 26.01 21.83 3.69
N ILE D 50 25.43 22.60 2.79
CA ILE D 50 26.05 23.82 2.21
C ILE D 50 25.10 25.02 2.29
N ALA D 51 24.04 24.95 3.09
CA ALA D 51 23.11 26.09 3.30
C ALA D 51 23.80 27.24 4.07
N SER D 52 23.39 28.46 3.77
CA SER D 52 23.70 29.69 4.53
C SER D 52 22.63 29.91 5.62
N LEU D 53 22.98 29.75 6.89
CA LEU D 53 22.06 29.88 8.05
C LEU D 53 21.53 31.33 8.12
N SER D 54 22.27 32.29 7.54
CA SER D 54 21.86 33.72 7.47
CA SER D 54 21.87 33.72 7.46
C SER D 54 20.58 33.84 6.63
N GLU D 55 20.27 32.82 5.80
CA GLU D 55 19.04 32.83 4.96
C GLU D 55 17.94 32.08 5.71
N GLY D 56 18.18 31.68 6.95
CA GLY D 56 17.22 30.86 7.71
C GLY D 56 16.24 31.72 8.48
N THR D 57 15.66 31.14 9.52
CA THR D 57 14.64 31.80 10.37
C THR D 57 15.13 31.67 11.82
N LEU D 58 15.19 32.79 12.53
CA LEU D 58 15.56 32.81 13.96
C LEU D 58 14.29 32.79 14.82
N ASP D 59 14.19 31.82 15.73
CA ASP D 59 13.08 31.71 16.70
C ASP D 59 13.67 31.72 18.11
N GLY D 60 13.70 32.90 18.75
CA GLY D 60 14.45 33.11 20.01
C GLY D 60 15.94 32.92 19.76
N ASP D 61 16.54 31.92 20.42
CA ASP D 61 17.98 31.58 20.34
C ASP D 61 18.20 30.39 19.39
N VAL D 62 17.19 30.01 18.61
CA VAL D 62 17.29 28.82 17.70
C VAL D 62 17.22 29.29 16.24
N ILE D 63 18.28 28.99 15.48
CA ILE D 63 18.34 29.25 14.02
C ILE D 63 17.91 27.97 13.27
N GLU D 64 16.95 28.12 12.36
CA GLU D 64 16.44 27.04 11.50
C GLU D 64 17.07 27.20 10.11
N CYS D 65 17.64 26.12 9.59
CA CYS D 65 18.31 26.06 8.28
C CYS D 65 17.26 26.05 7.18
N PRO D 66 17.43 26.87 6.10
CA PRO D 66 16.43 26.96 5.03
C PRO D 66 16.38 25.72 4.11
N PHE D 67 17.45 24.92 4.09
CA PHE D 67 17.52 23.69 3.24
C PHE D 67 16.56 22.62 3.77
N HIS D 68 16.73 22.13 5.01
CA HIS D 68 16.05 20.89 5.47
C HIS D 68 15.33 21.09 6.80
N GLY D 69 15.36 22.31 7.38
CA GLY D 69 14.66 22.57 8.65
C GLY D 69 15.42 22.03 9.85
N GLY D 70 16.68 21.60 9.67
CA GLY D 70 17.59 21.41 10.81
C GLY D 70 17.77 22.73 11.54
N ALA D 71 18.18 22.67 12.80
CA ALA D 71 18.25 23.87 13.65
C ALA D 71 19.37 23.74 14.68
N PHE D 72 19.87 24.87 15.13
CA PHE D 72 20.91 24.96 16.16
C PHE D 72 20.54 26.05 17.17
N ASN D 73 20.98 25.83 18.43
CA ASN D 73 21.08 26.90 19.45
C ASN D 73 22.21 27.86 19.05
N VAL D 74 21.92 29.15 18.87
CA VAL D 74 22.94 30.13 18.37
C VAL D 74 23.95 30.52 19.48
N CYS D 75 23.64 30.24 20.75
CA CYS D 75 24.53 30.49 21.93
C CYS D 75 25.55 29.35 22.04
N THR D 76 25.10 28.10 22.03
CA THR D 76 25.97 26.90 22.25
C THR D 76 26.45 26.29 20.93
N GLY D 77 25.81 26.59 19.79
CA GLY D 77 26.12 25.94 18.50
C GLY D 77 25.66 24.49 18.44
N MET D 78 24.97 23.99 19.47
CA MET D 78 24.50 22.59 19.57
C MET D 78 23.25 22.40 18.71
N PRO D 79 23.08 21.24 18.02
CA PRO D 79 21.87 20.97 17.25
C PRO D 79 20.63 21.07 18.14
N ALA D 80 19.55 21.63 17.58
CA ALA D 80 18.23 21.72 18.24
C ALA D 80 17.15 20.95 17.47
N SER D 81 17.24 20.82 16.13
CA SER D 81 16.34 19.95 15.32
C SER D 81 17.14 19.07 14.34
N SER D 82 16.60 17.87 14.12
CA SER D 82 16.98 16.94 13.03
C SER D 82 16.81 17.69 11.71
N PRO D 83 17.56 17.36 10.63
CA PRO D 83 18.55 16.27 10.61
C PRO D 83 19.96 16.61 11.13
N CYS D 84 20.17 17.81 11.69
CA CYS D 84 21.49 18.32 12.12
C CYS D 84 22.02 17.53 13.32
N THR D 85 23.30 17.14 13.27
CA THR D 85 23.95 16.31 14.32
C THR D 85 25.31 16.90 14.74
N VAL D 86 25.94 17.71 13.89
CA VAL D 86 27.31 18.25 14.14
C VAL D 86 27.21 19.68 14.64
N PRO D 87 27.75 20.00 15.85
CA PRO D 87 27.73 21.36 16.37
C PRO D 87 28.41 22.37 15.46
N LEU D 88 27.86 23.59 15.41
CA LEU D 88 28.46 24.75 14.72
C LEU D 88 29.69 25.24 15.51
N GLY D 89 30.68 25.81 14.84
CA GLY D 89 31.67 26.72 15.46
C GLY D 89 30.96 27.94 16.04
N VAL D 90 31.13 28.20 17.34
CA VAL D 90 30.66 29.47 17.98
C VAL D 90 31.85 30.44 17.96
N PHE D 91 31.55 31.70 17.64
CA PHE D 91 32.54 32.80 17.55
C PHE D 91 32.17 33.81 18.65
N GLU D 92 33.15 34.21 19.47
CA GLU D 92 32.84 35.16 20.58
C GLU D 92 32.47 36.52 19.98
N VAL D 93 31.39 37.11 20.49
CA VAL D 93 30.92 38.49 20.13
C VAL D 93 31.15 39.42 21.34
N GLU D 94 31.45 40.68 21.05
CA GLU D 94 31.66 41.77 22.03
C GLU D 94 31.08 43.07 21.44
N VAL D 95 30.18 43.75 22.17
CA VAL D 95 29.66 45.11 21.84
C VAL D 95 30.54 46.13 22.57
N LYS D 96 31.19 47.04 21.85
CA LYS D 96 32.02 48.15 22.42
C LYS D 96 31.58 49.47 21.80
N GLU D 97 31.06 50.40 22.62
CA GLU D 97 30.61 51.75 22.19
C GLU D 97 29.49 51.56 21.16
N GLY D 98 28.48 50.75 21.49
CA GLY D 98 27.32 50.40 20.64
C GLY D 98 27.71 49.90 19.26
N GLU D 99 28.82 49.16 19.12
CA GLU D 99 29.28 48.55 17.84
C GLU D 99 29.59 47.07 18.08
N VAL D 100 29.15 46.20 17.17
CA VAL D 100 29.23 44.72 17.31
C VAL D 100 30.56 44.26 16.70
N TYR D 101 31.31 43.47 17.46
CA TYR D 101 32.60 42.88 17.01
C TYR D 101 32.52 41.34 17.13
N VAL D 102 33.01 40.64 16.10
CA VAL D 102 33.10 39.14 16.09
C VAL D 102 34.58 38.72 16.09
N ALA D 103 34.93 37.84 17.04
CA ALA D 103 36.24 37.14 17.17
C ALA D 103 36.57 36.42 15.85
N GLY D 104 37.73 36.72 15.26
CA GLY D 104 38.15 36.26 13.91
C GLY D 104 38.49 34.77 13.87
N GLU D 105 38.53 34.09 15.02
CA GLU D 105 38.56 32.60 15.10
C GLU D 105 37.54 32.16 16.16
N LYS D 106 37.21 30.86 16.17
CA LYS D 106 36.15 30.27 17.03
C LYS D 106 36.69 30.07 18.45
N LYS D 107 35.81 29.77 19.39
CA LYS D 107 36.16 29.51 20.82
C LYS D 107 36.09 28.00 21.06
N GLN E 3 -20.63 -23.71 51.24
CA GLN E 3 -21.18 -24.66 50.22
C GLN E 3 -22.06 -23.86 49.26
N ILE E 4 -23.33 -23.64 49.60
CA ILE E 4 -24.35 -22.91 48.77
C ILE E 4 -23.93 -21.44 48.72
N TRP E 5 -23.61 -20.88 49.88
CA TRP E 5 -23.23 -19.46 50.04
C TRP E 5 -21.79 -19.45 50.58
N LEU E 6 -20.88 -18.78 49.87
CA LEU E 6 -19.42 -18.73 50.16
C LEU E 6 -19.16 -17.39 50.86
N LYS E 7 -18.65 -17.37 52.09
CA LYS E 7 -18.29 -16.10 52.77
C LYS E 7 -17.11 -15.49 52.02
N VAL E 8 -17.26 -14.23 51.58
CA VAL E 8 -16.20 -13.46 50.88
C VAL E 8 -15.44 -12.58 51.89
N CYS E 9 -16.07 -11.54 52.43
CA CYS E 9 -15.45 -10.53 53.34
C CYS E 9 -16.59 -9.76 54.03
N ALA E 10 -16.28 -8.78 54.88
CA ALA E 10 -17.28 -7.79 55.38
C ALA E 10 -17.59 -6.82 54.25
N ALA E 11 -18.85 -6.43 54.08
CA ALA E 11 -19.24 -5.41 53.09
C ALA E 11 -18.29 -4.22 53.23
N SER E 12 -17.96 -3.87 54.47
CA SER E 12 -17.12 -2.69 54.81
C SER E 12 -15.66 -2.90 54.35
N ASP E 13 -15.21 -4.15 54.14
CA ASP E 13 -13.84 -4.45 53.63
C ASP E 13 -13.70 -4.09 52.15
N MET E 14 -14.75 -3.60 51.48
CA MET E 14 -14.67 -3.25 50.03
C MET E 14 -15.23 -1.85 49.82
N GLN E 15 -14.42 -0.99 49.19
CA GLN E 15 -14.78 0.36 48.73
C GLN E 15 -15.61 0.24 47.46
N PRO E 16 -16.54 1.18 47.21
CA PRO E 16 -17.18 1.27 45.89
C PRO E 16 -16.11 1.22 44.79
N GLY E 17 -16.46 0.61 43.65
CA GLY E 17 -15.65 0.57 42.42
C GLY E 17 -14.45 -0.34 42.54
N THR E 18 -14.46 -1.30 43.47
CA THR E 18 -13.36 -2.28 43.64
C THR E 18 -13.86 -3.67 43.30
N ILE E 19 -12.91 -4.60 43.20
CA ILE E 19 -13.11 -6.01 42.77
C ILE E 19 -12.33 -6.88 43.73
N ARG E 20 -12.89 -8.00 44.10
CA ARG E 20 -12.18 -8.97 44.96
C ARG E 20 -12.26 -10.35 44.31
N ARG E 21 -11.13 -11.01 44.17
CA ARG E 21 -11.06 -12.37 43.63
C ARG E 21 -11.43 -13.35 44.76
N VAL E 22 -12.31 -14.33 44.48
CA VAL E 22 -12.64 -15.42 45.43
C VAL E 22 -12.18 -16.75 44.83
N ASN E 23 -11.11 -17.30 45.39
CA ASN E 23 -10.49 -18.60 44.99
C ASN E 23 -11.31 -19.71 45.63
N ARG E 24 -11.49 -20.83 44.92
CA ARG E 24 -12.35 -21.94 45.41
C ARG E 24 -11.63 -23.26 45.17
N VAL E 25 -11.69 -24.16 46.16
CA VAL E 25 -11.14 -25.55 46.02
C VAL E 25 -11.98 -26.26 44.96
N GLY E 26 -11.31 -26.82 43.94
CA GLY E 26 -11.91 -27.74 42.95
C GLY E 26 -12.75 -27.01 41.92
N ALA E 27 -12.68 -25.68 41.89
CA ALA E 27 -13.49 -24.82 41.00
C ALA E 27 -12.73 -23.55 40.58
N ALA E 28 -13.25 -22.92 39.54
CA ALA E 28 -12.65 -21.73 38.90
C ALA E 28 -12.98 -20.53 39.79
N PRO E 29 -12.06 -19.54 39.84
CA PRO E 29 -12.22 -18.39 40.71
C PRO E 29 -13.41 -17.52 40.34
N LEU E 30 -13.97 -16.80 41.30
CA LEU E 30 -15.01 -15.78 41.03
C LEU E 30 -14.40 -14.40 41.20
N ALA E 31 -15.10 -13.40 40.73
CA ALA E 31 -14.82 -11.97 40.95
C ALA E 31 -16.04 -11.35 41.58
N VAL E 32 -15.84 -10.69 42.72
CA VAL E 32 -16.91 -9.87 43.35
C VAL E 32 -16.58 -8.39 43.14
N TYR E 33 -17.58 -7.63 42.71
CA TYR E 33 -17.53 -6.20 42.36
C TYR E 33 -18.44 -5.42 43.31
N ARG E 34 -17.97 -4.30 43.87
CA ARG E 34 -18.85 -3.35 44.61
C ARG E 34 -19.18 -2.18 43.68
N VAL E 35 -20.44 -2.01 43.32
CA VAL E 35 -20.89 -0.89 42.45
C VAL E 35 -21.80 -0.01 43.30
N GLY E 36 -21.29 1.17 43.71
CA GLY E 36 -21.82 1.96 44.83
C GLY E 36 -21.94 1.11 46.09
N ASP E 37 -23.18 0.80 46.49
CA ASP E 37 -23.51 0.02 47.71
C ASP E 37 -23.90 -1.42 47.34
N GLN E 38 -24.07 -1.71 46.05
CA GLN E 38 -24.51 -3.02 45.53
C GLN E 38 -23.29 -3.91 45.28
N PHE E 39 -23.47 -5.23 45.33
CA PHE E 39 -22.42 -6.26 45.07
C PHE E 39 -22.90 -7.20 43.96
N TYR E 40 -21.99 -7.55 43.05
CA TYR E 40 -22.24 -8.51 41.95
C TYR E 40 -21.06 -9.46 41.91
N ALA E 41 -21.24 -10.60 41.27
CA ALA E 41 -20.17 -11.62 41.14
C ALA E 41 -20.30 -12.27 39.77
N THR E 42 -19.15 -12.53 39.14
CA THR E 42 -19.04 -13.29 37.89
C THR E 42 -17.94 -14.32 38.08
N GLU E 43 -17.77 -15.21 37.12
CA GLU E 43 -16.49 -15.90 36.91
C GLU E 43 -15.40 -14.80 36.83
N ASP E 44 -14.23 -15.10 37.34
CA ASP E 44 -13.07 -14.17 37.36
C ASP E 44 -12.33 -14.25 36.03
N THR E 45 -12.28 -15.42 35.42
CA THR E 45 -11.59 -15.64 34.12
C THR E 45 -12.40 -14.98 33.01
N CYS E 46 -11.74 -14.09 32.25
CA CYS E 46 -12.34 -13.48 31.04
C CYS E 46 -12.80 -14.61 30.10
N THR E 47 -14.00 -14.55 29.51
CA THR E 47 -14.48 -15.62 28.59
C THR E 47 -13.73 -15.60 27.25
N HIS E 48 -13.00 -14.53 26.96
CA HIS E 48 -12.20 -14.39 25.71
C HIS E 48 -10.82 -15.03 25.84
N GLY E 49 -10.42 -15.48 27.02
CA GLY E 49 -9.03 -15.92 27.17
C GLY E 49 -8.73 -16.41 28.54
N ILE E 50 -7.58 -16.06 29.08
CA ILE E 50 -7.11 -16.59 30.39
C ILE E 50 -6.82 -15.43 31.36
N ALA E 51 -7.23 -14.22 31.05
CA ALA E 51 -7.03 -13.05 31.94
C ALA E 51 -7.88 -13.18 33.21
N SER E 52 -7.43 -12.58 34.31
CA SER E 52 -8.22 -12.36 35.55
C SER E 52 -8.93 -11.00 35.49
N LEU E 53 -10.25 -10.98 35.52
CA LEU E 53 -11.05 -9.74 35.49
C LEU E 53 -10.82 -8.95 36.80
N SER E 54 -10.43 -9.63 37.89
CA SER E 54 -10.16 -8.94 39.17
CA SER E 54 -10.10 -8.99 39.19
C SER E 54 -8.95 -8.01 39.00
N GLU E 55 -8.05 -8.32 38.06
CA GLU E 55 -6.88 -7.47 37.66
C GLU E 55 -7.23 -6.42 36.61
N GLY E 56 -8.50 -6.24 36.26
CA GLY E 56 -8.96 -5.26 35.25
C GLY E 56 -9.34 -3.93 35.86
N THR E 57 -10.13 -3.16 35.17
CA THR E 57 -10.65 -1.84 35.60
C THR E 57 -12.18 -1.83 35.59
N LEU E 58 -12.78 -1.49 36.71
CA LEU E 58 -14.25 -1.36 36.86
C LEU E 58 -14.64 0.09 36.52
N ASP E 59 -15.56 0.28 35.58
CA ASP E 59 -16.09 1.60 35.15
C ASP E 59 -17.60 1.57 35.35
N GLY E 60 -18.09 1.99 36.52
CA GLY E 60 -19.52 1.88 36.88
C GLY E 60 -19.88 0.41 36.98
N ASP E 61 -20.75 -0.09 36.09
CA ASP E 61 -21.15 -1.52 36.15
C ASP E 61 -20.46 -2.35 35.03
N VAL E 62 -19.38 -1.84 34.45
CA VAL E 62 -18.68 -2.52 33.31
C VAL E 62 -17.25 -2.85 33.75
N ILE E 63 -16.88 -4.14 33.72
CA ILE E 63 -15.48 -4.55 33.99
C ILE E 63 -14.70 -4.63 32.66
N GLU E 64 -13.50 -4.06 32.63
CA GLU E 64 -12.65 -4.07 31.41
C GLU E 64 -11.51 -5.04 31.64
N CYS E 65 -11.38 -6.01 30.75
CA CYS E 65 -10.34 -7.06 30.85
C CYS E 65 -8.98 -6.42 30.59
N PRO E 66 -7.95 -6.74 31.40
CA PRO E 66 -6.60 -6.20 31.20
C PRO E 66 -5.78 -6.74 30.01
N PHE E 67 -6.20 -7.83 29.36
CA PHE E 67 -5.41 -8.43 28.25
C PHE E 67 -5.66 -7.64 26.97
N HIS E 68 -6.92 -7.46 26.55
CA HIS E 68 -7.28 -7.05 25.17
C HIS E 68 -8.29 -5.89 25.15
N GLY E 69 -8.70 -5.43 26.32
CA GLY E 69 -9.68 -4.32 26.45
C GLY E 69 -11.10 -4.76 26.20
N GLY E 70 -11.38 -6.05 26.12
CA GLY E 70 -12.79 -6.51 26.12
C GLY E 70 -13.44 -6.16 27.45
N ALA E 71 -14.75 -6.24 27.55
CA ALA E 71 -15.46 -5.75 28.76
C ALA E 71 -16.81 -6.45 28.92
N PHE E 72 -17.30 -6.47 30.15
CA PHE E 72 -18.61 -7.10 30.49
C PHE E 72 -19.39 -6.19 31.42
N ASN E 73 -20.71 -6.22 31.33
CA ASN E 73 -21.64 -5.75 32.39
C ASN E 73 -21.56 -6.73 33.56
N VAL E 74 -21.11 -6.26 34.74
CA VAL E 74 -20.95 -7.12 35.94
C VAL E 74 -22.32 -7.55 36.48
N CYS E 75 -23.42 -6.84 36.21
CA CYS E 75 -24.78 -7.21 36.72
C CYS E 75 -25.37 -8.35 35.88
N THR E 76 -25.23 -8.28 34.56
CA THR E 76 -25.84 -9.23 33.61
C THR E 76 -24.82 -10.28 33.12
N GLY E 77 -23.50 -10.01 33.22
CA GLY E 77 -22.47 -10.85 32.58
C GLY E 77 -22.38 -10.68 31.07
N MET E 78 -23.19 -9.83 30.44
CA MET E 78 -23.23 -9.75 28.95
C MET E 78 -22.03 -8.94 28.45
N PRO E 79 -21.41 -9.32 27.30
CA PRO E 79 -20.31 -8.53 26.73
C PRO E 79 -20.71 -7.06 26.55
N ALA E 80 -19.82 -6.12 26.87
CA ALA E 80 -20.01 -4.67 26.69
C ALA E 80 -19.04 -4.12 25.64
N SER E 81 -17.86 -4.74 25.47
CA SER E 81 -16.80 -4.36 24.50
C SER E 81 -16.25 -5.60 23.83
N SER E 82 -16.03 -5.50 22.52
CA SER E 82 -15.22 -6.42 21.70
C SER E 82 -13.85 -6.50 22.35
N PRO E 83 -13.09 -7.59 22.24
CA PRO E 83 -13.49 -8.76 21.45
C PRO E 83 -14.35 -9.79 22.20
N CYS E 84 -14.76 -9.52 23.45
CA CYS E 84 -15.65 -10.44 24.22
C CYS E 84 -16.97 -10.69 23.48
N THR E 85 -17.37 -11.96 23.36
CA THR E 85 -18.64 -12.41 22.75
C THR E 85 -19.43 -13.37 23.67
N VAL E 86 -18.77 -14.12 24.55
CA VAL E 86 -19.41 -15.17 25.42
C VAL E 86 -19.72 -14.55 26.77
N PRO E 87 -21.02 -14.58 27.20
CA PRO E 87 -21.40 -14.06 28.52
C PRO E 87 -20.69 -14.76 29.67
N LEU E 88 -20.45 -14.00 30.72
CA LEU E 88 -19.90 -14.51 31.98
C LEU E 88 -21.03 -15.25 32.70
N GLY E 89 -20.70 -16.32 33.42
CA GLY E 89 -21.56 -16.82 34.51
C GLY E 89 -21.71 -15.77 35.59
N VAL E 90 -22.94 -15.50 36.03
CA VAL E 90 -23.26 -14.60 37.18
C VAL E 90 -23.64 -15.43 38.41
N PHE E 91 -23.11 -14.99 39.55
CA PHE E 91 -23.29 -15.63 40.87
C PHE E 91 -24.00 -14.62 41.76
N GLU E 92 -25.12 -15.03 42.36
CA GLU E 92 -25.91 -14.17 43.27
C GLU E 92 -25.00 -13.77 44.43
N VAL E 93 -25.12 -12.54 44.86
CA VAL E 93 -24.39 -12.05 46.08
C VAL E 93 -25.45 -11.61 47.08
N GLU E 94 -25.24 -11.90 48.35
CA GLU E 94 -26.10 -11.40 49.45
C GLU E 94 -25.23 -10.92 50.60
N VAL E 95 -25.66 -9.83 51.26
CA VAL E 95 -25.09 -9.33 52.54
C VAL E 95 -26.01 -9.74 53.71
N LYS E 96 -25.45 -10.45 54.70
CA LYS E 96 -26.12 -10.98 55.92
C LYS E 96 -25.22 -10.73 57.14
N GLU E 97 -25.65 -9.87 58.08
CA GLU E 97 -24.85 -9.33 59.22
C GLU E 97 -23.72 -8.45 58.67
N GLY E 98 -23.95 -7.70 57.60
CA GLY E 98 -22.90 -6.96 56.85
C GLY E 98 -21.78 -7.86 56.34
N GLU E 99 -22.03 -9.17 56.17
CA GLU E 99 -21.07 -10.16 55.61
C GLU E 99 -21.46 -10.43 54.16
N VAL E 100 -20.50 -10.36 53.22
CA VAL E 100 -20.77 -10.58 51.77
C VAL E 100 -20.70 -12.07 51.54
N TYR E 101 -21.72 -12.58 50.85
CA TYR E 101 -21.84 -14.00 50.53
C TYR E 101 -22.05 -14.09 49.03
N VAL E 102 -21.31 -15.01 48.38
CA VAL E 102 -21.48 -15.24 46.92
C VAL E 102 -21.95 -16.67 46.73
N ALA E 103 -22.90 -16.89 45.81
CA ALA E 103 -23.38 -18.25 45.47
C ALA E 103 -22.22 -19.17 45.02
N GLY E 104 -22.27 -20.44 45.39
CA GLY E 104 -21.38 -21.51 44.91
C GLY E 104 -21.74 -21.97 43.49
N GLU E 105 -22.94 -21.63 43.02
CA GLU E 105 -23.41 -22.10 41.70
C GLU E 105 -23.94 -20.89 40.96
N LYS E 106 -23.71 -20.82 39.66
CA LYS E 106 -24.16 -19.68 38.86
C LYS E 106 -25.66 -19.76 38.62
N LYS E 107 -26.28 -18.62 38.35
CA LYS E 107 -27.68 -18.50 37.93
C LYS E 107 -27.81 -19.12 36.53
N LEU E 108 -28.98 -19.71 36.24
CA LEU E 108 -29.17 -20.59 35.07
C LEU E 108 -29.54 -19.76 33.82
N ILE F 4 -41.96 33.63 -27.30
CA ILE F 4 -40.70 33.44 -26.54
C ILE F 4 -41.04 33.08 -25.07
N TRP F 5 -41.40 34.06 -24.20
CA TRP F 5 -41.48 33.85 -22.72
C TRP F 5 -42.48 32.76 -22.36
N LEU F 6 -42.12 31.91 -21.41
CA LEU F 6 -42.88 30.74 -20.94
C LEU F 6 -43.37 31.05 -19.52
N LYS F 7 -44.70 31.16 -19.34
CA LYS F 7 -45.37 31.32 -18.01
C LYS F 7 -45.31 29.98 -17.31
N VAL F 8 -44.55 29.89 -16.20
CA VAL F 8 -44.28 28.58 -15.54
C VAL F 8 -45.33 28.32 -14.46
N CYS F 9 -45.50 29.23 -13.51
CA CYS F 9 -46.30 28.99 -12.27
C CYS F 9 -46.50 30.31 -11.54
N ALA F 10 -47.41 30.29 -10.57
CA ALA F 10 -47.54 31.36 -9.54
C ALA F 10 -46.27 31.33 -8.71
N ALA F 11 -45.64 32.48 -8.49
CA ALA F 11 -44.55 32.61 -7.49
C ALA F 11 -44.86 31.76 -6.23
N SER F 12 -46.08 31.83 -5.70
CA SER F 12 -46.49 31.19 -4.43
C SER F 12 -46.59 29.65 -4.57
N ASP F 13 -46.54 29.10 -5.79
CA ASP F 13 -46.56 27.63 -6.03
C ASP F 13 -45.23 26.99 -5.59
N MET F 14 -44.20 27.81 -5.43
CA MET F 14 -42.87 27.35 -4.97
C MET F 14 -42.57 27.94 -3.57
N GLN F 15 -42.37 27.05 -2.58
CA GLN F 15 -41.78 27.41 -1.27
C GLN F 15 -40.33 27.85 -1.53
N PRO F 16 -39.74 28.72 -0.68
CA PRO F 16 -38.36 29.14 -0.85
C PRO F 16 -37.44 27.92 -0.72
N GLY F 17 -36.29 27.96 -1.40
CA GLY F 17 -35.25 26.91 -1.47
C GLY F 17 -35.70 25.65 -2.20
N THR F 18 -36.69 25.74 -3.10
CA THR F 18 -37.24 24.60 -3.87
C THR F 18 -36.97 24.79 -5.36
N ILE F 19 -37.14 23.69 -6.09
CA ILE F 19 -36.83 23.57 -7.55
C ILE F 19 -38.02 22.92 -8.22
N ARG F 20 -38.36 23.46 -9.37
CA ARG F 20 -39.49 22.98 -10.16
C ARG F 20 -38.93 22.68 -11.54
N ARG F 21 -39.22 21.45 -11.98
CA ARG F 21 -38.92 20.98 -13.34
C ARG F 21 -39.97 21.51 -14.30
N VAL F 22 -39.53 22.13 -15.39
CA VAL F 22 -40.43 22.59 -16.50
C VAL F 22 -40.16 21.71 -17.73
N ASN F 23 -41.05 20.73 -17.99
CA ASN F 23 -41.03 19.89 -19.23
C ASN F 23 -41.44 20.78 -20.42
N ARG F 24 -40.78 20.62 -21.57
CA ARG F 24 -41.03 21.39 -22.83
C ARG F 24 -41.07 20.46 -24.05
N VAL F 25 -42.23 20.26 -24.70
CA VAL F 25 -42.36 19.36 -25.89
C VAL F 25 -41.27 19.75 -26.91
N GLY F 26 -40.52 18.72 -27.37
CA GLY F 26 -39.46 18.82 -28.42
C GLY F 26 -38.24 19.61 -27.98
N ALA F 27 -37.94 19.63 -26.68
CA ALA F 27 -36.81 20.43 -26.11
C ALA F 27 -36.45 19.85 -24.74
N ALA F 28 -35.22 20.11 -24.27
CA ALA F 28 -34.73 19.63 -22.95
C ALA F 28 -35.49 20.33 -21.82
N PRO F 29 -35.76 19.63 -20.69
CA PRO F 29 -36.41 20.25 -19.54
C PRO F 29 -35.56 21.37 -18.93
N LEU F 30 -36.25 22.33 -18.31
CA LEU F 30 -35.62 23.39 -17.50
C LEU F 30 -35.91 23.12 -16.01
N ALA F 31 -35.06 23.71 -15.18
CA ALA F 31 -35.18 23.76 -13.72
C ALA F 31 -35.39 25.23 -13.34
N VAL F 32 -36.47 25.50 -12.59
CA VAL F 32 -36.70 26.86 -12.01
C VAL F 32 -36.38 26.75 -10.53
N TYR F 33 -35.53 27.61 -10.03
CA TYR F 33 -35.08 27.65 -8.61
C TYR F 33 -35.73 28.85 -7.91
N ARG F 34 -36.40 28.62 -6.78
CA ARG F 34 -36.75 29.74 -5.87
C ARG F 34 -35.68 29.83 -4.77
N VAL F 35 -34.82 30.86 -4.83
CA VAL F 35 -33.76 31.25 -3.85
C VAL F 35 -34.29 32.45 -3.04
N GLY F 36 -34.81 32.20 -1.83
CA GLY F 36 -35.64 33.14 -1.06
C GLY F 36 -36.84 33.61 -1.86
N ASP F 37 -36.84 34.88 -2.29
CA ASP F 37 -37.93 35.56 -3.05
C ASP F 37 -37.53 35.76 -4.52
N GLN F 38 -36.34 35.31 -4.93
CA GLN F 38 -35.83 35.39 -6.32
C GLN F 38 -36.07 34.06 -7.06
N PHE F 39 -36.22 34.14 -8.36
CA PHE F 39 -36.39 32.97 -9.26
C PHE F 39 -35.27 33.01 -10.31
N TYR F 40 -34.69 31.84 -10.59
CA TYR F 40 -33.64 31.62 -11.62
C TYR F 40 -34.02 30.40 -12.44
N ALA F 41 -33.47 30.25 -13.64
CA ALA F 41 -33.74 29.08 -14.47
C ALA F 41 -32.47 28.63 -15.21
N THR F 42 -32.30 27.31 -15.29
CA THR F 42 -31.21 26.67 -16.09
C THR F 42 -31.85 25.52 -16.85
N GLU F 43 -31.06 24.86 -17.69
CA GLU F 43 -31.36 23.48 -18.15
C GLU F 43 -31.52 22.60 -16.90
N ASP F 44 -32.41 21.61 -16.95
CA ASP F 44 -32.65 20.68 -15.81
C ASP F 44 -31.53 19.62 -15.76
N THR F 45 -31.01 19.23 -16.93
CA THR F 45 -30.10 18.07 -17.06
C THR F 45 -28.71 18.50 -16.64
N CYS F 46 -28.14 17.85 -15.63
CA CYS F 46 -26.74 18.13 -15.23
C CYS F 46 -25.85 18.02 -16.48
N THR F 47 -24.87 18.90 -16.70
CA THR F 47 -24.01 18.86 -17.93
C THR F 47 -23.04 17.68 -17.86
N HIS F 48 -22.93 17.01 -16.71
CA HIS F 48 -21.95 15.95 -16.40
C HIS F 48 -22.55 14.57 -16.64
N GLY F 49 -23.84 14.49 -16.95
CA GLY F 49 -24.53 13.19 -16.93
C GLY F 49 -25.96 13.30 -17.33
N ILE F 50 -26.78 12.46 -16.74
CA ILE F 50 -28.24 12.39 -17.04
C ILE F 50 -29.08 12.80 -15.80
N ALA F 51 -28.46 13.26 -14.70
CA ALA F 51 -29.13 13.67 -13.45
C ALA F 51 -30.08 14.85 -13.72
N SER F 52 -31.23 14.85 -13.04
CA SER F 52 -32.17 16.01 -12.99
C SER F 52 -31.75 16.94 -11.85
N LEU F 53 -31.30 18.15 -12.17
CA LEU F 53 -30.90 19.15 -11.15
C LEU F 53 -32.13 19.50 -10.28
N SER F 54 -33.35 19.34 -10.80
CA SER F 54 -34.59 19.56 -10.01
CA SER F 54 -34.62 19.53 -10.03
C SER F 54 -34.69 18.52 -8.87
N GLU F 55 -33.87 17.45 -8.92
CA GLU F 55 -33.84 16.40 -7.85
C GLU F 55 -32.59 16.58 -6.99
N GLY F 56 -31.90 17.70 -7.11
CA GLY F 56 -30.71 18.01 -6.31
C GLY F 56 -31.03 18.85 -5.07
N THR F 57 -30.04 19.59 -4.61
CA THR F 57 -30.00 20.27 -3.30
C THR F 57 -29.56 21.69 -3.55
N LEU F 58 -30.43 22.66 -3.27
CA LEU F 58 -30.12 24.10 -3.43
C LEU F 58 -29.42 24.56 -2.14
N ASP F 59 -28.22 25.13 -2.27
CA ASP F 59 -27.48 25.77 -1.15
C ASP F 59 -27.21 27.22 -1.54
N GLY F 60 -28.07 28.15 -1.09
CA GLY F 60 -28.06 29.53 -1.57
C GLY F 60 -28.42 29.57 -3.04
N ASP F 61 -27.53 30.10 -3.86
CA ASP F 61 -27.73 30.16 -5.33
C ASP F 61 -26.85 29.08 -6.00
N VAL F 62 -26.53 28.00 -5.29
CA VAL F 62 -25.75 26.86 -5.88
C VAL F 62 -26.61 25.61 -5.84
N ILE F 63 -26.86 25.01 -7.01
CA ILE F 63 -27.55 23.70 -7.09
C ILE F 63 -26.49 22.59 -7.06
N GLU F 64 -26.64 21.66 -6.12
N GLU F 64 -26.70 21.62 -6.18
CA GLU F 64 -25.81 20.42 -6.05
CA GLU F 64 -25.84 20.42 -6.06
C GLU F 64 -26.54 19.31 -6.81
C GLU F 64 -26.54 19.28 -6.80
N CYS F 65 -25.88 18.70 -7.79
CA CYS F 65 -26.41 17.53 -8.55
C CYS F 65 -26.57 16.34 -7.60
N PRO F 66 -27.70 15.58 -7.68
CA PRO F 66 -27.92 14.43 -6.81
C PRO F 66 -27.06 13.21 -7.15
N PHE F 67 -26.45 13.16 -8.33
CA PHE F 67 -25.70 11.95 -8.75
C PHE F 67 -24.31 11.96 -8.10
N HIS F 68 -23.48 12.98 -8.37
CA HIS F 68 -22.02 12.97 -8.06
C HIS F 68 -21.60 14.17 -7.19
N GLY F 69 -22.52 15.04 -6.82
CA GLY F 69 -22.16 16.17 -5.95
C GLY F 69 -21.48 17.28 -6.74
N GLY F 70 -21.54 17.22 -8.09
CA GLY F 70 -21.21 18.37 -8.93
C GLY F 70 -22.17 19.50 -8.57
N ALA F 71 -21.81 20.73 -8.91
CA ALA F 71 -22.66 21.88 -8.56
C ALA F 71 -22.45 23.02 -9.54
N PHE F 72 -23.48 23.88 -9.62
CA PHE F 72 -23.55 25.07 -10.49
C PHE F 72 -24.12 26.24 -9.70
N ASN F 73 -23.63 27.42 -10.00
CA ASN F 73 -24.29 28.72 -9.68
C ASN F 73 -25.51 28.85 -10.59
N VAL F 74 -26.71 28.92 -10.02
CA VAL F 74 -27.98 28.94 -10.81
C VAL F 74 -28.16 30.32 -11.48
N CYS F 75 -27.41 31.35 -11.05
CA CYS F 75 -27.49 32.74 -11.62
C CYS F 75 -26.61 32.83 -12.87
N THR F 76 -25.37 32.31 -12.82
CA THR F 76 -24.39 32.39 -13.96
C THR F 76 -24.31 31.06 -14.72
N GLY F 77 -24.73 29.92 -14.14
CA GLY F 77 -24.69 28.59 -14.78
C GLY F 77 -23.29 27.98 -14.76
N MET F 78 -22.33 28.67 -14.17
CA MET F 78 -20.90 28.24 -14.18
C MET F 78 -20.72 27.13 -13.15
N PRO F 79 -19.86 26.13 -13.42
CA PRO F 79 -19.57 25.11 -12.41
C PRO F 79 -19.05 25.73 -11.11
N ALA F 80 -19.55 25.25 -9.97
CA ALA F 80 -19.19 25.64 -8.60
C ALA F 80 -18.44 24.50 -7.93
N SER F 81 -18.72 23.25 -8.34
CA SER F 81 -18.08 22.02 -7.80
C SER F 81 -17.80 21.05 -8.94
N SER F 82 -16.61 20.44 -8.89
CA SER F 82 -16.25 19.20 -9.63
C SER F 82 -17.28 18.15 -9.26
N PRO F 83 -17.55 17.16 -10.14
CA PRO F 83 -16.87 17.03 -11.43
C PRO F 83 -17.44 17.84 -12.63
N CYS F 84 -18.44 18.69 -12.42
CA CYS F 84 -18.99 19.56 -13.48
C CYS F 84 -17.92 20.50 -14.05
N THR F 85 -17.85 20.57 -15.36
CA THR F 85 -16.91 21.43 -16.11
C THR F 85 -17.65 22.18 -17.22
N VAL F 86 -18.76 21.68 -17.74
CA VAL F 86 -19.43 22.36 -18.88
C VAL F 86 -20.48 23.27 -18.25
N PRO F 87 -20.46 24.60 -18.53
CA PRO F 87 -21.48 25.50 -18.01
C PRO F 87 -22.91 25.13 -18.41
N LEU F 88 -23.85 25.34 -17.46
CA LEU F 88 -25.30 25.23 -17.69
C LEU F 88 -25.81 26.39 -18.56
N GLY F 89 -26.68 26.08 -19.51
CA GLY F 89 -27.56 27.10 -20.10
C GLY F 89 -28.40 27.75 -19.01
N VAL F 90 -28.37 29.08 -18.98
CA VAL F 90 -29.18 29.96 -18.10
C VAL F 90 -30.30 30.57 -18.95
N PHE F 91 -31.49 30.66 -18.38
CA PHE F 91 -32.68 31.31 -18.97
C PHE F 91 -33.07 32.49 -18.07
N GLU F 92 -33.15 33.71 -18.63
CA GLU F 92 -33.65 34.89 -17.88
C GLU F 92 -35.03 34.54 -17.32
N VAL F 93 -35.32 34.96 -16.09
CA VAL F 93 -36.72 34.87 -15.56
C VAL F 93 -37.14 36.25 -15.04
N GLU F 94 -38.44 36.49 -15.19
CA GLU F 94 -39.13 37.75 -14.83
C GLU F 94 -40.33 37.31 -13.99
N VAL F 95 -40.50 37.89 -12.81
CA VAL F 95 -41.74 37.74 -12.01
C VAL F 95 -42.54 39.02 -12.23
N LYS F 96 -43.75 38.90 -12.81
CA LYS F 96 -44.62 40.07 -13.00
C LYS F 96 -46.01 39.68 -12.49
N GLU F 97 -46.54 40.45 -11.52
CA GLU F 97 -47.89 40.23 -10.93
C GLU F 97 -48.01 38.81 -10.33
N GLY F 98 -46.96 38.40 -9.61
CA GLY F 98 -46.92 37.12 -8.87
C GLY F 98 -46.89 35.92 -9.78
N GLU F 99 -46.52 36.13 -11.07
CA GLU F 99 -46.41 35.08 -12.12
C GLU F 99 -44.95 34.98 -12.57
N VAL F 100 -44.48 33.73 -12.63
CA VAL F 100 -43.08 33.39 -13.00
C VAL F 100 -43.03 33.12 -14.51
N TYR F 101 -42.24 33.92 -15.23
CA TYR F 101 -41.99 33.70 -16.68
C TYR F 101 -40.51 33.37 -16.88
N VAL F 102 -40.21 32.40 -17.75
CA VAL F 102 -38.83 31.97 -18.12
C VAL F 102 -38.60 32.24 -19.62
N ALA F 103 -37.52 32.93 -19.98
CA ALA F 103 -37.09 33.15 -21.39
C ALA F 103 -37.18 31.84 -22.23
N GLY F 104 -37.51 31.98 -23.52
CA GLY F 104 -37.68 30.86 -24.46
C GLY F 104 -36.36 30.15 -24.74
N GLU F 105 -35.27 30.91 -24.88
CA GLU F 105 -33.92 30.34 -25.13
C GLU F 105 -32.92 31.03 -24.19
N LYS F 106 -31.79 30.37 -23.96
CA LYS F 106 -30.70 30.78 -23.04
C LYS F 106 -30.01 32.02 -23.61
N LYS F 107 -29.41 32.86 -22.77
CA LYS F 107 -28.77 34.14 -23.18
C LYS F 107 -27.66 33.87 -24.20
FE1 FES G . -16.44 4.20 -23.73
FE2 FES G . -18.82 3.54 -22.69
S1 FES G . -18.46 4.32 -24.70
S2 FES G . -16.78 3.39 -21.70
FE FE2 H . 26.71 10.71 -16.21
OB2 WBP I . 28.30 15.88 -17.54
OB2 WBP I . 27.71 16.25 -17.86
CB2 WBP I . 29.51 15.49 -18.00
CB2 WBP I . 28.91 15.70 -18.11
CB3 WBP I . 30.69 16.10 -17.56
CB3 WBP I . 30.09 16.20 -17.52
CB4 WBP I . 31.92 15.67 -18.07
CB4 WBP I . 31.34 15.65 -17.80
CB5 WBP I . 31.97 14.63 -19.00
CB5 WBP I . 31.40 14.54 -18.64
CB6 WBP I . 30.82 14.00 -19.46
CB6 WBP I . 30.26 14.00 -19.24
CB1 WBP I . 29.57 14.38 -18.99
CB1 WBP I . 29.00 14.54 -19.01
CA1 WBP I . 28.27 13.78 -19.41
CA1 WBP I . 27.76 13.98 -19.62
CA6 WBP I . 27.89 13.72 -20.75
CA6 WBP I . 27.80 13.36 -20.87
CA5 WBP I . 26.65 13.20 -21.14
CA5 WBP I . 26.65 12.83 -21.48
CA4 WBP I . 25.71 12.72 -20.21
CA4 WBP I . 25.40 12.84 -20.83
CA3 WBP I . 25.98 12.76 -18.84
CA3 WBP I . 25.26 13.40 -19.56
OA3 WBP I . 25.08 12.28 -17.91
OA3 WBP I . 24.07 13.43 -18.93
CA2 WBP I . 27.28 13.29 -18.40
CA2 WBP I . 26.44 13.99 -18.90
OA2 WBP I . 27.59 13.33 -17.10
OA2 WBP I . 26.28 14.53 -17.67
C1 EDO J . 16.74 14.33 -38.20
O1 EDO J . 17.65 13.25 -38.32
C2 EDO J . 17.51 15.58 -38.13
O2 EDO J . 17.21 16.47 -37.11
C1 EDO K . 3.47 23.50 -1.74
O1 EDO K . 4.07 23.58 -0.45
C2 EDO K . 4.45 23.74 -2.83
O2 EDO K . 3.96 23.39 -4.11
C1 EDO L . -7.67 5.98 -14.22
O1 EDO L . -8.44 5.49 -15.28
C2 EDO L . -8.10 7.35 -13.83
O2 EDO L . -8.14 7.59 -12.45
C1 GOL M . 9.39 3.81 -25.61
O1 GOL M . 10.43 2.86 -25.39
C2 GOL M . 9.21 4.10 -27.08
O2 GOL M . 8.13 5.02 -27.27
C3 GOL M . 10.49 4.61 -27.72
O3 GOL M . 10.37 5.96 -28.16
C1 PGE N . 31.74 27.02 -18.62
O1 PGE N . 31.90 28.42 -18.85
C2 PGE N . 32.99 26.37 -18.07
O2 PGE N . 32.71 25.03 -17.65
C3 PGE N . 32.90 24.80 -16.24
C4 PGE N . 32.11 23.61 -15.80
O4 PGE N . 31.44 19.99 -14.47
C6 PGE N . 32.04 20.21 -15.73
C5 PGE N . 32.96 21.35 -15.72
O3 PGE N . 32.45 22.43 -16.54
C1 EDO O . 26.57 29.59 -22.69
O1 EDO O . 26.41 30.99 -22.91
C2 EDO O . 27.87 29.04 -23.13
O2 EDO O . 28.06 29.17 -24.52
C1 EDO P . 26.26 31.93 -19.28
O1 EDO P . 25.46 31.84 -20.44
C2 EDO P . 27.68 31.51 -19.47
O2 EDO P . 27.84 30.09 -19.54
C1 EDO Q . -9.96 3.95 -40.75
O1 EDO Q . -11.35 4.03 -41.08
C2 EDO Q . -9.29 5.24 -41.01
O2 EDO Q . -8.02 5.10 -41.57
C1 GOL R . -17.29 15.27 -37.70
O1 GOL R . -18.27 15.50 -36.70
C2 GOL R . -16.94 13.80 -37.80
O2 GOL R . -18.06 13.08 -38.29
C3 GOL R . -15.75 13.52 -38.68
O3 GOL R . -14.73 14.51 -38.56
FE1 FES S . 28.11 8.33 -1.90
FE2 FES S . 27.75 10.71 -3.22
S1 FES S . 29.65 9.81 -2.45
S2 FES S . 26.18 9.15 -2.71
FE FE2 T . 8.55 -26.33 17.35
OB2 WBP U . 9.96 -26.54 22.73
CB2 WBP U . 9.99 -27.89 22.50
CB3 WBP U . 9.26 -28.71 23.35
CB4 WBP U . 9.29 -30.08 23.15
CB5 WBP U . 10.03 -30.63 22.13
CB6 WBP U . 10.76 -29.88 21.24
CB1 WBP U . 10.77 -28.49 21.38
CA1 WBP U . 11.58 -27.66 20.44
CA6 WBP U . 12.81 -28.14 19.98
CA5 WBP U . 13.62 -27.38 19.13
CA4 WBP U . 13.28 -26.07 18.71
CA3 WBP U . 12.10 -25.49 19.14
OA3 WBP U . 11.75 -24.24 18.72
CA2 WBP U . 11.19 -26.28 20.02
OA2 WBP U . 10.03 -25.73 20.45
C1 PEG V . 23.41 -1.91 -10.56
O1 PEG V . 22.38 -2.39 -9.71
C2 PEG V . 24.56 -2.85 -10.74
O2 PEG V . 25.54 -2.19 -11.52
C3 PEG V . 26.62 -3.02 -11.92
C4 PEG V . 27.87 -2.35 -11.52
O4 PEG V . 27.82 -1.92 -10.19
C1 EDO W . 16.88 4.97 3.86
O1 EDO W . 15.59 5.20 4.40
C2 EDO W . 16.86 3.98 2.78
O2 EDO W . 17.87 4.22 1.85
C1 GOL X . 2.34 -29.21 5.29
O1 GOL X . 1.16 -28.55 5.76
C2 GOL X . 3.20 -28.27 4.49
O2 GOL X . 2.88 -28.38 3.10
C3 GOL X . 3.08 -26.83 4.91
O3 GOL X . 1.95 -26.21 4.29
C1 EDO Y . 14.52 -25.35 9.70
O1 EDO Y . 13.34 -26.08 9.66
C2 EDO Y . 15.46 -25.70 8.63
O2 EDO Y . 16.80 -25.35 8.87
C1 EDO Z . 6.01 -40.52 13.64
O1 EDO Z . 5.03 -40.33 14.65
C2 EDO Z . 7.26 -39.81 13.98
O2 EDO Z . 8.33 -40.00 13.07
C1 EDO AA . 29.43 5.59 15.42
O1 EDO AA . 28.30 4.78 15.73
C2 EDO AA . 29.48 6.15 14.03
O2 EDO AA . 30.67 5.90 13.28
FE1 FES BA . -5.69 -23.62 16.08
FE2 FES BA . -3.98 -23.08 18.19
S1 FES BA . -5.42 -24.79 17.98
S2 FES BA . -4.19 -21.93 16.22
FE FE2 CA . -22.48 -8.91 -22.17
OB2 WBP DA . -28.07 -8.80 -21.59
CB2 WBP DA . -28.02 -9.15 -22.92
CB3 WBP DA . -28.67 -8.39 -23.92
CB4 WBP DA . -28.60 -8.79 -25.26
CB5 WBP DA . -27.90 -9.93 -25.63
CB6 WBP DA . -27.25 -10.73 -24.68
CB1 WBP DA . -27.29 -10.39 -23.33
CA1 WBP DA . -26.58 -11.22 -22.30
CA6 WBP DA . -26.58 -12.59 -22.40
CA5 WBP DA . -25.93 -13.40 -21.46
CA4 WBP DA . -25.22 -12.87 -20.36
CA3 WBP DA . -25.16 -11.49 -20.17
OA3 WBP DA . -24.49 -10.93 -19.12
CA2 WBP DA . -25.84 -10.59 -21.14
OA2 WBP DA . -25.77 -9.24 -20.95
C1 EDO EA . -34.74 -4.80 -22.97
O1 EDO EA . -35.89 -4.03 -23.20
C2 EDO EA . -34.37 -5.62 -24.12
O2 EDO EA . -33.76 -4.81 -25.10
C1 EDO FA . 0.45 -31.21 12.56
O1 EDO FA . -0.69 -30.71 13.19
C2 EDO FA . 1.36 -30.25 11.92
O2 EDO FA . 2.51 -30.90 11.48
C1 EDO GA . -9.99 -32.77 24.53
O1 EDO GA . -11.22 -32.53 25.10
C2 EDO GA . -9.59 -34.17 24.48
O2 EDO GA . -8.45 -34.27 23.70
C1 EDO HA . -22.94 5.04 4.50
O1 EDO HA . -22.74 6.31 3.95
C2 EDO HA . -23.12 4.05 3.42
O2 EDO HA . -23.09 2.70 3.86
C1 GOL IA . -20.08 -17.88 21.10
O1 GOL IA . -20.93 -17.04 21.88
C2 GOL IA . -18.64 -17.38 21.05
O2 GOL IA . -18.56 -16.15 20.35
C3 GOL IA . -17.70 -18.39 20.41
O3 GOL IA . -16.30 -18.18 20.61
FE1 FES JA . 21.04 22.67 6.91
FE2 FES JA . 20.45 20.29 5.83
S1 FES JA . 19.58 21.21 7.66
S2 FES JA . 21.85 21.79 5.04
C1 EDO KA . 14.36 35.53 10.10
O1 EDO KA . 14.21 35.14 11.46
C2 EDO KA . 15.21 36.74 9.93
O2 EDO KA . 14.97 37.77 10.92
FE1 FES LA . -10.17 -10.74 28.11
FE2 FES LA . -9.15 -11.12 25.61
S1 FES LA . -10.48 -9.51 26.31
S2 FES LA . -8.77 -12.27 27.50
C1 EDO MA . -24.13 -25.69 36.04
O1 EDO MA . -24.77 -24.46 35.74
C2 EDO MA . -24.05 -26.64 34.89
O2 EDO MA . -25.24 -26.72 34.11
FE1 FES NA . -24.34 15.74 -12.19
FE2 FES NA . -22.39 13.88 -12.40
S1 FES NA . -22.43 15.71 -11.12
S2 FES NA . -24.46 13.83 -13.33
C1 EDO OA . -34.00 20.32 -2.14
O1 EDO OA . -35.03 19.78 -2.92
C2 EDO OA . -33.84 21.78 -2.33
O2 EDO OA . -32.72 22.36 -1.68
#